data_3QWT
#
_entry.id   3QWT
#
_cell.length_a   121.026
_cell.length_b   159.361
_cell.length_c   179.115
_cell.angle_alpha   90.00
_cell.angle_beta   90.00
_cell.angle_gamma   90.00
#
_symmetry.space_group_name_H-M   'C 2 2 21'
#
loop_
_entity.id
_entity.type
_entity.pdbx_description
1 polymer 'Putative GH105 family protein'
2 non-polymer GLYCEROL
3 water water
#
_entity_poly.entity_id   1
_entity_poly.type   'polypeptide(L)'
_entity_poly.pdbx_seq_one_letter_code
;SNA(MSE)VYPVKHSPLLRQPEHFIARDELKALIQKVTHNLVNIKDETGEFLLRLDDGRVIDTKGWAGWEWTHGVGLYG
(MSE)YHYYQQTGDQT(MSE)RKIIDDWFADRFAEGATTKNVNT(MSE)APFLTLAYRYEETRNPAYLPWLETWAEWA
(MSE)NE(MSE)PRTDHGG(MSE)QHITLAEENHQQ(MSE)WDDTL(MSE)(MSE)TVLPLAKIGKLLNRPEYVEEATYQ
FLLHVQNL(MSE)DKETGLWFHGWSYDGHHNFANARWARGNSWLTIVIPDFLELLDLPENNAVRRYLVQVLNAQIAALAK
CQDESGLWHTLLDDPHSYLEASATAGFAYGILKAVRKRYVERHYAQVAEKAIRGIVKHISPEGELLQTSFGTG(MSE)GH
DLDFYRHIPLTS(MSE)PYGQA(MSE)A(MSE)LCLTEYLRNYF
;
_entity_poly.pdbx_strand_id   A,B,C,D
#
loop_
_chem_comp.id
_chem_comp.type
_chem_comp.name
_chem_comp.formula
GOL non-polymer GLYCEROL 'C3 H8 O3'
#
# COMPACT_ATOMS: atom_id res chain seq x y z
N MSE A 4 61.78 -16.46 -17.04
CA MSE A 4 60.33 -16.38 -17.30
C MSE A 4 59.57 -15.64 -16.21
O MSE A 4 58.99 -16.26 -15.33
CB MSE A 4 59.73 -17.78 -17.51
CG MSE A 4 60.51 -18.89 -16.81
SE MSE A 4 59.60 -20.62 -16.92
CE MSE A 4 61.06 -21.78 -16.34
N VAL A 5 59.58 -14.31 -16.27
CA VAL A 5 58.98 -13.49 -15.21
C VAL A 5 57.85 -12.60 -15.73
N TYR A 6 56.69 -12.68 -15.07
CA TYR A 6 55.46 -12.02 -15.56
C TYR A 6 55.33 -10.55 -15.15
N PRO A 7 54.91 -9.69 -16.10
CA PRO A 7 54.66 -8.26 -15.89
C PRO A 7 53.42 -8.03 -15.03
N VAL A 8 53.57 -7.32 -13.92
CA VAL A 8 52.43 -7.10 -13.04
C VAL A 8 52.34 -5.70 -12.45
N LYS A 9 53.48 -5.05 -12.25
CA LYS A 9 53.49 -3.79 -11.49
C LYS A 9 52.73 -2.69 -12.22
N HIS A 10 52.59 -2.84 -13.53
CA HIS A 10 51.95 -1.81 -14.34
C HIS A 10 50.42 -1.84 -14.26
N SER A 11 49.86 -2.96 -13.83
CA SER A 11 48.41 -3.19 -13.85
C SER A 11 47.75 -3.07 -12.48
N PRO A 12 46.81 -2.12 -12.36
CA PRO A 12 46.01 -1.94 -11.15
C PRO A 12 45.31 -3.24 -10.76
N LEU A 13 45.12 -4.13 -11.73
CA LEU A 13 44.45 -5.40 -11.50
C LEU A 13 45.38 -6.48 -10.96
N LEU A 14 46.63 -6.46 -11.41
CA LEU A 14 47.58 -7.51 -11.03
C LEU A 14 48.51 -7.18 -9.85
N ARG A 15 48.62 -5.90 -9.51
CA ARG A 15 49.71 -5.44 -8.63
C ARG A 15 49.28 -5.29 -7.16
N GLN A 16 50.25 -5.44 -6.25
CA GLN A 16 49.98 -5.33 -4.82
C GLN A 16 49.41 -3.98 -4.44
N PRO A 17 48.70 -3.95 -3.30
CA PRO A 17 48.18 -2.70 -2.73
C PRO A 17 49.32 -1.81 -2.20
N GLU A 18 49.13 -0.50 -2.30
CA GLU A 18 50.13 0.44 -1.81
C GLU A 18 49.85 0.79 -0.35
N HIS A 19 50.18 -0.12 0.55
CA HIS A 19 49.97 0.13 1.96
C HIS A 19 51.06 1.02 2.51
N PHE A 20 50.68 2.24 2.90
CA PHE A 20 51.64 3.15 3.46
C PHE A 20 52.09 2.65 4.82
N ILE A 21 51.26 1.86 5.47
CA ILE A 21 51.60 1.32 6.79
C ILE A 21 51.27 -0.17 6.81
N ALA A 22 52.15 -0.99 7.39
CA ALA A 22 51.94 -2.44 7.31
C ALA A 22 50.91 -2.93 8.30
N ARG A 23 50.20 -4.00 7.93
CA ARG A 23 49.16 -4.55 8.77
C ARG A 23 49.54 -4.62 10.24
N ASP A 24 50.65 -5.27 10.54
CA ASP A 24 50.99 -5.52 11.93
C ASP A 24 51.46 -4.27 12.66
N GLU A 25 51.88 -3.28 11.89
CA GLU A 25 52.18 -1.96 12.44
C GLU A 25 50.87 -1.35 12.92
N LEU A 26 49.84 -1.44 12.08
CA LEU A 26 48.51 -0.98 12.46
C LEU A 26 48.05 -1.61 13.78
N LYS A 27 48.14 -2.93 13.86
CA LYS A 27 47.72 -3.60 15.08
C LYS A 27 48.52 -3.10 16.30
N ALA A 28 49.82 -2.94 16.14
CA ALA A 28 50.64 -2.46 17.24
C ALA A 28 50.23 -1.06 17.68
N LEU A 29 49.82 -0.23 16.72
CA LEU A 29 49.31 1.10 17.02
C LEU A 29 48.01 1.01 17.83
N ILE A 30 47.10 0.17 17.38
CA ILE A 30 45.85 -0.02 18.11
C ILE A 30 46.14 -0.45 19.54
N GLN A 31 47.04 -1.42 19.71
CA GLN A 31 47.41 -1.83 21.06
C GLN A 31 47.90 -0.64 21.89
N LYS A 32 48.82 0.14 21.31
CA LYS A 32 49.36 1.31 22.00
C LYS A 32 48.28 2.33 22.38
N VAL A 33 47.31 2.50 21.49
CA VAL A 33 46.20 3.40 21.71
C VAL A 33 45.29 2.87 22.83
N THR A 34 45.14 1.56 22.89
CA THR A 34 44.32 0.94 23.93
C THR A 34 45.01 1.09 25.27
N HIS A 35 46.32 0.85 25.30
CA HIS A 35 47.07 0.94 26.53
C HIS A 35 46.98 2.34 27.11
N ASN A 36 47.04 3.32 26.22
CA ASN A 36 46.88 4.71 26.61
C ASN A 36 45.51 4.96 27.28
N LEU A 37 44.44 4.60 26.58
CA LEU A 37 43.07 4.79 27.08
C LEU A 37 42.86 4.35 28.53
N VAL A 38 43.10 3.07 28.82
CA VAL A 38 42.91 2.53 30.14
C VAL A 38 43.83 3.15 31.19
N ASN A 39 44.79 3.95 30.73
CA ASN A 39 45.72 4.60 31.63
C ASN A 39 45.63 6.11 31.65
N ILE A 40 44.54 6.65 31.13
CA ILE A 40 44.30 8.08 31.18
C ILE A 40 43.98 8.50 32.62
N LYS A 41 44.51 9.65 33.04
CA LYS A 41 44.32 10.11 34.39
C LYS A 41 44.13 11.61 34.37
N ASP A 42 43.09 12.08 35.05
CA ASP A 42 42.97 13.51 35.28
C ASP A 42 43.78 13.86 36.52
N GLU A 43 44.99 14.39 36.30
CA GLU A 43 45.92 14.75 37.36
C GLU A 43 45.39 15.93 38.17
N THR A 44 45.08 17.02 37.48
CA THR A 44 44.52 18.22 38.08
C THR A 44 43.22 17.92 38.83
N GLY A 45 42.40 17.05 38.26
CA GLY A 45 41.02 16.91 38.70
C GLY A 45 40.22 18.06 38.11
N GLU A 46 40.85 18.72 37.15
CA GLU A 46 40.28 19.88 36.49
C GLU A 46 39.06 19.52 35.63
N PHE A 47 39.03 18.30 35.11
CA PHE A 47 37.98 17.93 34.16
C PHE A 47 36.77 17.23 34.77
N LEU A 48 36.89 16.85 36.04
CA LEU A 48 35.84 16.12 36.74
C LEU A 48 34.48 16.81 36.74
N LEU A 49 33.43 16.02 36.49
CA LEU A 49 32.06 16.50 36.53
C LEU A 49 31.58 16.51 37.97
N ARG A 50 31.14 17.67 38.44
CA ARG A 50 30.70 17.82 39.82
C ARG A 50 29.25 18.27 39.88
N LEU A 51 28.46 17.62 40.73
CA LEU A 51 27.04 17.93 40.88
C LEU A 51 26.79 18.34 42.32
N ASP A 52 25.76 19.17 42.55
CA ASP A 52 25.45 19.60 43.91
C ASP A 52 24.88 18.42 44.72
N ASP A 53 24.97 17.24 44.11
CA ASP A 53 24.57 15.98 44.72
C ASP A 53 25.65 15.56 45.67
N GLY A 54 26.86 16.00 45.33
CA GLY A 54 28.06 15.45 45.94
C GLY A 54 28.74 14.50 44.97
N ARG A 55 28.04 14.12 43.92
CA ARG A 55 28.66 13.27 42.91
C ARG A 55 29.83 13.95 42.18
N VAL A 56 30.95 13.24 42.11
CA VAL A 56 32.07 13.60 41.23
C VAL A 56 32.26 12.48 40.21
N ILE A 57 31.98 12.76 38.95
CA ILE A 57 32.15 11.76 37.90
C ILE A 57 33.41 12.02 37.06
N ASP A 58 34.30 11.02 37.03
CA ASP A 58 35.48 11.06 36.18
C ASP A 58 35.11 10.65 34.76
N THR A 59 35.13 11.63 33.88
CA THR A 59 34.67 11.54 32.50
C THR A 59 35.83 11.12 31.58
N LYS A 60 37.04 11.19 32.13
CA LYS A 60 38.27 11.06 31.35
C LYS A 60 39.07 9.80 31.74
N GLY A 61 39.22 9.56 33.04
CA GLY A 61 39.76 8.30 33.54
C GLY A 61 38.88 7.09 33.20
N TRP A 62 39.47 5.91 33.17
CA TRP A 62 38.77 4.69 32.76
C TRP A 62 37.75 4.21 33.78
N ALA A 63 38.03 4.41 35.06
CA ALA A 63 37.17 3.87 36.10
C ALA A 63 35.82 4.61 36.21
N GLY A 64 35.53 5.49 35.25
CA GLY A 64 34.28 6.24 35.28
C GLY A 64 33.14 5.59 34.50
N TRP A 65 31.96 6.17 34.63
CA TRP A 65 30.80 5.77 33.86
C TRP A 65 30.13 6.97 33.17
N GLU A 66 30.47 7.20 31.92
CA GLU A 66 29.66 8.08 31.09
C GLU A 66 29.78 7.78 29.59
N TRP A 67 29.22 8.66 28.78
CA TRP A 67 29.14 8.40 27.35
C TRP A 67 30.51 8.08 26.78
N THR A 68 31.54 8.66 27.39
CA THR A 68 32.88 8.56 26.85
C THR A 68 33.33 7.11 26.91
N HIS A 69 33.15 6.51 28.07
CA HIS A 69 33.40 5.09 28.24
C HIS A 69 32.54 4.28 27.28
N GLY A 70 31.33 4.78 27.01
CA GLY A 70 30.44 4.11 26.08
C GLY A 70 31.09 4.00 24.72
N VAL A 71 31.62 5.11 24.24
CA VAL A 71 32.31 5.13 22.97
C VAL A 71 33.57 4.29 23.06
N GLY A 72 34.32 4.45 24.15
CA GLY A 72 35.51 3.64 24.36
C GLY A 72 35.25 2.15 24.21
N LEU A 73 34.25 1.64 24.92
CA LEU A 73 33.96 0.20 24.86
C LEU A 73 33.62 -0.25 23.44
N TYR A 74 32.94 0.61 22.68
CA TYR A 74 32.49 0.22 21.35
C TYR A 74 33.68 0.09 20.39
N GLY A 75 34.59 1.06 20.45
CA GLY A 75 35.81 0.99 19.66
C GLY A 75 36.59 -0.28 19.96
N MSE A 76 36.77 -0.56 21.25
CA MSE A 76 37.38 -1.82 21.66
C MSE A 76 36.62 -3.02 21.12
O MSE A 76 37.23 -3.97 20.61
CB MSE A 76 37.43 -1.91 23.19
CG MSE A 76 38.43 -0.97 23.83
SE MSE A 76 38.50 -1.22 25.78
CE MSE A 76 39.69 0.26 26.22
N TYR A 77 35.30 -2.99 21.24
CA TYR A 77 34.50 -4.13 20.81
C TYR A 77 34.78 -4.41 19.35
N HIS A 78 34.75 -3.35 18.54
CA HIS A 78 35.04 -3.47 17.11
C HIS A 78 36.31 -4.27 16.83
N TYR A 79 37.42 -3.83 17.42
CA TYR A 79 38.64 -4.59 17.31
C TYR A 79 38.44 -6.05 17.74
N TYR A 80 37.84 -6.26 18.91
CA TYR A 80 37.63 -7.62 19.40
C TYR A 80 36.82 -8.42 18.40
N GLN A 81 35.73 -7.83 17.92
CA GLN A 81 34.84 -8.53 17.01
C GLN A 81 35.56 -9.03 15.76
N GLN A 82 36.47 -8.22 15.22
CA GLN A 82 37.20 -8.56 14.00
C GLN A 82 38.31 -9.59 14.18
N THR A 83 39.05 -9.49 15.29
CA THR A 83 40.24 -10.33 15.50
C THR A 83 40.15 -11.39 16.59
N GLY A 84 39.13 -11.31 17.45
CA GLY A 84 38.99 -12.23 18.59
C GLY A 84 40.02 -12.04 19.70
N ASP A 85 40.74 -10.91 19.67
CA ASP A 85 41.77 -10.55 20.66
C ASP A 85 41.26 -10.59 22.11
N GLN A 86 41.69 -11.60 22.87
CA GLN A 86 41.17 -11.81 24.24
C GLN A 86 41.57 -10.71 25.24
N THR A 87 42.62 -9.98 24.89
CA THR A 87 43.05 -8.80 25.65
C THR A 87 41.98 -7.70 25.65
N MSE A 88 41.45 -7.38 24.47
CA MSE A 88 40.31 -6.49 24.37
C MSE A 88 39.09 -7.00 25.13
O MSE A 88 38.40 -6.22 25.78
CB MSE A 88 39.90 -6.30 22.91
CG MSE A 88 40.91 -5.54 22.11
SE MSE A 88 41.12 -3.72 22.75
CE MSE A 88 42.75 -3.33 21.76
N ARG A 89 38.80 -8.30 24.99
CA ARG A 89 37.64 -8.87 25.64
C ARG A 89 37.70 -8.64 27.16
N LYS A 90 38.83 -9.00 27.75
CA LYS A 90 38.98 -8.89 29.20
C LYS A 90 38.77 -7.44 29.66
N ILE A 91 39.36 -6.49 28.95
CA ILE A 91 39.20 -5.08 29.31
C ILE A 91 37.71 -4.68 29.31
N ILE A 92 36.97 -5.12 28.30
CA ILE A 92 35.54 -4.85 28.23
C ILE A 92 34.76 -5.47 29.38
N ASP A 93 34.90 -6.78 29.54
CA ASP A 93 34.18 -7.48 30.60
C ASP A 93 34.54 -6.92 31.99
N ASP A 94 35.82 -6.61 32.19
CA ASP A 94 36.26 -6.04 33.44
C ASP A 94 35.59 -4.69 33.72
N TRP A 95 35.54 -3.80 32.73
CA TRP A 95 34.89 -2.53 32.95
C TRP A 95 33.45 -2.76 33.43
N PHE A 96 32.74 -3.64 32.77
CA PHE A 96 31.36 -3.93 33.16
C PHE A 96 31.27 -4.52 34.56
N ALA A 97 32.14 -5.47 34.88
CA ALA A 97 32.10 -6.11 36.19
C ALA A 97 32.39 -5.07 37.28
N ASP A 98 33.42 -4.27 37.07
CA ASP A 98 33.78 -3.24 38.02
C ASP A 98 32.64 -2.25 38.23
N ARG A 99 32.04 -1.77 37.15
CA ARG A 99 30.99 -0.76 37.28
C ARG A 99 29.77 -1.37 37.96
N PHE A 100 29.50 -2.63 37.66
CA PHE A 100 28.30 -3.26 38.15
C PHE A 100 28.44 -3.56 39.65
N ALA A 101 29.61 -4.04 40.06
CA ALA A 101 29.87 -4.20 41.49
C ALA A 101 29.67 -2.88 42.24
N GLU A 102 30.18 -1.78 41.69
CA GLU A 102 29.97 -0.48 42.31
C GLU A 102 28.50 -0.20 42.50
N GLY A 103 27.72 -0.47 41.46
CA GLY A 103 26.30 -0.12 41.46
C GLY A 103 25.93 0.78 40.30
N ALA A 104 24.68 0.67 39.86
CA ALA A 104 24.24 1.41 38.69
C ALA A 104 24.35 2.92 38.90
N THR A 105 24.85 3.63 37.90
CA THR A 105 24.70 5.08 37.88
C THR A 105 23.28 5.46 37.45
N THR A 106 22.99 6.77 37.47
CA THR A 106 21.68 7.25 37.07
C THR A 106 21.50 7.24 35.56
N LYS A 107 20.25 7.18 35.10
CA LYS A 107 19.93 7.01 33.69
C LYS A 107 19.76 8.33 32.94
N ASN A 108 20.40 8.42 31.78
CA ASN A 108 20.27 9.57 30.90
C ASN A 108 20.83 9.24 29.52
N VAL A 109 20.74 10.20 28.59
CA VAL A 109 21.13 9.95 27.20
C VAL A 109 22.55 9.39 27.12
N ASN A 110 23.42 9.87 28.00
CA ASN A 110 24.85 9.50 27.97
C ASN A 110 25.25 8.21 28.69
N THR A 111 24.73 8.02 29.90
CA THR A 111 25.07 6.80 30.64
C THR A 111 24.50 5.54 29.95
N MSE A 112 23.68 5.75 28.93
CA MSE A 112 23.11 4.66 28.12
C MSE A 112 24.14 4.02 27.18
O MSE A 112 24.11 2.80 26.96
CB MSE A 112 21.93 5.22 27.27
CG MSE A 112 21.31 4.25 26.26
SE MSE A 112 20.15 2.87 27.09
CE MSE A 112 18.89 4.03 27.92
N ALA A 113 25.06 4.83 26.68
CA ALA A 113 26.01 4.41 25.62
C ALA A 113 26.67 3.06 25.84
N PRO A 114 27.15 2.77 27.08
CA PRO A 114 27.80 1.47 27.25
C PRO A 114 26.91 0.25 26.97
N PHE A 115 25.59 0.42 26.93
CA PHE A 115 24.75 -0.77 26.76
C PHE A 115 24.75 -1.32 25.33
N LEU A 116 25.15 -0.47 24.39
CA LEU A 116 25.47 -0.93 23.05
C LEU A 116 26.48 -2.09 23.10
N THR A 117 27.58 -1.90 23.81
CA THR A 117 28.61 -2.93 23.86
C THR A 117 28.18 -4.14 24.68
N LEU A 118 27.46 -3.88 25.76
CA LEU A 118 26.95 -4.95 26.59
C LEU A 118 26.01 -5.83 25.76
N ALA A 119 25.22 -5.18 24.90
CA ALA A 119 24.30 -5.93 24.07
C ALA A 119 25.07 -6.95 23.24
N TYR A 120 26.17 -6.52 22.66
CA TYR A 120 26.98 -7.42 21.85
C TYR A 120 27.60 -8.52 22.71
N ARG A 121 27.99 -8.18 23.93
CA ARG A 121 28.60 -9.19 24.79
C ARG A 121 27.55 -10.20 25.23
N TYR A 122 26.35 -9.73 25.50
CA TYR A 122 25.26 -10.65 25.86
C TYR A 122 24.95 -11.56 24.67
N GLU A 123 24.97 -10.99 23.47
CA GLU A 123 24.72 -11.77 22.27
C GLU A 123 25.68 -12.97 22.15
N GLU A 124 26.98 -12.75 22.40
CA GLU A 124 27.97 -13.83 22.33
C GLU A 124 27.90 -14.82 23.48
N THR A 125 27.70 -14.33 24.71
CA THR A 125 27.83 -15.17 25.90
C THR A 125 26.50 -15.60 26.51
N ARG A 126 25.43 -14.84 26.29
CA ARG A 126 24.13 -15.16 26.88
C ARG A 126 24.17 -15.16 28.42
N ASN A 127 25.15 -14.48 28.99
CA ASN A 127 25.20 -14.27 30.42
C ASN A 127 23.88 -13.71 30.98
N PRO A 128 23.18 -14.51 31.80
CA PRO A 128 21.86 -14.08 32.26
C PRO A 128 21.95 -12.82 33.10
N ALA A 129 23.07 -12.64 33.78
CA ALA A 129 23.22 -11.53 34.70
C ALA A 129 23.14 -10.20 33.93
N TYR A 130 23.45 -10.24 32.64
CA TYR A 130 23.35 -9.04 31.81
C TYR A 130 21.93 -8.66 31.42
N LEU A 131 21.01 -9.63 31.35
CA LEU A 131 19.70 -9.35 30.72
C LEU A 131 18.84 -8.27 31.41
N PRO A 132 18.77 -8.28 32.75
CA PRO A 132 18.02 -7.21 33.44
C PRO A 132 18.64 -5.82 33.20
N TRP A 133 19.96 -5.73 33.09
CA TRP A 133 20.58 -4.45 32.71
C TRP A 133 20.00 -3.93 31.41
N LEU A 134 20.05 -4.78 30.38
CA LEU A 134 19.62 -4.43 29.04
C LEU A 134 18.12 -4.13 28.98
N GLU A 135 17.31 -4.99 29.60
CA GLU A 135 15.88 -4.76 29.62
C GLU A 135 15.53 -3.48 30.37
N THR A 136 16.14 -3.30 31.53
CA THR A 136 15.76 -2.16 32.34
C THR A 136 16.05 -0.83 31.63
N TRP A 137 17.25 -0.70 31.06
CA TRP A 137 17.68 0.56 30.45
C TRP A 137 16.98 0.82 29.12
N ALA A 138 16.80 -0.21 28.31
CA ALA A 138 16.04 -0.04 27.07
C ALA A 138 14.59 0.33 27.40
N GLU A 139 14.02 -0.35 28.39
CA GLU A 139 12.65 -0.03 28.80
C GLU A 139 12.56 1.42 29.27
N TRP A 140 13.61 1.90 29.95
CA TRP A 140 13.67 3.30 30.38
C TRP A 140 13.69 4.25 29.19
N ALA A 141 14.57 3.95 28.24
CA ALA A 141 14.68 4.75 27.03
C ALA A 141 13.34 4.80 26.30
N MSE A 142 12.62 3.69 26.31
CA MSE A 142 11.32 3.65 25.68
C MSE A 142 10.24 4.50 26.37
O MSE A 142 9.52 5.25 25.71
CB MSE A 142 10.84 2.21 25.53
CG MSE A 142 11.57 1.47 24.43
SE MSE A 142 11.15 2.17 22.63
CE MSE A 142 9.36 1.49 22.44
N ASN A 143 10.17 4.39 27.70
CA ASN A 143 8.96 4.80 28.42
C ASN A 143 9.09 5.89 29.47
N GLU A 144 10.31 6.14 29.94
CA GLU A 144 10.52 7.14 30.99
C GLU A 144 11.43 8.29 30.58
N MSE A 145 12.40 8.02 29.71
CA MSE A 145 13.28 9.11 29.26
C MSE A 145 12.43 10.28 28.79
O MSE A 145 11.48 10.11 28.04
CB MSE A 145 14.24 8.62 28.19
CG MSE A 145 14.89 9.70 27.33
SE MSE A 145 15.86 8.85 25.87
CE MSE A 145 17.51 9.94 25.81
N PRO A 146 12.74 11.49 29.28
CA PRO A 146 12.01 12.70 28.92
C PRO A 146 11.90 12.83 27.38
N ARG A 147 10.74 13.22 26.87
CA ARG A 147 10.61 13.51 25.41
C ARG A 147 10.29 14.98 25.15
N THR A 148 10.76 15.49 24.03
CA THR A 148 10.39 16.82 23.59
C THR A 148 9.07 16.73 22.86
N ASP A 149 8.59 17.88 22.37
CA ASP A 149 7.54 17.94 21.36
C ASP A 149 7.77 16.85 20.32
N HIS A 150 6.67 16.31 19.80
CA HIS A 150 6.73 15.34 18.72
C HIS A 150 7.53 14.11 19.13
N GLY A 151 7.57 13.88 20.44
CA GLY A 151 8.15 12.66 20.98
C GLY A 151 9.61 12.49 20.61
N GLY A 152 10.28 13.61 20.38
CA GLY A 152 11.72 13.56 20.17
C GLY A 152 12.41 13.21 21.48
N MSE A 153 13.48 12.43 21.38
CA MSE A 153 14.27 12.14 22.57
C MSE A 153 14.99 13.39 23.07
O MSE A 153 15.71 14.06 22.32
CB MSE A 153 15.27 11.03 22.29
CG MSE A 153 14.57 9.68 22.12
SE MSE A 153 15.87 8.25 22.16
CE MSE A 153 14.69 6.76 22.62
N GLN A 154 14.78 13.71 24.34
CA GLN A 154 15.37 14.92 24.89
C GLN A 154 16.79 14.59 25.33
N HIS A 155 17.76 15.40 24.90
CA HIS A 155 19.15 15.13 25.27
C HIS A 155 19.39 15.43 26.75
N ILE A 156 18.79 14.64 27.64
CA ILE A 156 18.98 14.80 29.07
C ILE A 156 20.27 14.12 29.55
N THR A 157 20.99 14.82 30.40
CA THR A 157 22.36 14.48 30.73
C THR A 157 22.54 14.24 32.24
N LEU A 158 23.72 13.80 32.66
CA LEU A 158 24.01 13.68 34.09
C LEU A 158 23.81 15.03 34.77
N ALA A 159 24.16 16.09 34.03
CA ALA A 159 24.31 17.43 34.58
C ALA A 159 23.17 18.43 34.31
N GLU A 160 22.45 18.24 33.21
CA GLU A 160 21.42 19.19 32.81
C GLU A 160 20.18 18.49 32.28
N GLU A 161 19.01 19.08 32.55
CA GLU A 161 17.79 18.62 31.90
C GLU A 161 17.85 18.83 30.39
N ASN A 162 18.24 20.04 29.98
CA ASN A 162 18.20 20.43 28.57
C ASN A 162 16.79 20.31 28.03
N HIS A 163 15.85 20.88 28.77
CA HIS A 163 14.45 20.86 28.38
C HIS A 163 14.29 21.14 26.89
N GLN A 164 13.45 20.34 26.24
CA GLN A 164 13.05 20.58 24.85
C GLN A 164 14.17 20.53 23.81
N GLN A 165 15.38 20.09 24.19
CA GLN A 165 16.52 20.07 23.26
C GLN A 165 16.76 18.68 22.66
N MSE A 166 17.18 18.68 21.40
CA MSE A 166 17.64 17.47 20.70
C MSE A 166 19.07 17.72 20.17
O MSE A 166 19.34 18.77 19.59
CB MSE A 166 16.70 17.13 19.53
CG MSE A 166 15.30 16.71 19.97
SE MSE A 166 14.03 16.25 18.52
CE MSE A 166 14.87 14.63 17.78
N TRP A 167 19.96 16.76 20.39
CA TRP A 167 21.35 16.93 19.92
C TRP A 167 21.76 15.81 18.96
N ASP A 168 22.73 16.10 18.10
CA ASP A 168 23.39 15.04 17.31
C ASP A 168 23.74 13.81 18.18
N ASP A 169 24.40 14.07 19.31
CA ASP A 169 25.04 13.06 20.13
C ASP A 169 24.04 11.97 20.55
N THR A 170 22.78 12.35 20.68
CA THR A 170 21.76 11.39 21.07
C THR A 170 21.79 10.21 20.13
N LEU A 171 22.11 10.42 18.86
CA LEU A 171 22.01 9.30 17.93
C LEU A 171 23.01 8.20 18.27
N MSE A 172 24.17 8.58 18.81
CA MSE A 172 25.21 7.62 19.16
C MSE A 172 25.01 7.00 20.54
O MSE A 172 25.18 5.79 20.71
CB MSE A 172 26.58 8.30 19.07
CG MSE A 172 27.76 7.42 19.51
SE MSE A 172 28.18 6.02 18.19
CE MSE A 172 27.85 4.47 19.32
N MSE A 173 24.65 7.83 21.52
CA MSE A 173 24.63 7.41 22.92
C MSE A 173 23.36 6.65 23.37
O MSE A 173 23.41 5.93 24.37
CB MSE A 173 24.80 8.61 23.84
CG MSE A 173 25.93 9.54 23.43
SE MSE A 173 27.58 8.63 22.93
CE MSE A 173 28.42 10.17 22.05
N THR A 174 22.25 6.82 22.67
CA THR A 174 21.00 6.14 23.07
C THR A 174 20.26 5.47 21.91
N VAL A 175 20.12 6.17 20.79
CA VAL A 175 19.39 5.56 19.71
C VAL A 175 20.04 4.25 19.23
N LEU A 176 21.31 4.29 18.88
CA LEU A 176 21.93 3.10 18.33
C LEU A 176 21.89 1.95 19.33
N PRO A 177 22.21 2.22 20.61
CA PRO A 177 22.09 1.13 21.61
C PRO A 177 20.67 0.57 21.66
N LEU A 178 19.68 1.44 21.58
CA LEU A 178 18.28 0.98 21.63
C LEU A 178 17.93 0.08 20.44
N ALA A 179 18.30 0.52 19.25
CA ALA A 179 18.21 -0.32 18.05
C ALA A 179 18.88 -1.68 18.23
N LYS A 180 20.09 -1.69 18.74
CA LYS A 180 20.81 -2.97 18.81
C LYS A 180 20.06 -3.91 19.75
N ILE A 181 19.66 -3.38 20.89
CA ILE A 181 18.96 -4.19 21.89
C ILE A 181 17.64 -4.70 21.33
N GLY A 182 16.96 -3.87 20.55
CA GLY A 182 15.68 -4.22 19.95
C GLY A 182 15.83 -5.43 19.04
N LYS A 183 16.83 -5.36 18.17
CA LYS A 183 17.17 -6.50 17.35
C LYS A 183 17.53 -7.71 18.22
N LEU A 184 18.44 -7.50 19.16
CA LEU A 184 18.92 -8.57 20.04
C LEU A 184 17.82 -9.30 20.81
N LEU A 185 16.96 -8.56 21.49
CA LEU A 185 15.90 -9.18 22.29
C LEU A 185 14.63 -9.43 21.48
N ASN A 186 14.71 -9.33 20.15
CA ASN A 186 13.53 -9.44 19.30
C ASN A 186 12.36 -8.59 19.80
N ARG A 187 12.62 -7.29 19.96
CA ARG A 187 11.58 -6.36 20.34
C ARG A 187 11.49 -5.28 19.28
N PRO A 188 10.71 -5.54 18.22
CA PRO A 188 10.73 -4.62 17.07
C PRO A 188 10.23 -3.24 17.42
N GLU A 189 9.53 -3.07 18.55
CA GLU A 189 9.10 -1.74 19.00
C GLU A 189 10.30 -0.85 19.22
N TYR A 190 11.37 -1.40 19.79
CA TYR A 190 12.57 -0.62 20.08
C TYR A 190 13.16 -0.10 18.78
N VAL A 191 13.17 -0.94 17.77
CA VAL A 191 13.74 -0.59 16.49
C VAL A 191 12.88 0.44 15.78
N GLU A 192 11.55 0.32 15.93
CA GLU A 192 10.63 1.28 15.31
C GLU A 192 10.87 2.65 15.96
N GLU A 193 10.99 2.65 17.29
CA GLU A 193 11.25 3.88 18.01
C GLU A 193 12.56 4.49 17.52
N ALA A 194 13.55 3.64 17.35
CA ALA A 194 14.89 4.09 16.93
C ALA A 194 14.87 4.77 15.55
N THR A 195 14.17 4.17 14.60
CA THR A 195 14.00 4.72 13.27
C THR A 195 13.28 6.03 13.29
N TYR A 196 12.20 6.09 14.08
CA TYR A 196 11.49 7.35 14.22
C TYR A 196 12.43 8.44 14.77
N GLN A 197 13.22 8.09 15.79
CA GLN A 197 14.12 9.09 16.33
C GLN A 197 15.07 9.60 15.23
N PHE A 198 15.56 8.71 14.37
CA PHE A 198 16.46 9.11 13.30
C PHE A 198 15.79 10.16 12.43
N LEU A 199 14.58 9.84 11.91
CA LEU A 199 13.86 10.73 11.03
C LEU A 199 13.62 12.09 11.67
N LEU A 200 13.25 12.11 12.95
CA LEU A 200 12.96 13.37 13.63
C LEU A 200 14.24 14.15 13.81
N HIS A 201 15.33 13.46 14.16
CA HIS A 201 16.61 14.12 14.33
C HIS A 201 17.03 14.77 12.99
N VAL A 202 16.96 14.01 11.90
CA VAL A 202 17.25 14.54 10.58
C VAL A 202 16.43 15.79 10.34
N GLN A 203 15.12 15.70 10.51
CA GLN A 203 14.23 16.86 10.35
C GLN A 203 14.76 18.12 11.04
N ASN A 204 15.28 17.97 12.26
CA ASN A 204 15.59 19.11 13.11
C ASN A 204 17.04 19.56 13.08
N LEU A 205 17.95 18.67 12.69
CA LEU A 205 19.37 18.95 12.83
C LEU A 205 20.13 19.04 11.51
N MSE A 206 19.69 18.31 10.49
CA MSE A 206 20.35 18.38 9.21
C MSE A 206 20.21 19.78 8.59
O MSE A 206 19.15 20.41 8.66
CB MSE A 206 19.80 17.33 8.25
CG MSE A 206 20.44 17.41 6.86
SE MSE A 206 19.53 16.35 5.48
CE MSE A 206 20.56 17.06 3.98
N ASP A 207 21.27 20.25 7.99
CA ASP A 207 21.25 21.54 7.28
C ASP A 207 21.18 21.26 5.79
N LYS A 208 19.97 21.28 5.23
CA LYS A 208 19.81 21.00 3.81
C LYS A 208 20.73 21.92 2.98
N GLU A 209 21.06 23.09 3.51
CA GLU A 209 21.90 24.03 2.77
C GLU A 209 23.30 23.52 2.44
N THR A 210 23.86 22.69 3.32
CA THR A 210 25.25 22.25 3.19
C THR A 210 25.44 20.75 3.19
N GLY A 211 24.46 20.01 3.68
CA GLY A 211 24.62 18.57 3.79
C GLY A 211 25.20 18.18 5.13
N LEU A 212 25.81 19.15 5.80
CA LEU A 212 26.32 18.91 7.14
C LEU A 212 25.19 19.11 8.15
N TRP A 213 25.47 18.88 9.44
CA TRP A 213 24.45 18.96 10.48
C TRP A 213 24.71 20.06 11.53
N PHE A 214 23.63 20.59 12.09
CA PHE A 214 23.76 21.47 13.22
C PHE A 214 23.90 20.68 14.52
N HIS A 215 24.64 21.22 15.47
CA HIS A 215 24.84 20.50 16.72
C HIS A 215 23.52 20.24 17.46
N GLY A 216 22.74 21.30 17.69
CA GLY A 216 21.53 21.17 18.48
C GLY A 216 20.29 21.84 17.93
N TRP A 217 19.15 21.45 18.51
CA TRP A 217 17.83 22.01 18.20
C TRP A 217 17.04 22.14 19.50
N SER A 218 16.28 23.22 19.62
CA SER A 218 15.39 23.36 20.76
C SER A 218 13.96 23.67 20.34
N TYR A 219 13.01 22.96 20.95
CA TYR A 219 11.61 23.22 20.67
C TYR A 219 11.11 24.41 21.47
N ASP A 220 11.94 24.88 22.38
CA ASP A 220 11.64 26.10 23.09
C ASP A 220 12.26 27.23 22.29
N GLY A 221 11.54 27.70 21.29
CA GLY A 221 12.01 28.78 20.44
C GLY A 221 12.29 28.30 19.02
N HIS A 222 12.18 26.99 18.80
CA HIS A 222 12.43 26.44 17.48
C HIS A 222 13.66 27.03 16.78
N HIS A 223 14.82 26.83 17.39
CA HIS A 223 16.08 27.31 16.81
C HIS A 223 17.17 26.23 16.92
N ASN A 224 18.27 26.46 16.21
CA ASN A 224 19.44 25.59 16.29
C ASN A 224 20.60 26.23 17.04
N PHE A 225 20.29 27.00 18.07
CA PHE A 225 21.33 27.69 18.88
C PHE A 225 22.27 28.48 17.97
N ALA A 226 23.56 28.24 18.12
CA ALA A 226 24.56 28.98 17.35
C ALA A 226 24.64 28.52 15.89
N ASN A 227 23.76 27.62 15.47
CA ASN A 227 23.85 27.03 14.14
C ASN A 227 25.25 26.50 13.87
N ALA A 228 25.81 25.79 14.86
CA ALA A 228 27.16 25.29 14.76
C ALA A 228 27.26 24.01 13.93
N ARG A 229 28.13 24.03 12.92
CA ARG A 229 28.36 22.83 12.15
C ARG A 229 29.56 22.16 12.78
N TRP A 230 29.31 21.57 13.94
CA TRP A 230 30.38 21.09 14.81
C TRP A 230 30.90 19.73 14.37
N ALA A 231 32.21 19.58 14.34
CA ALA A 231 32.84 18.39 13.79
C ALA A 231 32.46 17.09 14.52
N ARG A 232 32.85 16.96 15.77
CA ARG A 232 32.58 15.71 16.48
C ARG A 232 31.11 15.27 16.35
N GLY A 233 30.19 16.23 16.51
CA GLY A 233 28.77 15.94 16.42
C GLY A 233 28.38 15.30 15.10
N ASN A 234 28.88 15.89 14.02
CA ASN A 234 28.64 15.37 12.67
C ASN A 234 29.18 13.96 12.51
N SER A 235 30.35 13.78 13.09
CA SER A 235 31.05 12.53 13.16
C SER A 235 30.11 11.42 13.69
N TRP A 236 29.33 11.76 14.72
CA TRP A 236 28.45 10.79 15.35
C TRP A 236 27.49 10.24 14.30
N LEU A 237 27.23 11.03 13.27
CA LEU A 237 26.27 10.58 12.26
C LEU A 237 26.95 9.74 11.21
N THR A 238 28.14 10.16 10.81
CA THR A 238 28.91 9.40 9.86
C THR A 238 29.19 8.01 10.42
N ILE A 239 29.21 7.92 11.74
CA ILE A 239 29.43 6.64 12.42
C ILE A 239 28.13 5.83 12.51
N VAL A 240 27.05 6.51 12.93
CA VAL A 240 25.81 5.82 13.28
C VAL A 240 25.02 5.36 12.07
N ILE A 241 24.89 6.22 11.07
CA ILE A 241 24.09 5.83 9.92
C ILE A 241 24.53 4.48 9.33
N PRO A 242 25.85 4.29 9.17
CA PRO A 242 26.29 3.03 8.57
C PRO A 242 26.05 1.88 9.52
N ASP A 243 26.28 2.10 10.81
CA ASP A 243 26.06 1.02 11.77
C ASP A 243 24.58 0.70 11.91
N PHE A 244 23.76 1.74 11.89
CA PHE A 244 22.32 1.58 11.97
C PHE A 244 21.81 0.83 10.73
N LEU A 245 22.28 1.23 9.56
CA LEU A 245 21.86 0.59 8.32
C LEU A 245 22.20 -0.89 8.33
N GLU A 246 23.36 -1.20 8.86
CA GLU A 246 23.82 -2.58 8.88
C GLU A 246 22.94 -3.39 9.83
N LEU A 247 22.64 -2.80 10.99
CA LEU A 247 21.63 -3.34 11.88
C LEU A 247 20.30 -3.59 11.18
N LEU A 248 19.82 -2.62 10.42
CA LEU A 248 18.47 -2.72 9.87
C LEU A 248 18.37 -3.78 8.78
N ASP A 249 19.47 -3.95 8.04
CA ASP A 249 19.54 -4.97 7.00
C ASP A 249 18.34 -4.89 6.03
N LEU A 250 17.93 -3.68 5.64
CA LEU A 250 16.79 -3.48 4.75
C LEU A 250 17.15 -3.69 3.27
N PRO A 251 16.18 -4.14 2.45
CA PRO A 251 16.49 -4.32 1.02
C PRO A 251 16.95 -3.00 0.39
N GLU A 252 17.68 -3.10 -0.70
CA GLU A 252 18.27 -1.89 -1.30
C GLU A 252 17.28 -0.77 -1.70
N ASN A 253 16.10 -1.12 -2.20
CA ASN A 253 15.15 -0.10 -2.64
C ASN A 253 14.19 0.37 -1.54
N ASN A 254 14.40 -0.10 -0.31
CA ASN A 254 13.54 0.30 0.80
C ASN A 254 13.63 1.82 1.03
N ALA A 255 12.48 2.48 1.19
CA ALA A 255 12.46 3.94 1.20
C ALA A 255 13.29 4.49 2.37
N VAL A 256 13.16 3.85 3.53
CA VAL A 256 13.98 4.21 4.66
C VAL A 256 15.46 3.97 4.46
N ARG A 257 15.84 2.81 3.93
CA ARG A 257 17.25 2.61 3.63
C ARG A 257 17.73 3.71 2.70
N ARG A 258 17.01 3.90 1.59
CA ARG A 258 17.42 4.90 0.60
C ARG A 258 17.48 6.27 1.24
N TYR A 259 16.56 6.55 2.14
CA TYR A 259 16.53 7.89 2.71
C TYR A 259 17.75 8.10 3.61
N LEU A 260 18.18 7.06 4.30
CA LEU A 260 19.35 7.18 5.17
C LEU A 260 20.65 7.25 4.39
N VAL A 261 20.74 6.45 3.33
CA VAL A 261 21.86 6.50 2.44
C VAL A 261 22.00 7.92 1.86
N GLN A 262 20.86 8.54 1.57
CA GLN A 262 20.85 9.91 1.03
C GLN A 262 21.38 10.93 2.01
N VAL A 263 20.95 10.84 3.26
CA VAL A 263 21.45 11.73 4.31
C VAL A 263 22.94 11.57 4.50
N LEU A 264 23.39 10.32 4.54
CA LEU A 264 24.81 10.01 4.66
C LEU A 264 25.58 10.63 3.49
N ASN A 265 25.08 10.42 2.29
CA ASN A 265 25.74 10.95 1.09
C ASN A 265 25.89 12.46 1.10
N ALA A 266 24.79 13.16 1.35
CA ALA A 266 24.82 14.60 1.41
C ALA A 266 25.90 15.04 2.40
N GLN A 267 26.04 14.32 3.51
CA GLN A 267 27.07 14.68 4.48
C GLN A 267 28.47 14.39 3.96
N ILE A 268 28.68 13.18 3.46
CA ILE A 268 30.00 12.77 3.02
C ILE A 268 30.50 13.70 1.88
N ALA A 269 29.61 14.05 0.97
CA ALA A 269 29.98 15.00 -0.09
C ALA A 269 30.41 16.34 0.50
N ALA A 270 29.68 16.83 1.50
CA ALA A 270 30.03 18.12 2.10
C ALA A 270 31.34 18.05 2.89
N LEU A 271 31.61 16.87 3.44
CA LEU A 271 32.82 16.67 4.23
C LEU A 271 34.02 16.59 3.30
N ALA A 272 33.82 16.01 2.13
CA ALA A 272 34.90 15.89 1.18
C ALA A 272 35.49 17.27 0.91
N LYS A 273 34.59 18.24 0.74
CA LYS A 273 34.96 19.61 0.33
C LYS A 273 35.47 20.44 1.50
N CYS A 274 35.43 19.84 2.67
CA CYS A 274 35.64 20.53 3.93
C CYS A 274 36.98 20.11 4.52
N GLN A 275 37.55 19.04 3.97
CA GLN A 275 38.72 18.41 4.56
C GLN A 275 39.93 19.29 4.34
N ASP A 276 40.68 19.51 5.42
CA ASP A 276 41.90 20.29 5.37
C ASP A 276 43.03 19.46 4.78
N GLU A 277 43.92 20.12 4.05
CA GLU A 277 45.11 19.48 3.48
C GLU A 277 45.71 18.33 4.32
N SER A 278 45.64 18.44 5.64
CA SER A 278 46.23 17.44 6.54
C SER A 278 45.46 16.13 6.64
N GLY A 279 44.30 16.07 5.98
CA GLY A 279 43.44 14.91 6.06
C GLY A 279 42.53 14.99 7.27
N LEU A 280 42.73 16.04 8.07
CA LEU A 280 41.89 16.29 9.23
C LEU A 280 40.80 17.30 8.91
N TRP A 281 39.83 17.44 9.81
CA TRP A 281 38.74 18.40 9.64
C TRP A 281 38.74 19.43 10.75
N HIS A 282 38.30 20.65 10.42
CA HIS A 282 38.19 21.74 11.39
C HIS A 282 37.04 21.53 12.40
N THR A 283 37.28 21.92 13.66
CA THR A 283 36.34 21.67 14.74
C THR A 283 35.02 22.40 14.50
N LEU A 284 35.10 23.55 13.85
CA LEU A 284 33.95 24.08 13.15
C LEU A 284 34.22 23.83 11.69
N LEU A 285 33.45 22.90 11.11
CA LEU A 285 33.77 22.32 9.81
C LEU A 285 33.86 23.36 8.70
N ASP A 286 33.08 24.41 8.80
CA ASP A 286 33.04 25.46 7.77
C ASP A 286 33.85 26.70 8.19
N ASP A 287 34.73 26.53 9.18
CA ASP A 287 35.60 27.59 9.65
C ASP A 287 37.07 27.14 9.57
N PRO A 288 37.73 27.42 8.43
CA PRO A 288 39.09 26.96 8.14
C PRO A 288 40.08 27.48 9.17
N HIS A 289 39.63 28.38 10.05
CA HIS A 289 40.53 28.88 11.08
C HIS A 289 40.31 28.25 12.45
N SER A 290 39.32 27.34 12.56
CA SER A 290 39.13 26.57 13.79
C SER A 290 40.33 25.69 13.87
N TYR A 291 40.68 25.26 15.08
CA TYR A 291 41.68 24.23 15.15
C TYR A 291 41.15 22.94 14.52
N LEU A 292 42.06 22.13 14.00
CA LEU A 292 41.70 20.81 13.52
C LEU A 292 41.35 19.93 14.73
N GLU A 293 40.46 18.97 14.55
CA GLU A 293 40.09 18.11 15.67
C GLU A 293 40.13 16.64 15.25
N ALA A 294 41.01 15.90 15.92
CA ALA A 294 41.33 14.52 15.58
C ALA A 294 40.22 13.49 15.83
N SER A 295 39.42 13.66 16.88
CA SER A 295 38.47 12.62 17.23
C SER A 295 37.29 12.63 16.25
N ALA A 296 36.81 13.83 15.93
CA ALA A 296 35.80 13.98 14.89
C ALA A 296 36.35 13.40 13.59
N THR A 297 37.57 13.81 13.23
CA THR A 297 38.26 13.29 12.07
C THR A 297 38.25 11.74 12.06
N ALA A 298 38.48 11.12 13.21
CA ALA A 298 38.52 9.67 13.28
C ALA A 298 37.16 9.05 13.00
N GLY A 299 36.10 9.66 13.50
CA GLY A 299 34.76 9.11 13.30
C GLY A 299 34.43 9.20 11.83
N PHE A 300 34.80 10.34 11.25
CA PHE A 300 34.60 10.58 9.84
C PHE A 300 35.31 9.51 9.01
N ALA A 301 36.57 9.26 9.34
CA ALA A 301 37.33 8.24 8.65
C ALA A 301 36.58 6.93 8.70
N TYR A 302 36.16 6.54 9.90
CA TYR A 302 35.45 5.29 10.08
C TYR A 302 34.25 5.18 9.13
N GLY A 303 33.34 6.15 9.25
CA GLY A 303 32.09 6.11 8.51
C GLY A 303 32.30 6.11 7.00
N ILE A 304 33.18 6.99 6.55
CA ILE A 304 33.46 7.08 5.13
C ILE A 304 34.05 5.77 4.62
N LEU A 305 34.95 5.18 5.39
CA LEU A 305 35.49 3.88 5.03
C LEU A 305 34.38 2.83 4.94
N LYS A 306 33.53 2.78 5.96
CA LYS A 306 32.52 1.75 6.02
C LYS A 306 31.47 1.97 4.93
N ALA A 307 31.13 3.24 4.69
CA ALA A 307 30.15 3.56 3.66
C ALA A 307 30.69 3.20 2.27
N VAL A 308 32.00 3.26 2.09
CA VAL A 308 32.55 2.83 0.82
C VAL A 308 32.48 1.31 0.76
N ARG A 309 32.97 0.67 1.82
CA ARG A 309 32.94 -0.77 1.86
C ARG A 309 31.54 -1.33 1.57
N LYS A 310 30.53 -0.75 2.21
CA LYS A 310 29.14 -1.22 2.08
C LYS A 310 28.46 -0.70 0.84
N ARG A 311 29.13 0.20 0.12
CA ARG A 311 28.61 0.78 -1.12
C ARG A 311 27.43 1.75 -0.93
N TYR A 312 27.29 2.27 0.29
CA TYR A 312 26.36 3.36 0.53
C TYR A 312 26.78 4.62 -0.22
N VAL A 313 28.08 4.76 -0.47
CA VAL A 313 28.62 5.82 -1.33
C VAL A 313 29.64 5.19 -2.29
N GLU A 314 29.92 5.90 -3.40
CA GLU A 314 30.83 5.41 -4.43
C GLU A 314 32.29 5.27 -4.00
N ARG A 315 33.07 4.50 -4.76
CA ARG A 315 34.46 4.18 -4.42
C ARG A 315 35.38 5.38 -4.28
N HIS A 316 35.12 6.44 -5.03
CA HIS A 316 36.11 7.52 -5.10
C HIS A 316 36.28 8.22 -3.76
N TYR A 317 35.29 8.09 -2.89
CA TYR A 317 35.37 8.70 -1.58
C TYR A 317 36.45 8.07 -0.72
N ALA A 318 37.02 6.96 -1.19
CA ALA A 318 38.08 6.31 -0.45
C ALA A 318 39.25 7.27 -0.20
N GLN A 319 39.65 8.01 -1.22
CA GLN A 319 40.77 8.94 -1.09
C GLN A 319 40.60 9.83 0.14
N VAL A 320 39.40 10.36 0.33
CA VAL A 320 39.12 11.16 1.51
C VAL A 320 39.45 10.39 2.79
N ALA A 321 38.92 9.17 2.88
CA ALA A 321 39.19 8.29 4.01
C ALA A 321 40.69 8.07 4.17
N GLU A 322 41.34 7.68 3.08
CA GLU A 322 42.79 7.41 3.06
C GLU A 322 43.63 8.57 3.59
N LYS A 323 43.29 9.79 3.17
CA LYS A 323 43.97 10.98 3.69
C LYS A 323 43.74 11.09 5.20
N ALA A 324 42.48 11.01 5.62
CA ALA A 324 42.18 11.13 7.05
C ALA A 324 42.93 10.09 7.87
N ILE A 325 43.03 8.87 7.35
CA ILE A 325 43.69 7.80 8.07
C ILE A 325 45.19 8.08 8.23
N ARG A 326 45.82 8.59 7.17
CA ARG A 326 47.22 8.98 7.24
C ARG A 326 47.39 10.07 8.29
N GLY A 327 46.52 11.09 8.22
CA GLY A 327 46.47 12.14 9.21
C GLY A 327 46.32 11.62 10.64
N ILE A 328 45.42 10.65 10.84
CA ILE A 328 45.18 10.10 12.19
C ILE A 328 46.43 9.44 12.74
N VAL A 329 47.10 8.67 11.90
CA VAL A 329 48.31 8.00 12.33
C VAL A 329 49.35 9.06 12.71
N LYS A 330 49.47 10.11 11.90
CA LYS A 330 50.39 11.21 12.21
C LYS A 330 50.12 11.81 13.58
N HIS A 331 48.88 11.77 14.01
CA HIS A 331 48.50 12.43 15.26
C HIS A 331 48.46 11.51 16.47
N ILE A 332 48.88 10.27 16.30
CA ILE A 332 49.02 9.38 17.44
C ILE A 332 50.44 9.51 18.02
N SER A 333 50.53 9.95 19.28
CA SER A 333 51.82 10.20 19.90
C SER A 333 52.56 8.89 20.18
N PRO A 334 53.87 8.97 20.49
CA PRO A 334 54.60 7.72 20.73
C PRO A 334 54.07 6.99 21.96
N GLU A 335 53.39 7.71 22.85
CA GLU A 335 52.77 7.11 24.02
C GLU A 335 51.46 6.45 23.63
N GLY A 336 50.90 6.87 22.49
CA GLY A 336 49.67 6.29 21.97
C GLY A 336 48.44 7.18 22.12
N GLU A 337 48.66 8.43 22.49
CA GLU A 337 47.59 9.39 22.75
C GLU A 337 47.21 10.08 21.47
N LEU A 338 45.92 10.09 21.17
CA LEU A 338 45.45 10.78 19.97
C LEU A 338 45.55 12.26 20.23
N LEU A 339 46.44 12.94 19.50
CA LEU A 339 46.82 14.31 19.86
C LEU A 339 45.70 15.36 19.94
N GLN A 340 45.17 15.80 18.82
CA GLN A 340 44.23 16.92 18.81
C GLN A 340 42.78 16.56 19.21
N THR A 341 42.61 15.96 20.37
CA THR A 341 41.27 15.65 20.88
C THR A 341 40.71 16.83 21.71
N SER A 342 39.46 17.21 21.45
CA SER A 342 38.77 18.24 22.24
C SER A 342 37.95 17.61 23.35
N PHE A 343 37.90 18.29 24.48
CA PHE A 343 37.24 17.82 25.69
C PHE A 343 35.74 17.82 25.48
N GLY A 344 35.00 17.22 26.41
CA GLY A 344 33.56 17.16 26.30
C GLY A 344 33.00 18.50 25.92
N THR A 345 32.11 18.53 24.93
CA THR A 345 31.58 19.79 24.41
C THR A 345 30.05 19.87 24.50
N GLY A 346 29.57 20.80 25.32
CA GLY A 346 28.14 21.06 25.43
C GLY A 346 27.55 21.88 24.28
N MSE A 347 26.33 22.37 24.48
CA MSE A 347 25.68 23.13 23.43
C MSE A 347 26.12 24.58 23.51
O MSE A 347 26.00 25.22 24.57
CB MSE A 347 24.16 23.04 23.54
CG MSE A 347 23.45 23.79 22.44
SE MSE A 347 23.71 22.89 20.74
CE MSE A 347 23.33 21.04 21.36
N GLY A 348 26.61 25.11 22.40
CA GLY A 348 27.08 26.48 22.37
C GLY A 348 25.97 27.43 21.97
N HIS A 349 25.97 28.62 22.55
CA HIS A 349 25.01 29.65 22.18
C HIS A 349 25.65 30.66 21.22
N ASP A 350 26.95 30.53 21.03
CA ASP A 350 27.66 31.24 19.96
C ASP A 350 28.78 30.36 19.42
N LEU A 351 29.30 30.73 18.25
CA LEU A 351 30.37 30.01 17.59
C LEU A 351 31.67 29.97 18.40
N ASP A 352 32.07 31.12 18.91
CA ASP A 352 33.28 31.19 19.71
C ASP A 352 33.33 30.06 20.75
N PHE A 353 32.17 29.73 21.31
CA PHE A 353 32.07 28.68 22.34
C PHE A 353 32.74 27.40 21.86
N TYR A 354 32.52 27.06 20.59
CA TYR A 354 33.08 25.85 20.01
C TYR A 354 34.56 26.02 19.73
N ARG A 355 34.95 27.25 19.42
CA ARG A 355 36.32 27.56 19.05
C ARG A 355 37.30 27.38 20.20
N HIS A 356 36.85 27.64 21.43
CA HIS A 356 37.75 27.62 22.57
C HIS A 356 37.60 26.42 23.54
N ILE A 357 37.07 25.31 23.04
CA ILE A 357 37.04 24.08 23.83
C ILE A 357 38.47 23.57 24.10
N PRO A 358 38.78 23.25 25.36
CA PRO A 358 40.12 22.72 25.70
C PRO A 358 40.46 21.40 25.00
N LEU A 359 41.74 21.23 24.70
CA LEU A 359 42.22 19.99 24.09
C LEU A 359 42.79 19.03 25.14
N THR A 360 42.49 17.75 25.01
CA THR A 360 42.95 16.76 26.00
C THR A 360 42.53 15.35 25.63
N SER A 361 43.28 14.37 26.10
CA SER A 361 43.04 12.97 25.77
C SER A 361 41.74 12.45 26.39
N MSE A 362 41.01 11.61 25.67
CA MSE A 362 39.74 11.11 26.20
C MSE A 362 39.45 9.70 25.73
O MSE A 362 39.94 9.28 24.68
CB MSE A 362 38.58 12.04 25.81
CG MSE A 362 38.76 13.46 26.34
SE MSE A 362 38.42 13.52 28.26
CE MSE A 362 36.48 13.65 28.18
N PRO A 363 38.68 8.95 26.52
CA PRO A 363 38.26 7.61 26.10
C PRO A 363 37.75 7.59 24.66
N TYR A 364 36.89 8.54 24.29
CA TYR A 364 36.35 8.57 22.94
C TYR A 364 37.40 8.96 21.89
N GLY A 365 38.36 9.78 22.28
CA GLY A 365 39.46 10.11 21.39
C GLY A 365 40.21 8.84 20.98
N GLN A 366 40.68 8.09 21.97
CA GLN A 366 41.36 6.82 21.72
C GLN A 366 40.44 5.83 21.01
N ALA A 367 39.19 5.77 21.43
CA ALA A 367 38.30 4.75 20.90
C ALA A 367 38.04 5.01 19.43
N MSE A 368 37.76 6.26 19.11
CA MSE A 368 37.47 6.60 17.72
C MSE A 368 38.68 6.32 16.81
O MSE A 368 38.54 5.82 15.71
CB MSE A 368 36.94 8.03 17.61
CG MSE A 368 35.56 8.15 18.24
SE MSE A 368 35.14 9.96 18.81
CE MSE A 368 34.25 10.55 17.16
N ALA A 369 39.88 6.60 17.31
CA ALA A 369 41.06 6.20 16.56
C ALA A 369 41.00 4.70 16.26
N MSE A 370 40.59 3.88 17.24
CA MSE A 370 40.63 2.45 16.97
C MSE A 370 39.45 2.02 16.12
O MSE A 370 39.56 1.07 15.36
CB MSE A 370 40.83 1.60 18.23
CG MSE A 370 39.78 1.68 19.33
SE MSE A 370 40.49 0.91 21.01
CE MSE A 370 40.97 2.57 21.87
N LEU A 371 38.34 2.74 16.23
CA LEU A 371 37.21 2.48 15.34
C LEU A 371 37.67 2.59 13.90
N CYS A 372 38.18 3.76 13.53
CA CYS A 372 38.56 4.01 12.14
C CYS A 372 39.73 3.14 11.74
N LEU A 373 40.63 2.88 12.67
CA LEU A 373 41.81 2.09 12.33
C LEU A 373 41.41 0.62 12.14
N THR A 374 40.38 0.17 12.86
CA THR A 374 39.90 -1.21 12.69
C THR A 374 39.21 -1.42 11.37
N GLU A 375 38.39 -0.45 10.97
CA GLU A 375 37.76 -0.51 9.67
C GLU A 375 38.85 -0.49 8.59
N TYR A 376 39.92 0.27 8.83
CA TYR A 376 41.00 0.36 7.85
C TYR A 376 41.75 -0.97 7.71
N LEU A 377 41.82 -1.72 8.81
CA LEU A 377 42.40 -3.06 8.80
C LEU A 377 41.70 -4.00 7.84
N ARG A 378 40.43 -3.77 7.56
CA ARG A 378 39.71 -4.62 6.61
C ARG A 378 40.37 -4.58 5.24
N ASN A 379 41.00 -3.46 4.91
CA ASN A 379 41.83 -3.38 3.70
C ASN A 379 42.99 -4.37 3.66
N TYR A 380 43.28 -5.02 4.79
CA TYR A 380 44.39 -5.99 4.81
C TYR A 380 43.90 -7.43 4.76
N PHE A 381 42.63 -7.62 4.44
CA PHE A 381 42.14 -8.95 4.10
C PHE A 381 42.10 -9.03 2.60
N MSE B 4 -45.45 11.94 28.42
CA MSE B 4 -44.21 11.43 29.00
C MSE B 4 -43.02 11.68 28.07
O MSE B 4 -42.83 10.97 27.10
CB MSE B 4 -44.33 9.92 29.24
CG MSE B 4 -43.46 9.38 30.38
SE MSE B 4 -41.53 9.66 30.23
CE MSE B 4 -40.92 8.50 31.68
N VAL B 5 -42.20 12.68 28.40
CA VAL B 5 -41.04 13.00 27.56
C VAL B 5 -39.68 12.87 28.26
N TYR B 6 -38.70 12.40 27.50
CA TYR B 6 -37.35 12.25 28.01
C TYR B 6 -36.54 13.54 27.77
N PRO B 7 -35.80 13.99 28.79
CA PRO B 7 -35.00 15.20 28.67
C PRO B 7 -33.68 14.83 28.03
N VAL B 8 -33.38 15.43 26.87
CA VAL B 8 -32.14 15.08 26.19
C VAL B 8 -31.36 16.30 25.70
N LYS B 9 -32.03 17.44 25.52
CA LYS B 9 -31.38 18.55 24.82
C LYS B 9 -30.13 19.12 25.54
N HIS B 10 -30.05 18.89 26.84
CA HIS B 10 -28.95 19.39 27.67
C HIS B 10 -27.70 18.54 27.55
N SER B 11 -27.84 17.34 27.02
CA SER B 11 -26.75 16.38 27.02
C SER B 11 -26.05 16.27 25.67
N PRO B 12 -24.73 16.51 25.66
CA PRO B 12 -23.89 16.33 24.48
C PRO B 12 -24.02 14.89 23.93
N LEU B 13 -24.14 13.90 24.81
CA LEU B 13 -24.29 12.52 24.39
C LEU B 13 -25.64 12.20 23.76
N LEU B 14 -26.69 12.90 24.18
CA LEU B 14 -28.06 12.53 23.78
C LEU B 14 -28.65 13.39 22.67
N ARG B 15 -28.11 14.58 22.48
CA ARG B 15 -28.81 15.56 21.66
C ARG B 15 -28.49 15.44 20.17
N GLN B 16 -29.44 15.86 19.35
CA GLN B 16 -29.25 15.92 17.90
C GLN B 16 -28.04 16.78 17.56
N PRO B 17 -27.36 16.44 16.47
CA PRO B 17 -26.29 17.29 15.93
C PRO B 17 -26.90 18.59 15.43
N GLU B 18 -26.22 19.71 15.67
CA GLU B 18 -26.61 20.97 15.04
C GLU B 18 -25.86 21.14 13.72
N HIS B 19 -26.56 20.90 12.61
CA HIS B 19 -25.97 21.08 11.29
C HIS B 19 -26.33 22.46 10.74
N PHE B 20 -25.32 23.27 10.40
CA PHE B 20 -25.59 24.63 9.92
C PHE B 20 -26.17 24.57 8.54
N ILE B 21 -25.99 23.42 7.88
CA ILE B 21 -26.61 23.16 6.60
C ILE B 21 -27.07 21.73 6.54
N ALA B 22 -28.23 21.50 5.93
CA ALA B 22 -28.83 20.16 5.87
C ALA B 22 -28.12 19.26 4.85
N ARG B 23 -28.05 17.97 5.15
CA ARG B 23 -27.40 17.04 4.23
C ARG B 23 -27.82 17.25 2.77
N ASP B 24 -29.12 17.29 2.52
CA ASP B 24 -29.57 17.38 1.13
C ASP B 24 -29.20 18.73 0.51
N GLU B 25 -29.26 19.79 1.31
CA GLU B 25 -28.86 21.12 0.84
C GLU B 25 -27.40 21.09 0.43
N LEU B 26 -26.61 20.37 1.22
CA LEU B 26 -25.18 20.28 0.97
C LEU B 26 -24.95 19.53 -0.31
N LYS B 27 -25.71 18.45 -0.50
CA LYS B 27 -25.59 17.67 -1.73
C LYS B 27 -25.92 18.50 -2.97
N ALA B 28 -26.93 19.36 -2.85
CA ALA B 28 -27.32 20.17 -3.99
C ALA B 28 -26.27 21.24 -4.22
N LEU B 29 -25.59 21.64 -3.16
CA LEU B 29 -24.53 22.64 -3.31
C LEU B 29 -23.36 22.00 -4.08
N ILE B 30 -23.03 20.76 -3.72
CA ILE B 30 -22.00 20.03 -4.43
C ILE B 30 -22.36 19.84 -5.92
N GLN B 31 -23.60 19.44 -6.20
CA GLN B 31 -24.02 19.27 -7.59
C GLN B 31 -23.90 20.60 -8.34
N LYS B 32 -24.23 21.68 -7.64
CA LYS B 32 -24.24 23.00 -8.25
C LYS B 32 -22.82 23.45 -8.58
N VAL B 33 -21.91 23.24 -7.62
CA VAL B 33 -20.51 23.54 -7.81
C VAL B 33 -19.95 22.67 -8.96
N THR B 34 -20.30 21.39 -8.95
CA THR B 34 -19.94 20.49 -10.04
C THR B 34 -20.46 21.00 -11.39
N HIS B 35 -21.73 21.37 -11.43
CA HIS B 35 -22.31 21.85 -12.68
C HIS B 35 -21.54 23.06 -13.19
N ASN B 36 -21.11 23.91 -12.27
CA ASN B 36 -20.36 25.09 -12.64
C ASN B 36 -18.99 24.69 -13.18
N LEU B 37 -18.33 23.80 -12.46
CA LEU B 37 -17.04 23.30 -12.89
C LEU B 37 -17.05 22.80 -14.35
N VAL B 38 -17.93 21.86 -14.67
CA VAL B 38 -17.89 21.28 -16.01
C VAL B 38 -18.48 22.21 -17.06
N ASN B 39 -18.52 23.51 -16.77
CA ASN B 39 -18.91 24.50 -17.80
C ASN B 39 -18.00 25.71 -17.91
N ILE B 40 -16.91 25.72 -17.15
CA ILE B 40 -15.97 26.84 -17.19
C ILE B 40 -15.36 27.07 -18.57
N LYS B 41 -15.19 28.34 -18.93
CA LYS B 41 -14.55 28.74 -20.18
C LYS B 41 -14.03 30.16 -20.05
N ASP B 42 -13.03 30.52 -20.86
CA ASP B 42 -12.64 31.91 -21.01
C ASP B 42 -12.70 32.30 -22.47
N GLU B 43 -13.91 32.53 -22.95
CA GLU B 43 -14.12 32.92 -24.35
C GLU B 43 -13.27 34.13 -24.71
N THR B 44 -12.61 34.69 -23.71
CA THR B 44 -11.69 35.81 -23.90
C THR B 44 -10.33 35.33 -24.39
N GLY B 45 -10.04 34.05 -24.20
CA GLY B 45 -8.73 33.49 -24.47
C GLY B 45 -7.74 33.92 -23.42
N GLU B 46 -8.25 34.55 -22.37
CA GLU B 46 -7.40 35.23 -21.40
C GLU B 46 -6.28 34.37 -20.81
N PHE B 47 -6.54 33.08 -20.63
CA PHE B 47 -5.60 32.22 -19.89
C PHE B 47 -4.93 31.16 -20.76
N LEU B 48 -5.31 31.09 -22.03
CA LEU B 48 -4.73 30.14 -22.98
C LEU B 48 -3.22 30.09 -22.95
N LEU B 49 -2.68 29.05 -22.31
CA LEU B 49 -1.28 28.73 -22.34
C LEU B 49 -0.83 28.62 -23.80
N ARG B 50 0.31 29.24 -24.11
CA ARG B 50 0.84 29.29 -25.48
C ARG B 50 2.30 28.81 -25.54
N LEU B 51 2.61 28.03 -26.56
CA LEU B 51 3.92 27.38 -26.69
C LEU B 51 4.46 27.57 -28.11
N ASP B 52 5.76 27.84 -28.26
CA ASP B 52 6.35 27.99 -29.61
C ASP B 52 6.29 26.66 -30.40
N ASP B 53 5.95 25.62 -29.66
CA ASP B 53 5.45 24.35 -30.16
C ASP B 53 4.40 24.55 -31.23
N GLY B 54 3.66 25.65 -31.13
CA GLY B 54 2.40 25.80 -31.82
C GLY B 54 1.23 25.19 -31.04
N ARG B 55 1.47 24.85 -29.78
CA ARG B 55 0.42 24.26 -28.95
C ARG B 55 -0.42 25.32 -28.24
N VAL B 56 -1.72 25.27 -28.51
CA VAL B 56 -2.72 26.10 -27.84
C VAL B 56 -3.44 25.26 -26.77
N ILE B 57 -3.03 25.43 -25.52
CA ILE B 57 -3.57 24.62 -24.43
C ILE B 57 -4.53 25.41 -23.56
N ASP B 58 -5.68 24.82 -23.25
CA ASP B 58 -6.69 25.49 -22.45
C ASP B 58 -6.69 25.00 -21.02
N THR B 59 -6.27 25.86 -20.11
CA THR B 59 -6.03 25.48 -18.73
C THR B 59 -7.26 25.71 -17.85
N LYS B 60 -8.21 26.47 -18.37
CA LYS B 60 -9.43 26.78 -17.64
C LYS B 60 -10.60 25.87 -18.02
N GLY B 61 -10.89 25.81 -19.33
CA GLY B 61 -11.98 24.99 -19.83
C GLY B 61 -11.91 23.56 -19.29
N TRP B 62 -13.07 22.92 -19.22
CA TRP B 62 -13.16 21.55 -18.73
C TRP B 62 -12.62 20.57 -19.77
N ALA B 63 -12.64 20.97 -21.04
CA ALA B 63 -12.17 20.09 -22.12
C ALA B 63 -10.66 20.12 -22.31
N GLY B 64 -9.94 20.75 -21.39
CA GLY B 64 -8.49 20.71 -21.41
C GLY B 64 -7.94 19.55 -20.57
N TRP B 65 -6.63 19.55 -20.37
CA TRP B 65 -5.95 18.49 -19.63
C TRP B 65 -4.79 19.08 -18.83
N GLU B 66 -5.11 19.65 -17.68
CA GLU B 66 -4.08 20.18 -16.79
C GLU B 66 -4.21 19.61 -15.38
N TRP B 67 -3.21 19.87 -14.54
CA TRP B 67 -3.21 19.35 -13.17
C TRP B 67 -4.55 19.62 -12.51
N THR B 68 -5.17 20.70 -12.94
CA THR B 68 -6.40 21.13 -12.29
C THR B 68 -7.59 20.20 -12.57
N HIS B 69 -7.65 19.62 -13.75
CA HIS B 69 -8.66 18.58 -14.00
C HIS B 69 -8.42 17.38 -13.12
N GLY B 70 -7.14 17.07 -12.89
CA GLY B 70 -6.76 15.98 -12.01
C GLY B 70 -7.43 16.14 -10.67
N VAL B 71 -7.35 17.33 -10.10
CA VAL B 71 -8.00 17.62 -8.82
C VAL B 71 -9.50 17.53 -8.99
N GLY B 72 -10.01 18.17 -10.05
CA GLY B 72 -11.43 18.06 -10.36
C GLY B 72 -11.92 16.62 -10.41
N LEU B 73 -11.24 15.78 -11.17
CA LEU B 73 -11.68 14.39 -11.31
C LEU B 73 -11.68 13.74 -9.92
N TYR B 74 -10.64 14.02 -9.14
CA TYR B 74 -10.49 13.43 -7.80
C TYR B 74 -11.66 13.76 -6.85
N GLY B 75 -12.04 15.03 -6.78
CA GLY B 75 -13.18 15.44 -5.98
C GLY B 75 -14.46 14.71 -6.37
N MSE B 76 -14.79 14.80 -7.66
CA MSE B 76 -15.96 14.10 -8.20
C MSE B 76 -15.92 12.62 -7.86
O MSE B 76 -16.93 12.02 -7.52
CB MSE B 76 -16.03 14.27 -9.71
CG MSE B 76 -15.86 15.70 -10.16
SE MSE B 76 -16.35 15.94 -12.02
CE MSE B 76 -15.93 17.83 -12.20
N TYR B 77 -14.73 12.01 -7.99
CA TYR B 77 -14.61 10.60 -7.69
C TYR B 77 -14.97 10.33 -6.22
N HIS B 78 -14.45 11.15 -5.31
CA HIS B 78 -14.77 11.01 -3.89
C HIS B 78 -16.29 11.02 -3.75
N TYR B 79 -16.93 12.00 -4.37
CA TYR B 79 -18.39 12.07 -4.25
C TYR B 79 -19.02 10.83 -4.82
N TYR B 80 -18.57 10.41 -5.99
CA TYR B 80 -19.08 9.16 -6.57
C TYR B 80 -18.81 7.93 -5.67
N GLN B 81 -17.62 7.86 -5.11
CA GLN B 81 -17.25 6.75 -4.24
C GLN B 81 -18.18 6.68 -3.02
N GLN B 82 -18.45 7.83 -2.43
CA GLN B 82 -19.25 7.89 -1.20
C GLN B 82 -20.70 7.56 -1.46
N THR B 83 -21.26 8.12 -2.53
CA THR B 83 -22.71 8.12 -2.76
C THR B 83 -23.18 7.14 -3.85
N GLY B 84 -22.34 6.93 -4.86
CA GLY B 84 -22.68 6.05 -5.96
C GLY B 84 -23.39 6.80 -7.06
N ASP B 85 -23.32 8.13 -6.99
CA ASP B 85 -23.98 9.03 -7.93
C ASP B 85 -23.52 8.76 -9.36
N GLN B 86 -24.42 8.22 -10.16
CA GLN B 86 -24.09 7.91 -11.55
C GLN B 86 -23.84 9.15 -12.40
N THR B 87 -24.44 10.28 -12.04
CA THR B 87 -24.19 11.51 -12.78
C THR B 87 -22.71 11.87 -12.70
N MSE B 88 -22.15 11.70 -11.51
CA MSE B 88 -20.74 11.96 -11.31
C MSE B 88 -19.84 10.96 -12.04
O MSE B 88 -18.88 11.36 -12.69
CB MSE B 88 -20.44 12.01 -9.81
CG MSE B 88 -21.14 13.16 -9.15
SE MSE B 88 -20.02 14.74 -9.20
CE MSE B 88 -19.39 14.72 -11.05
N ARG B 89 -20.17 9.67 -11.94
CA ARG B 89 -19.42 8.67 -12.69
C ARG B 89 -19.32 9.06 -14.17
N LYS B 90 -20.46 9.37 -14.79
CA LYS B 90 -20.46 9.66 -16.22
C LYS B 90 -19.57 10.83 -16.58
N ILE B 91 -19.56 11.87 -15.75
CA ILE B 91 -18.72 13.02 -16.05
C ILE B 91 -17.25 12.60 -16.06
N ILE B 92 -16.85 11.82 -15.06
CA ILE B 92 -15.49 11.31 -15.00
C ILE B 92 -15.16 10.48 -16.22
N ASP B 93 -15.97 9.45 -16.47
CA ASP B 93 -15.72 8.55 -17.60
C ASP B 93 -15.65 9.28 -18.96
N ASP B 94 -16.63 10.14 -19.22
CA ASP B 94 -16.65 10.96 -20.43
C ASP B 94 -15.37 11.76 -20.61
N TRP B 95 -14.89 12.39 -19.55
CA TRP B 95 -13.71 13.22 -19.67
C TRP B 95 -12.55 12.41 -20.19
N PHE B 96 -12.33 11.24 -19.60
CA PHE B 96 -11.27 10.33 -20.06
C PHE B 96 -11.51 9.87 -21.51
N ALA B 97 -12.74 9.45 -21.82
CA ALA B 97 -13.06 9.02 -23.19
C ALA B 97 -12.78 10.12 -24.22
N ASP B 98 -13.20 11.35 -23.91
CA ASP B 98 -12.94 12.49 -24.79
C ASP B 98 -11.46 12.80 -24.94
N ARG B 99 -10.74 12.85 -23.83
CA ARG B 99 -9.33 13.19 -23.89
C ARG B 99 -8.58 12.13 -24.68
N PHE B 100 -8.85 10.86 -24.37
CA PHE B 100 -8.15 9.76 -25.04
C PHE B 100 -8.42 9.77 -26.55
N ALA B 101 -9.66 10.04 -26.94
CA ALA B 101 -10.01 10.17 -28.35
C ALA B 101 -9.17 11.25 -29.01
N GLU B 102 -9.04 12.41 -28.36
CA GLU B 102 -8.25 13.50 -28.92
C GLU B 102 -6.83 13.04 -29.05
N GLY B 103 -6.36 12.29 -28.05
CA GLY B 103 -4.99 11.83 -28.00
C GLY B 103 -4.24 12.32 -26.76
N ALA B 104 -3.14 11.64 -26.44
CA ALA B 104 -2.41 11.94 -25.21
C ALA B 104 -1.64 13.24 -25.28
N THR B 105 -1.68 14.01 -24.18
CA THR B 105 -0.78 15.16 -24.02
C THR B 105 0.58 14.66 -23.68
N THR B 106 1.51 15.59 -23.59
CA THR B 106 2.86 15.31 -23.16
C THR B 106 2.90 15.07 -21.64
N LYS B 107 3.87 14.28 -21.20
CA LYS B 107 3.95 13.85 -19.81
C LYS B 107 4.71 14.84 -18.97
N ASN B 108 4.11 15.25 -17.85
CA ASN B 108 4.79 16.08 -16.85
C ASN B 108 4.13 15.98 -15.47
N VAL B 109 4.64 16.74 -14.52
CA VAL B 109 4.16 16.66 -13.14
C VAL B 109 2.66 16.84 -13.07
N ASN B 110 2.13 17.70 -13.93
CA ASN B 110 0.75 18.09 -13.82
C ASN B 110 -0.21 17.22 -14.58
N THR B 111 0.17 16.84 -15.80
CA THR B 111 -0.69 16.05 -16.64
C THR B 111 -0.87 14.64 -16.05
N MSE B 112 -0.06 14.34 -15.04
CA MSE B 112 -0.13 13.05 -14.36
C MSE B 112 -1.37 12.97 -13.46
O MSE B 112 -1.96 11.90 -13.33
CB MSE B 112 1.09 12.89 -13.44
CG MSE B 112 2.15 11.90 -13.94
SE MSE B 112 1.70 10.02 -13.78
CE MSE B 112 0.26 10.16 -12.51
N ALA B 113 -1.75 14.09 -12.85
CA ALA B 113 -2.79 14.07 -11.81
C ALA B 113 -4.04 13.22 -12.14
N PRO B 114 -4.60 13.39 -13.34
CA PRO B 114 -5.86 12.70 -13.64
C PRO B 114 -5.74 11.17 -13.55
N PHE B 115 -4.53 10.63 -13.70
CA PHE B 115 -4.37 9.18 -13.62
C PHE B 115 -4.61 8.61 -12.22
N LEU B 116 -4.65 9.46 -11.21
CA LEU B 116 -5.02 8.97 -9.89
C LEU B 116 -6.44 8.46 -9.96
N THR B 117 -7.32 9.28 -10.54
CA THR B 117 -8.74 8.93 -10.64
C THR B 117 -8.94 7.76 -11.60
N LEU B 118 -8.18 7.75 -12.69
CA LEU B 118 -8.27 6.62 -13.62
C LEU B 118 -7.91 5.30 -12.95
N ALA B 119 -6.97 5.32 -12.03
CA ALA B 119 -6.58 4.12 -11.31
C ALA B 119 -7.80 3.58 -10.55
N TYR B 120 -8.52 4.48 -9.89
CA TYR B 120 -9.75 4.10 -9.22
C TYR B 120 -10.81 3.51 -10.16
N ARG B 121 -10.98 4.10 -11.34
CA ARG B 121 -12.01 3.59 -12.26
C ARG B 121 -11.61 2.23 -12.83
N TYR B 122 -10.31 2.04 -13.05
CA TYR B 122 -9.80 0.74 -13.52
C TYR B 122 -9.99 -0.30 -12.43
N GLU B 123 -9.75 0.07 -11.18
CA GLU B 123 -9.99 -0.82 -10.06
C GLU B 123 -11.41 -1.32 -10.04
N GLU B 124 -12.37 -0.42 -10.27
CA GLU B 124 -13.76 -0.81 -10.28
C GLU B 124 -14.12 -1.58 -11.56
N THR B 125 -13.78 -1.00 -12.72
CA THR B 125 -14.24 -1.54 -13.99
C THR B 125 -13.36 -2.63 -14.61
N ARG B 126 -12.06 -2.56 -14.37
CA ARG B 126 -11.12 -3.52 -14.93
C ARG B 126 -11.14 -3.39 -16.43
N ASN B 127 -11.46 -2.20 -16.88
CA ASN B 127 -11.46 -1.87 -18.30
C ASN B 127 -10.04 -2.04 -18.88
N PRO B 128 -9.85 -3.03 -19.76
CA PRO B 128 -8.49 -3.35 -20.19
C PRO B 128 -7.84 -2.23 -21.02
N ALA B 129 -8.67 -1.34 -21.56
CA ALA B 129 -8.16 -0.23 -22.36
C ALA B 129 -7.50 0.81 -21.47
N TYR B 130 -7.74 0.73 -20.16
CA TYR B 130 -7.13 1.65 -19.20
C TYR B 130 -5.72 1.25 -18.78
N LEU B 131 -5.43 -0.04 -18.77
CA LEU B 131 -4.14 -0.51 -18.27
C LEU B 131 -2.94 0.14 -18.98
N PRO B 132 -2.89 0.09 -20.32
CA PRO B 132 -1.72 0.66 -21.02
C PRO B 132 -1.54 2.12 -20.61
N TRP B 133 -2.61 2.84 -20.37
CA TRP B 133 -2.44 4.23 -19.92
C TRP B 133 -1.74 4.27 -18.59
N LEU B 134 -2.25 3.49 -17.64
CA LEU B 134 -1.72 3.48 -16.28
C LEU B 134 -0.27 3.00 -16.24
N GLU B 135 0.02 1.89 -16.90
CA GLU B 135 1.39 1.42 -16.96
C GLU B 135 2.31 2.47 -17.61
N THR B 136 1.86 3.09 -18.69
CA THR B 136 2.80 3.92 -19.44
C THR B 136 3.21 5.15 -18.62
N TRP B 137 2.23 5.81 -18.01
CA TRP B 137 2.49 7.01 -17.23
C TRP B 137 3.25 6.74 -15.92
N ALA B 138 3.01 5.59 -15.30
CA ALA B 138 3.73 5.21 -14.10
C ALA B 138 5.17 4.83 -14.42
N GLU B 139 5.38 4.15 -15.55
CA GLU B 139 6.75 3.85 -15.96
C GLU B 139 7.51 5.14 -16.22
N TRP B 140 6.84 6.10 -16.84
CA TRP B 140 7.42 7.42 -17.01
C TRP B 140 7.84 8.07 -15.70
N ALA B 141 6.94 8.02 -14.72
CA ALA B 141 7.23 8.65 -13.44
C ALA B 141 8.47 8.01 -12.81
N MSE B 142 8.60 6.70 -12.97
CA MSE B 142 9.68 5.95 -12.36
C MSE B 142 11.02 6.14 -13.08
O MSE B 142 12.04 6.36 -12.43
CB MSE B 142 9.35 4.45 -12.37
CG MSE B 142 8.23 4.06 -11.43
SE MSE B 142 8.85 4.23 -9.58
CE MSE B 142 10.09 2.75 -9.47
N ASN B 143 11.00 6.10 -14.41
CA ASN B 143 12.22 5.90 -15.19
C ASN B 143 12.65 7.03 -16.13
N GLU B 144 11.78 8.00 -16.39
CA GLU B 144 12.08 9.02 -17.39
C GLU B 144 11.88 10.45 -16.91
N MSE B 145 10.96 10.64 -15.97
CA MSE B 145 10.75 11.95 -15.38
C MSE B 145 12.12 12.41 -14.85
O MSE B 145 12.84 11.62 -14.24
CB MSE B 145 9.75 11.83 -14.23
CG MSE B 145 9.20 13.14 -13.71
SE MSE B 145 8.25 12.76 -12.03
CE MSE B 145 7.36 14.50 -11.84
N PRO B 146 12.49 13.66 -15.15
CA PRO B 146 13.77 14.21 -14.69
C PRO B 146 13.89 14.15 -13.18
N ARG B 147 15.08 13.85 -12.69
CA ARG B 147 15.35 13.89 -11.27
C ARG B 147 16.31 15.02 -10.92
N THR B 148 16.13 15.60 -9.75
CA THR B 148 17.09 16.55 -9.20
C THR B 148 18.17 15.75 -8.48
N ASP B 149 19.17 16.44 -7.93
CA ASP B 149 20.11 15.81 -7.00
C ASP B 149 19.36 14.88 -6.05
N HIS B 150 19.98 13.76 -5.68
CA HIS B 150 19.44 12.84 -4.69
C HIS B 150 18.15 12.20 -5.16
N GLY B 151 17.92 12.21 -6.47
CA GLY B 151 16.76 11.52 -7.04
C GLY B 151 15.43 12.17 -6.72
N GLY B 152 15.48 13.43 -6.31
CA GLY B 152 14.27 14.19 -6.15
C GLY B 152 13.51 14.34 -7.46
N MSE B 153 12.22 14.05 -7.44
CA MSE B 153 11.39 14.34 -8.59
C MSE B 153 11.30 15.82 -8.90
O MSE B 153 10.74 16.64 -8.15
CB MSE B 153 9.97 13.81 -8.41
CG MSE B 153 9.84 12.34 -8.60
SE MSE B 153 7.97 11.86 -8.56
CE MSE B 153 8.20 9.99 -8.99
N GLN B 154 11.87 16.18 -10.05
CA GLN B 154 11.85 17.55 -10.50
C GLN B 154 10.43 17.94 -10.88
N HIS B 155 10.03 19.15 -10.52
CA HIS B 155 8.70 19.65 -10.85
C HIS B 155 8.62 20.27 -12.28
N ILE B 156 8.78 19.45 -13.33
CA ILE B 156 8.68 19.93 -14.71
C ILE B 156 7.24 20.14 -15.11
N THR B 157 6.95 21.33 -15.58
CA THR B 157 5.60 21.68 -15.94
C THR B 157 5.49 21.58 -17.48
N LEU B 158 4.34 21.97 -18.02
CA LEU B 158 4.16 21.92 -19.46
C LEU B 158 5.13 22.87 -20.18
N ALA B 159 5.40 24.01 -19.57
CA ALA B 159 6.14 25.05 -20.26
C ALA B 159 7.47 25.39 -19.57
N GLU B 160 7.77 24.72 -18.48
CA GLU B 160 9.07 24.95 -17.82
C GLU B 160 9.71 23.68 -17.30
N GLU B 161 11.03 23.62 -17.44
CA GLU B 161 11.77 22.50 -16.89
C GLU B 161 11.84 22.57 -15.38
N ASN B 162 11.97 23.78 -14.83
CA ASN B 162 12.29 23.97 -13.41
C ASN B 162 13.42 23.06 -12.93
N HIS B 163 14.55 23.16 -13.63
CA HIS B 163 15.75 22.37 -13.37
C HIS B 163 16.13 22.33 -11.88
N GLN B 164 16.34 21.13 -11.36
CA GLN B 164 16.79 20.96 -9.97
C GLN B 164 15.81 21.51 -8.92
N GLN B 165 14.56 21.80 -9.35
CA GLN B 165 13.52 22.34 -8.46
C GLN B 165 12.52 21.31 -7.93
N MSE B 166 12.19 21.40 -6.63
CA MSE B 166 11.17 20.56 -6.00
C MSE B 166 10.07 21.44 -5.38
O MSE B 166 10.39 22.42 -4.67
CB MSE B 166 11.79 19.65 -4.94
CG MSE B 166 12.66 18.53 -5.50
SE MSE B 166 13.58 17.50 -4.09
CE MSE B 166 12.08 16.41 -3.40
N TRP B 167 8.81 21.12 -5.66
CA TRP B 167 7.66 21.91 -5.21
C TRP B 167 6.66 21.08 -4.39
N ASP B 168 5.82 21.77 -3.60
CA ASP B 168 4.82 21.10 -2.77
C ASP B 168 3.91 20.25 -3.64
N ASP B 169 3.53 20.82 -4.79
CA ASP B 169 2.47 20.33 -5.65
C ASP B 169 2.77 18.93 -6.15
N THR B 170 4.03 18.63 -6.39
CA THR B 170 4.43 17.35 -6.96
C THR B 170 3.88 16.15 -6.16
N LEU B 171 3.79 16.30 -4.85
CA LEU B 171 3.24 15.24 -4.01
C LEU B 171 1.79 14.87 -4.40
N MSE B 172 0.95 15.87 -4.65
CA MSE B 172 -0.43 15.66 -5.12
C MSE B 172 -0.54 15.23 -6.60
O MSE B 172 -1.21 14.27 -6.95
CB MSE B 172 -1.26 16.92 -4.93
CG MSE B 172 -2.69 16.78 -5.45
SE MSE B 172 -3.76 15.75 -4.20
CE MSE B 172 -4.02 14.14 -5.28
N MSE B 173 0.13 15.97 -7.46
CA MSE B 173 -0.03 15.77 -8.89
C MSE B 173 0.62 14.52 -9.47
O MSE B 173 0.13 13.96 -10.45
CB MSE B 173 0.45 17.02 -9.64
CG MSE B 173 -0.16 18.30 -9.15
SE MSE B 173 -2.05 18.29 -8.73
CE MSE B 173 -2.16 20.02 -7.86
N THR B 174 1.72 14.06 -8.87
CA THR B 174 2.39 12.90 -9.43
C THR B 174 2.65 11.79 -8.42
N VAL B 175 3.11 12.16 -7.22
CA VAL B 175 3.44 11.15 -6.23
C VAL B 175 2.25 10.31 -5.78
N LEU B 176 1.16 10.95 -5.37
CA LEU B 176 -0.01 10.18 -4.96
C LEU B 176 -0.54 9.27 -6.06
N PRO B 177 -0.66 9.77 -7.31
CA PRO B 177 -1.04 8.89 -8.43
C PRO B 177 -0.09 7.69 -8.57
N LEU B 178 1.23 7.93 -8.52
CA LEU B 178 2.20 6.84 -8.55
C LEU B 178 1.89 5.80 -7.48
N ALA B 179 1.73 6.25 -6.24
CA ALA B 179 1.48 5.34 -5.14
C ALA B 179 0.21 4.50 -5.39
N LYS B 180 -0.89 5.16 -5.77
CA LYS B 180 -2.11 4.41 -5.96
C LYS B 180 -1.92 3.34 -7.02
N ILE B 181 -1.24 3.71 -8.10
CA ILE B 181 -0.98 2.78 -9.19
C ILE B 181 -0.11 1.62 -8.72
N GLY B 182 0.80 1.91 -7.79
CA GLY B 182 1.69 0.90 -7.23
C GLY B 182 0.94 -0.18 -6.46
N LYS B 183 0.04 0.26 -5.58
CA LYS B 183 -0.85 -0.65 -4.86
C LYS B 183 -1.77 -1.44 -5.79
N LEU B 184 -2.40 -0.74 -6.73
CA LEU B 184 -3.39 -1.33 -7.60
C LEU B 184 -2.78 -2.42 -8.49
N LEU B 185 -1.62 -2.10 -9.07
CA LEU B 185 -0.98 -3.01 -10.01
C LEU B 185 -0.01 -3.95 -9.29
N ASN B 186 -0.08 -3.98 -7.97
CA ASN B 186 0.90 -4.72 -7.17
C ASN B 186 2.33 -4.47 -7.67
N ARG B 187 2.74 -3.21 -7.67
CA ARG B 187 4.11 -2.87 -7.98
C ARG B 187 4.73 -2.05 -6.87
N PRO B 188 5.22 -2.75 -5.84
CA PRO B 188 5.73 -2.17 -4.61
C PRO B 188 6.85 -1.18 -4.90
N GLU B 189 7.65 -1.43 -5.93
CA GLU B 189 8.70 -0.46 -6.29
C GLU B 189 8.11 0.94 -6.39
N TYR B 190 6.91 1.02 -6.99
CA TYR B 190 6.24 2.31 -7.18
C TYR B 190 5.98 2.97 -5.83
N VAL B 191 5.61 2.13 -4.86
CA VAL B 191 5.22 2.64 -3.56
C VAL B 191 6.47 3.06 -2.79
N GLU B 192 7.55 2.31 -2.95
CA GLU B 192 8.79 2.67 -2.30
C GLU B 192 9.29 4.00 -2.88
N GLU B 193 9.22 4.13 -4.20
CA GLU B 193 9.69 5.37 -4.82
C GLU B 193 8.89 6.54 -4.22
N ALA B 194 7.57 6.37 -4.15
CA ALA B 194 6.65 7.37 -3.61
C ALA B 194 6.99 7.77 -2.18
N THR B 195 7.30 6.76 -1.37
CA THR B 195 7.57 6.99 0.03
C THR B 195 8.87 7.79 0.12
N TYR B 196 9.83 7.40 -0.70
CA TYR B 196 11.10 8.11 -0.75
C TYR B 196 10.87 9.58 -1.12
N GLN B 197 9.98 9.82 -2.07
CA GLN B 197 9.74 11.21 -2.46
C GLN B 197 9.11 11.97 -1.29
N PHE B 198 8.26 11.31 -0.50
CA PHE B 198 7.67 12.03 0.61
C PHE B 198 8.76 12.48 1.54
N LEU B 199 9.62 11.55 1.91
CA LEU B 199 10.70 11.86 2.82
C LEU B 199 11.57 13.01 2.27
N LEU B 200 11.98 12.93 1.01
CA LEU B 200 12.87 13.98 0.48
C LEU B 200 12.14 15.33 0.41
N HIS B 201 10.87 15.34 0.05
CA HIS B 201 10.15 16.60 0.02
C HIS B 201 10.03 17.20 1.42
N VAL B 202 9.72 16.37 2.42
CA VAL B 202 9.68 16.85 3.79
C VAL B 202 11.01 17.55 4.09
N GLN B 203 12.10 16.83 3.87
CA GLN B 203 13.44 17.36 4.08
C GLN B 203 13.66 18.77 3.47
N ASN B 204 13.28 18.95 2.21
CA ASN B 204 13.66 20.19 1.51
C ASN B 204 12.65 21.31 1.58
N LEU B 205 11.43 20.99 2.03
CA LEU B 205 10.34 21.95 1.98
C LEU B 205 9.69 22.28 3.33
N MSE B 206 9.63 21.31 4.23
CA MSE B 206 8.96 21.59 5.49
C MSE B 206 9.76 22.59 6.33
O MSE B 206 10.98 22.52 6.41
CB MSE B 206 8.72 20.32 6.31
CG MSE B 206 8.42 20.70 7.76
SE MSE B 206 8.69 19.26 8.97
CE MSE B 206 7.41 19.79 10.36
N ASP B 207 9.06 23.54 6.95
CA ASP B 207 9.74 24.55 7.75
C ASP B 207 9.69 24.21 9.24
N LYS B 208 10.80 23.69 9.77
CA LYS B 208 10.80 23.21 11.16
C LYS B 208 10.46 24.34 12.15
N GLU B 209 10.72 25.57 11.75
CA GLU B 209 10.47 26.73 12.62
C GLU B 209 8.99 27.00 12.88
N THR B 210 8.13 26.61 11.94
CA THR B 210 6.71 26.95 12.03
C THR B 210 5.78 25.74 11.95
N GLY B 211 6.19 24.72 11.22
CA GLY B 211 5.33 23.57 10.98
C GLY B 211 4.71 23.68 9.60
N LEU B 212 4.93 24.80 8.94
CA LEU B 212 4.42 25.01 7.59
C LEU B 212 5.48 24.66 6.57
N TRP B 213 5.08 24.65 5.31
CA TRP B 213 5.99 24.26 4.26
C TRP B 213 6.34 25.47 3.41
N PHE B 214 7.54 25.45 2.85
CA PHE B 214 7.90 26.45 1.87
C PHE B 214 7.42 25.97 0.53
N HIS B 215 7.12 26.92 -0.36
CA HIS B 215 6.53 26.59 -1.65
C HIS B 215 7.49 25.70 -2.45
N GLY B 216 8.73 26.15 -2.61
CA GLY B 216 9.70 25.44 -3.43
C GLY B 216 11.11 25.31 -2.87
N TRP B 217 11.88 24.42 -3.49
CA TRP B 217 13.29 24.25 -3.19
C TRP B 217 14.05 24.07 -4.49
N SER B 218 15.36 24.30 -4.44
CA SER B 218 16.19 24.09 -5.59
C SER B 218 17.59 23.62 -5.22
N TYR B 219 18.03 22.53 -5.83
CA TYR B 219 19.42 22.11 -5.67
C TYR B 219 20.38 22.96 -6.50
N ASP B 220 19.83 23.96 -7.18
CA ASP B 220 20.70 24.91 -7.87
C ASP B 220 20.86 26.16 -7.01
N GLY B 221 21.77 26.10 -6.05
CA GLY B 221 21.95 27.18 -5.11
C GLY B 221 21.44 26.78 -3.74
N HIS B 222 20.87 25.57 -3.65
CA HIS B 222 20.37 25.04 -2.37
C HIS B 222 19.55 26.02 -1.54
N HIS B 223 18.35 26.35 -2.01
CA HIS B 223 17.55 27.37 -1.33
C HIS B 223 16.04 27.20 -1.53
N ASN B 224 15.27 28.01 -0.82
CA ASN B 224 13.82 27.97 -0.88
C ASN B 224 13.16 29.21 -1.51
N PHE B 225 13.80 29.74 -2.54
CA PHE B 225 13.25 30.87 -3.27
C PHE B 225 12.84 31.96 -2.27
N ALA B 226 11.60 32.43 -2.27
CA ALA B 226 11.22 33.45 -1.30
C ALA B 226 10.94 32.91 0.10
N ASN B 227 11.08 31.61 0.30
CA ASN B 227 10.74 31.06 1.61
C ASN B 227 9.26 31.32 1.88
N ALA B 228 8.47 31.36 0.81
CA ALA B 228 7.02 31.57 0.93
C ALA B 228 6.29 30.39 1.58
N ARG B 229 5.54 30.70 2.63
CA ARG B 229 4.63 29.73 3.21
C ARG B 229 3.26 29.92 2.54
N TRP B 230 3.20 29.52 1.28
CA TRP B 230 2.04 29.77 0.42
C TRP B 230 0.91 28.78 0.73
N ALA B 231 -0.28 29.31 1.00
CA ALA B 231 -1.42 28.51 1.41
C ALA B 231 -1.79 27.36 0.47
N ARG B 232 -2.12 27.67 -0.78
CA ARG B 232 -2.58 26.58 -1.63
C ARG B 232 -1.50 25.52 -1.73
N GLY B 233 -0.25 25.96 -1.86
CA GLY B 233 0.87 25.02 -1.81
C GLY B 233 0.79 24.14 -0.57
N ASN B 234 0.57 24.78 0.58
CA ASN B 234 0.47 24.04 1.84
C ASN B 234 -0.73 23.09 1.88
N SER B 235 -1.82 23.46 1.19
CA SER B 235 -3.03 22.66 1.25
C SER B 235 -2.86 21.32 0.55
N TRP B 236 -2.04 21.29 -0.51
CA TRP B 236 -1.69 20.00 -1.13
C TRP B 236 -1.16 19.01 -0.10
N LEU B 237 -0.39 19.49 0.87
CA LEU B 237 0.16 18.60 1.88
C LEU B 237 -0.90 18.11 2.83
N THR B 238 -1.80 19.01 3.19
CA THR B 238 -2.88 18.65 4.08
C THR B 238 -3.78 17.62 3.41
N ILE B 239 -3.93 17.71 2.08
CA ILE B 239 -4.76 16.76 1.34
C ILE B 239 -3.99 15.46 1.21
N VAL B 240 -2.73 15.56 0.81
CA VAL B 240 -1.97 14.39 0.38
C VAL B 240 -1.56 13.43 1.50
N ILE B 241 -1.09 13.97 2.62
CA ILE B 241 -0.62 13.09 3.69
C ILE B 241 -1.72 12.11 4.18
N PRO B 242 -2.91 12.62 4.52
CA PRO B 242 -3.95 11.68 4.96
C PRO B 242 -4.28 10.63 3.89
N ASP B 243 -4.39 11.05 2.63
CA ASP B 243 -4.68 10.09 1.56
C ASP B 243 -3.56 9.09 1.36
N PHE B 244 -2.31 9.58 1.43
CA PHE B 244 -1.13 8.72 1.34
C PHE B 244 -1.08 7.71 2.51
N LEU B 245 -1.34 8.19 3.72
CA LEU B 245 -1.41 7.28 4.88
C LEU B 245 -2.49 6.24 4.66
N GLU B 246 -3.63 6.68 4.13
CA GLU B 246 -4.74 5.78 3.89
C GLU B 246 -4.28 4.65 2.98
N LEU B 247 -3.66 5.01 1.86
CA LEU B 247 -3.20 4.03 0.90
C LEU B 247 -2.17 3.07 1.51
N LEU B 248 -1.19 3.60 2.23
CA LEU B 248 -0.12 2.78 2.80
C LEU B 248 -0.67 1.79 3.85
N ASP B 249 -1.70 2.21 4.59
CA ASP B 249 -2.37 1.32 5.54
C ASP B 249 -1.36 0.59 6.42
N LEU B 250 -0.48 1.36 7.06
CA LEU B 250 0.58 0.84 7.94
C LEU B 250 0.17 0.72 9.41
N PRO B 251 0.77 -0.23 10.14
CA PRO B 251 0.52 -0.33 11.58
C PRO B 251 0.78 1.00 12.27
N GLU B 252 0.11 1.21 13.38
CA GLU B 252 0.20 2.48 14.09
C GLU B 252 1.62 2.80 14.57
N ASN B 253 2.36 1.78 15.01
CA ASN B 253 3.72 1.97 15.52
C ASN B 253 4.82 2.11 14.43
N ASN B 254 4.45 1.90 13.17
CA ASN B 254 5.39 1.99 12.06
C ASN B 254 6.08 3.35 12.04
N ALA B 255 7.39 3.34 11.84
CA ALA B 255 8.17 4.57 11.99
C ALA B 255 7.85 5.60 10.91
N VAL B 256 7.70 5.15 9.67
CA VAL B 256 7.27 6.00 8.57
C VAL B 256 5.86 6.58 8.78
N ARG B 257 4.95 5.73 9.24
CA ARG B 257 3.60 6.19 9.52
C ARG B 257 3.61 7.28 10.61
N ARG B 258 4.32 7.00 11.72
CA ARG B 258 4.50 7.99 12.79
C ARG B 258 5.11 9.27 12.23
N TYR B 259 6.12 9.11 11.41
CA TYR B 259 6.83 10.28 10.91
C TYR B 259 5.85 11.17 10.13
N LEU B 260 5.12 10.56 9.21
CA LEU B 260 4.18 11.28 8.33
C LEU B 260 3.08 11.97 9.14
N VAL B 261 2.55 11.22 10.09
CA VAL B 261 1.62 11.76 11.04
C VAL B 261 2.22 12.95 11.81
N GLN B 262 3.49 12.83 12.21
CA GLN B 262 4.14 13.92 12.95
C GLN B 262 4.18 15.20 12.11
N VAL B 263 4.48 15.04 10.82
CA VAL B 263 4.57 16.18 9.89
C VAL B 263 3.20 16.78 9.73
N LEU B 264 2.20 15.92 9.59
CA LEU B 264 0.83 16.37 9.47
C LEU B 264 0.45 17.15 10.72
N ASN B 265 0.72 16.58 11.90
CA ASN B 265 0.37 17.28 13.15
C ASN B 265 1.05 18.64 13.28
N ALA B 266 2.31 18.73 12.86
CA ALA B 266 3.02 20.01 12.89
C ALA B 266 2.32 21.01 12.01
N GLN B 267 1.90 20.58 10.82
CA GLN B 267 1.22 21.51 9.92
C GLN B 267 -0.15 21.95 10.42
N ILE B 268 -0.95 21.00 10.87
CA ILE B 268 -2.31 21.31 11.28
C ILE B 268 -2.26 22.17 12.55
N ALA B 269 -1.29 21.87 13.42
CA ALA B 269 -1.12 22.64 14.64
C ALA B 269 -0.90 24.11 14.27
N ALA B 270 -0.03 24.34 13.29
CA ALA B 270 0.23 25.71 12.83
C ALA B 270 -0.94 26.34 12.05
N LEU B 271 -1.66 25.53 11.28
CA LEU B 271 -2.77 26.07 10.51
C LEU B 271 -3.84 26.58 11.46
N ALA B 272 -4.12 25.78 12.49
CA ALA B 272 -5.16 26.12 13.44
C ALA B 272 -4.81 27.42 14.14
N LYS B 273 -3.51 27.68 14.30
CA LYS B 273 -3.09 28.91 14.94
C LYS B 273 -3.21 30.13 14.03
N CYS B 274 -3.04 29.97 12.72
CA CYS B 274 -3.02 31.14 11.84
C CYS B 274 -4.29 31.32 10.98
N GLN B 275 -5.32 30.55 11.30
CA GLN B 275 -6.62 30.66 10.67
C GLN B 275 -7.36 31.96 11.03
N ASP B 276 -7.61 32.78 10.01
CA ASP B 276 -8.48 33.95 10.11
C ASP B 276 -9.82 33.58 10.77
N GLU B 277 -10.43 34.56 11.45
CA GLU B 277 -11.72 34.38 12.09
C GLU B 277 -12.84 34.04 11.10
N SER B 278 -12.64 34.40 9.84
CA SER B 278 -13.60 34.05 8.78
C SER B 278 -13.58 32.55 8.47
N GLY B 279 -12.56 31.86 8.96
CA GLY B 279 -12.43 30.44 8.70
C GLY B 279 -11.51 30.15 7.54
N LEU B 280 -11.20 31.20 6.77
CA LEU B 280 -10.29 31.06 5.64
C LEU B 280 -8.84 31.32 6.07
N TRP B 281 -7.91 30.96 5.20
CA TRP B 281 -6.51 31.29 5.41
C TRP B 281 -6.01 32.32 4.39
N HIS B 282 -4.96 33.05 4.80
CA HIS B 282 -4.28 34.02 3.96
C HIS B 282 -3.36 33.33 2.95
N THR B 283 -3.29 33.88 1.74
CA THR B 283 -2.50 33.22 0.67
C THR B 283 -1.02 33.08 1.02
N LEU B 284 -0.52 34.04 1.79
CA LEU B 284 0.72 33.89 2.54
C LEU B 284 0.26 33.67 3.96
N LEU B 285 0.48 32.46 4.47
CA LEU B 285 -0.18 31.98 5.68
C LEU B 285 0.21 32.76 6.93
N ASP B 286 1.42 33.30 6.92
CA ASP B 286 1.95 33.94 8.11
C ASP B 286 1.85 35.47 8.02
N ASP B 287 1.25 35.95 6.94
CA ASP B 287 1.05 37.38 6.75
C ASP B 287 -0.42 37.74 6.59
N PRO B 288 -1.04 38.27 7.67
CA PRO B 288 -2.44 38.71 7.59
C PRO B 288 -2.71 39.67 6.42
N HIS B 289 -1.82 40.62 6.18
CA HIS B 289 -2.07 41.62 5.13
C HIS B 289 -2.12 40.94 3.78
N SER B 290 -1.96 39.62 3.81
CA SER B 290 -2.14 38.80 2.63
C SER B 290 -3.65 38.66 2.40
N TYR B 291 -4.09 38.64 1.14
CA TYR B 291 -5.50 38.39 0.91
C TYR B 291 -5.87 36.94 1.19
N LEU B 292 -7.15 36.71 1.47
CA LEU B 292 -7.68 35.40 1.79
C LEU B 292 -7.84 34.59 0.52
N GLU B 293 -7.50 33.30 0.59
CA GLU B 293 -7.64 32.44 -0.57
C GLU B 293 -8.48 31.20 -0.19
N ALA B 294 -9.59 31.04 -0.91
CA ALA B 294 -10.61 30.03 -0.61
C ALA B 294 -10.24 28.62 -1.08
N SER B 295 -9.60 28.52 -2.23
CA SER B 295 -9.22 27.20 -2.70
C SER B 295 -8.30 26.53 -1.68
N ALA B 296 -7.36 27.31 -1.12
CA ALA B 296 -6.45 26.77 -0.13
C ALA B 296 -7.27 26.36 1.07
N THR B 297 -8.13 27.26 1.52
CA THR B 297 -8.99 26.97 2.64
C THR B 297 -9.74 25.65 2.45
N ALA B 298 -10.20 25.37 1.23
CA ALA B 298 -10.87 24.11 0.97
C ALA B 298 -9.94 22.93 1.12
N GLY B 299 -8.73 23.07 0.56
CA GLY B 299 -7.73 22.03 0.70
C GLY B 299 -7.52 21.70 2.17
N PHE B 300 -7.42 22.76 2.99
CA PHE B 300 -7.20 22.58 4.43
C PHE B 300 -8.41 21.92 5.11
N ALA B 301 -9.62 22.30 4.70
CA ALA B 301 -10.81 21.75 5.32
C ALA B 301 -10.84 20.26 5.05
N TYR B 302 -10.56 19.88 3.82
CA TYR B 302 -10.57 18.47 3.46
C TYR B 302 -9.60 17.70 4.33
N GLY B 303 -8.34 18.13 4.31
CA GLY B 303 -7.28 17.46 5.05
C GLY B 303 -7.56 17.39 6.53
N ILE B 304 -7.98 18.50 7.12
CA ILE B 304 -8.21 18.50 8.56
C ILE B 304 -9.36 17.54 8.89
N LEU B 305 -10.48 17.73 8.19
CA LEU B 305 -11.63 16.84 8.33
C LEU B 305 -11.21 15.39 8.23
N LYS B 306 -10.39 15.06 7.24
CA LYS B 306 -9.99 13.67 7.06
C LYS B 306 -9.05 13.22 8.15
N ALA B 307 -8.07 14.05 8.49
CA ALA B 307 -7.14 13.71 9.57
C ALA B 307 -7.86 13.42 10.90
N VAL B 308 -8.91 14.18 11.18
CA VAL B 308 -9.69 13.94 12.40
C VAL B 308 -10.41 12.61 12.35
N ARG B 309 -11.12 12.39 11.26
CA ARG B 309 -11.83 11.15 11.03
C ARG B 309 -10.92 9.94 11.21
N LYS B 310 -9.81 9.91 10.46
CA LYS B 310 -8.86 8.80 10.52
C LYS B 310 -8.08 8.82 11.83
N ARG B 311 -8.30 9.86 12.62
CA ARG B 311 -7.68 9.99 13.93
C ARG B 311 -6.16 10.18 13.83
N TYR B 312 -5.69 10.60 12.66
CA TYR B 312 -4.30 11.04 12.52
C TYR B 312 -4.03 12.24 13.42
N VAL B 313 -5.03 13.09 13.61
CA VAL B 313 -4.94 14.17 14.60
C VAL B 313 -6.13 14.09 15.56
N GLU B 314 -6.00 14.74 16.71
CA GLU B 314 -7.05 14.76 17.73
C GLU B 314 -8.36 15.38 17.24
N ARG B 315 -9.47 14.87 17.80
CA ARG B 315 -10.83 15.33 17.50
C ARG B 315 -11.03 16.84 17.57
N HIS B 316 -10.35 17.49 18.51
CA HIS B 316 -10.67 18.88 18.79
C HIS B 316 -10.39 19.79 17.60
N TYR B 317 -9.72 19.25 16.59
CA TYR B 317 -9.35 20.06 15.43
C TYR B 317 -10.56 20.22 14.55
N ALA B 318 -11.55 19.37 14.77
CA ALA B 318 -12.79 19.46 14.03
C ALA B 318 -13.30 20.90 14.11
N GLN B 319 -12.99 21.57 15.21
CA GLN B 319 -13.39 22.97 15.40
C GLN B 319 -12.81 23.87 14.31
N VAL B 320 -11.55 23.65 13.95
CA VAL B 320 -10.92 24.41 12.90
C VAL B 320 -11.60 24.12 11.56
N ALA B 321 -11.81 22.84 11.29
CA ALA B 321 -12.41 22.42 10.03
C ALA B 321 -13.80 23.03 9.88
N GLU B 322 -14.56 22.96 10.98
CA GLU B 322 -15.95 23.38 10.96
C GLU B 322 -16.02 24.87 10.58
N LYS B 323 -15.09 25.65 11.12
CA LYS B 323 -15.04 27.08 10.85
C LYS B 323 -14.71 27.30 9.38
N ALA B 324 -13.73 26.54 8.88
CA ALA B 324 -13.32 26.63 7.48
C ALA B 324 -14.46 26.23 6.53
N ILE B 325 -15.15 25.14 6.86
CA ILE B 325 -16.28 24.66 6.06
C ILE B 325 -17.40 25.70 5.97
N ARG B 326 -17.71 26.36 7.09
CA ARG B 326 -18.71 27.42 7.06
C ARG B 326 -18.25 28.54 6.15
N GLY B 327 -16.94 28.77 6.13
CA GLY B 327 -16.35 29.83 5.33
C GLY B 327 -16.40 29.52 3.85
N ILE B 328 -16.04 28.27 3.52
CA ILE B 328 -16.11 27.82 2.13
C ILE B 328 -17.53 28.02 1.61
N VAL B 329 -18.52 27.62 2.40
CA VAL B 329 -19.91 27.70 1.94
C VAL B 329 -20.34 29.15 1.72
N LYS B 330 -19.88 30.06 2.59
CA LYS B 330 -20.24 31.46 2.42
C LYS B 330 -19.59 32.01 1.16
N HIS B 331 -18.63 31.28 0.62
CA HIS B 331 -17.91 31.77 -0.54
C HIS B 331 -18.31 31.06 -1.81
N ILE B 332 -19.47 30.41 -1.80
CA ILE B 332 -19.92 29.75 -3.01
C ILE B 332 -21.11 30.48 -3.62
N SER B 333 -20.85 31.31 -4.63
CA SER B 333 -21.91 32.03 -5.32
C SER B 333 -23.15 31.16 -5.61
N PRO B 334 -24.30 31.80 -5.85
CA PRO B 334 -25.47 31.04 -6.27
C PRO B 334 -25.19 30.32 -7.59
N GLU B 335 -24.20 30.79 -8.35
CA GLU B 335 -23.87 30.16 -9.64
C GLU B 335 -23.11 28.87 -9.40
N GLY B 336 -22.61 28.72 -8.18
CA GLY B 336 -21.91 27.51 -7.81
C GLY B 336 -20.41 27.71 -7.95
N GLU B 337 -19.99 28.97 -7.95
CA GLU B 337 -18.57 29.28 -8.08
C GLU B 337 -17.88 29.59 -6.76
N LEU B 338 -16.73 28.98 -6.54
CA LEU B 338 -15.93 29.29 -5.36
C LEU B 338 -15.22 30.62 -5.57
N LEU B 339 -15.72 31.67 -4.94
CA LEU B 339 -15.07 32.96 -4.95
C LEU B 339 -13.69 32.93 -4.26
N GLN B 340 -12.94 34.02 -4.38
CA GLN B 340 -11.61 34.15 -3.78
C GLN B 340 -10.65 33.01 -4.14
N THR B 341 -10.60 32.67 -5.42
CA THR B 341 -9.72 31.60 -5.88
C THR B 341 -8.62 32.11 -6.84
N SER B 342 -7.37 31.97 -6.41
CA SER B 342 -6.19 32.44 -7.12
C SER B 342 -5.85 31.60 -8.35
N PHE B 343 -5.24 32.23 -9.36
CA PHE B 343 -4.85 31.56 -10.59
C PHE B 343 -3.56 30.76 -10.40
N GLY B 344 -3.25 29.90 -11.37
CA GLY B 344 -1.98 29.18 -11.40
C GLY B 344 -0.85 30.05 -10.87
N THR B 345 -0.50 29.83 -9.60
CA THR B 345 0.58 30.53 -8.94
C THR B 345 1.86 29.77 -9.25
N GLY B 346 2.91 30.49 -9.67
CA GLY B 346 4.19 29.84 -9.96
C GLY B 346 5.17 29.91 -8.80
N MSE B 347 6.46 29.64 -9.05
CA MSE B 347 7.48 29.80 -8.02
C MSE B 347 7.90 31.26 -7.82
O MSE B 347 8.48 31.88 -8.72
CB MSE B 347 8.73 28.97 -8.35
CG MSE B 347 9.72 28.89 -7.21
SE MSE B 347 8.92 27.97 -5.67
CE MSE B 347 8.32 29.50 -4.73
N GLY B 348 7.62 31.80 -6.65
CA GLY B 348 7.95 33.19 -6.38
C GLY B 348 9.40 33.37 -5.98
N HIS B 349 10.01 34.45 -6.45
CA HIS B 349 11.38 34.77 -6.07
C HIS B 349 11.37 35.76 -4.92
N ASP B 350 10.18 36.28 -4.61
CA ASP B 350 9.99 37.18 -3.50
C ASP B 350 8.57 37.09 -3.01
N LEU B 351 8.32 37.49 -1.78
CA LEU B 351 7.02 37.38 -1.17
C LEU B 351 5.93 38.19 -1.87
N ASP B 352 6.19 39.47 -2.13
CA ASP B 352 5.25 40.32 -2.85
C ASP B 352 4.69 39.63 -4.10
N PHE B 353 5.45 38.70 -4.67
CA PHE B 353 5.00 37.93 -5.82
C PHE B 353 3.65 37.26 -5.55
N TYR B 354 3.59 36.47 -4.48
CA TYR B 354 2.35 35.80 -4.08
C TYR B 354 1.26 36.81 -3.80
N ARG B 355 1.64 37.97 -3.28
CA ARG B 355 0.67 39.00 -3.01
C ARG B 355 0.20 39.72 -4.27
N HIS B 356 0.47 39.13 -5.45
CA HIS B 356 0.06 39.75 -6.73
C HIS B 356 -0.52 38.74 -7.74
N ILE B 357 -1.18 37.71 -7.23
CA ILE B 357 -1.72 36.68 -8.10
C ILE B 357 -3.12 37.06 -8.58
N PRO B 358 -3.46 36.68 -9.85
CA PRO B 358 -4.79 36.73 -10.50
C PRO B 358 -5.78 35.74 -9.88
N LEU B 359 -7.02 36.18 -9.68
CA LEU B 359 -8.05 35.31 -9.08
C LEU B 359 -9.20 34.97 -10.05
N THR B 360 -9.34 33.67 -10.33
CA THR B 360 -10.21 33.14 -11.38
C THR B 360 -10.82 31.79 -10.99
N SER B 361 -12.04 31.52 -11.44
CA SER B 361 -12.58 30.17 -11.25
C SER B 361 -11.72 29.13 -11.98
N MSE B 362 -11.54 27.98 -11.36
CA MSE B 362 -10.69 26.98 -11.96
C MSE B 362 -11.12 25.63 -11.50
O MSE B 362 -11.57 25.46 -10.35
CB MSE B 362 -9.22 27.19 -11.56
CG MSE B 362 -8.56 28.46 -12.11
SE MSE B 362 -7.92 28.30 -13.95
CE MSE B 362 -6.35 27.16 -13.67
N PRO B 363 -10.95 24.63 -12.38
CA PRO B 363 -11.30 23.24 -12.08
C PRO B 363 -10.86 22.89 -10.66
N TYR B 364 -9.76 23.48 -10.18
CA TYR B 364 -9.28 23.20 -8.82
C TYR B 364 -10.05 23.94 -7.71
N GLY B 365 -10.43 25.20 -7.95
CA GLY B 365 -11.27 25.94 -7.02
C GLY B 365 -12.56 25.18 -6.67
N GLN B 366 -13.46 25.08 -7.65
CA GLN B 366 -14.66 24.27 -7.52
C GLN B 366 -14.29 22.86 -7.08
N ALA B 367 -13.25 22.31 -7.71
CA ALA B 367 -12.78 20.97 -7.38
C ALA B 367 -12.48 20.77 -5.90
N MSE B 368 -11.77 21.74 -5.34
CA MSE B 368 -11.34 21.63 -3.95
C MSE B 368 -12.52 21.92 -3.04
O MSE B 368 -12.65 21.34 -1.96
CB MSE B 368 -10.16 22.55 -3.68
CG MSE B 368 -8.86 22.06 -4.30
SE MSE B 368 -7.51 23.45 -4.46
CE MSE B 368 -6.65 23.17 -2.71
N ALA B 369 -13.39 22.80 -3.50
CA ALA B 369 -14.65 23.05 -2.79
C ALA B 369 -15.47 21.76 -2.68
N MSE B 370 -15.60 21.04 -3.78
CA MSE B 370 -16.39 19.81 -3.74
C MSE B 370 -15.69 18.71 -2.99
O MSE B 370 -16.32 17.81 -2.45
CB MSE B 370 -16.82 19.37 -5.14
CG MSE B 370 -15.82 18.51 -5.87
SE MSE B 370 -16.46 18.33 -7.70
CE MSE B 370 -16.67 20.24 -8.18
N LEU B 371 -14.37 18.79 -2.93
CA LEU B 371 -13.59 17.80 -2.20
C LEU B 371 -13.84 17.87 -0.68
N CYS B 372 -13.72 19.07 -0.11
CA CYS B 372 -13.92 19.24 1.33
C CYS B 372 -15.40 19.07 1.69
N LEU B 373 -16.30 19.57 0.84
CA LEU B 373 -17.74 19.37 1.06
C LEU B 373 -18.10 17.89 1.08
N THR B 374 -17.59 17.13 0.12
CA THR B 374 -17.85 15.70 0.08
C THR B 374 -17.37 15.02 1.35
N GLU B 375 -16.20 15.41 1.83
CA GLU B 375 -15.68 14.82 3.06
C GLU B 375 -16.57 15.25 4.24
N TYR B 376 -16.95 16.53 4.27
CA TYR B 376 -17.82 17.03 5.34
C TYR B 376 -19.13 16.28 5.38
N LEU B 377 -19.59 15.85 4.21
CA LEU B 377 -20.81 15.05 4.14
C LEU B 377 -20.73 13.80 5.01
N ARG B 378 -19.51 13.31 5.29
CA ARG B 378 -19.39 12.11 6.09
C ARG B 378 -19.92 12.36 7.50
N ASN B 379 -19.96 13.64 7.89
CA ASN B 379 -20.55 14.01 9.17
C ASN B 379 -22.05 13.72 9.30
N TYR B 380 -22.70 13.33 8.21
CA TYR B 380 -24.15 13.16 8.29
C TYR B 380 -24.58 11.70 8.38
N PHE B 381 -23.62 10.78 8.35
CA PHE B 381 -23.92 9.38 8.62
C PHE B 381 -23.94 9.18 10.12
N MSE C 4 2.95 36.86 -23.93
CA MSE C 4 3.83 35.88 -23.29
C MSE C 4 3.53 34.45 -23.74
O MSE C 4 2.73 33.76 -23.11
CB MSE C 4 3.73 35.97 -21.76
CG MSE C 4 4.20 34.71 -21.01
SE MSE C 4 6.07 34.67 -20.41
CE MSE C 4 7.01 34.99 -22.11
N VAL C 5 4.18 34.02 -24.81
CA VAL C 5 4.15 32.61 -25.21
C VAL C 5 5.43 31.91 -24.71
N TYR C 6 5.31 30.64 -24.36
CA TYR C 6 6.44 29.92 -23.77
C TYR C 6 7.31 29.24 -24.82
N PRO C 7 8.62 29.17 -24.54
CA PRO C 7 9.63 28.59 -25.42
C PRO C 7 9.92 27.14 -25.06
N VAL C 8 9.25 26.20 -25.73
CA VAL C 8 9.43 24.80 -25.43
C VAL C 8 10.21 23.99 -26.48
N LYS C 9 10.17 24.41 -27.74
CA LYS C 9 10.66 23.56 -28.83
C LYS C 9 12.16 23.25 -28.72
N HIS C 10 12.90 24.07 -28.00
CA HIS C 10 14.34 23.87 -27.84
C HIS C 10 14.66 22.73 -26.86
N SER C 11 13.79 22.52 -25.88
CA SER C 11 14.02 21.49 -24.86
C SER C 11 13.48 20.12 -25.25
N PRO C 12 14.37 19.12 -25.28
CA PRO C 12 13.95 17.74 -25.51
C PRO C 12 12.97 17.31 -24.45
N LEU C 13 12.97 18.00 -23.32
CA LEU C 13 12.12 17.63 -22.20
C LEU C 13 10.74 18.23 -22.33
N LEU C 14 10.66 19.40 -22.95
CA LEU C 14 9.41 20.12 -23.03
C LEU C 14 8.69 19.89 -24.35
N ARG C 15 9.47 19.65 -25.41
CA ARG C 15 8.94 19.57 -26.77
C ARG C 15 8.00 18.39 -27.01
N GLN C 16 6.86 18.70 -27.61
CA GLN C 16 5.94 17.69 -28.13
C GLN C 16 6.74 16.70 -28.94
N PRO C 17 6.31 15.44 -28.95
CA PRO C 17 7.07 14.40 -29.64
C PRO C 17 6.82 14.41 -31.15
N GLU C 18 7.73 13.80 -31.91
CA GLU C 18 7.71 13.84 -33.37
C GLU C 18 7.38 12.47 -33.98
N HIS C 19 6.10 12.18 -34.17
CA HIS C 19 5.72 10.89 -34.72
C HIS C 19 5.71 10.89 -36.24
N PHE C 20 6.38 9.92 -36.84
CA PHE C 20 6.36 9.80 -38.30
C PHE C 20 4.98 9.40 -38.81
N ILE C 21 4.15 8.83 -37.94
CA ILE C 21 2.81 8.45 -38.33
C ILE C 21 1.82 8.66 -37.17
N ALA C 22 0.67 9.24 -37.47
CA ALA C 22 -0.30 9.57 -36.42
C ALA C 22 -0.91 8.29 -35.84
N ARG C 23 -1.26 8.34 -34.56
CA ARG C 23 -1.87 7.19 -33.91
C ARG C 23 -3.05 6.62 -34.70
N ASP C 24 -3.97 7.49 -35.10
CA ASP C 24 -5.18 7.04 -35.76
C ASP C 24 -4.86 6.45 -37.13
N GLU C 25 -3.83 6.95 -37.78
CA GLU C 25 -3.40 6.39 -39.06
C GLU C 25 -2.84 4.99 -38.85
N LEU C 26 -2.09 4.83 -37.76
CA LEU C 26 -1.48 3.54 -37.44
C LEU C 26 -2.54 2.47 -37.15
N LYS C 27 -3.57 2.83 -36.40
CA LYS C 27 -4.68 1.90 -36.17
C LYS C 27 -5.41 1.61 -37.48
N ALA C 28 -5.61 2.63 -38.30
CA ALA C 28 -6.28 2.44 -39.58
C ALA C 28 -5.49 1.40 -40.37
N LEU C 29 -4.16 1.50 -40.28
CA LEU C 29 -3.26 0.60 -41.01
C LEU C 29 -3.34 -0.81 -40.47
N ILE C 30 -3.42 -0.94 -39.15
CA ILE C 30 -3.59 -2.26 -38.54
C ILE C 30 -4.91 -2.90 -38.94
N GLN C 31 -5.98 -2.11 -39.04
CA GLN C 31 -7.25 -2.66 -39.48
C GLN C 31 -7.08 -3.13 -40.92
N LYS C 32 -6.49 -2.29 -41.75
CA LYS C 32 -6.28 -2.64 -43.14
C LYS C 32 -5.42 -3.90 -43.26
N VAL C 33 -4.43 -4.03 -42.38
CA VAL C 33 -3.56 -5.21 -42.38
C VAL C 33 -4.34 -6.48 -42.01
N THR C 34 -5.22 -6.36 -41.02
CA THR C 34 -6.05 -7.48 -40.56
C THR C 34 -7.06 -7.91 -41.62
N HIS C 35 -7.71 -6.93 -42.24
CA HIS C 35 -8.64 -7.21 -43.33
C HIS C 35 -7.92 -8.06 -44.38
N ASN C 36 -6.68 -7.72 -44.68
CA ASN C 36 -5.95 -8.49 -45.68
C ASN C 36 -5.76 -9.95 -45.25
N LEU C 37 -5.35 -10.12 -44.00
CA LEU C 37 -5.07 -11.44 -43.44
C LEU C 37 -6.23 -12.41 -43.59
N VAL C 38 -7.44 -11.97 -43.24
CA VAL C 38 -8.60 -12.86 -43.26
C VAL C 38 -9.16 -13.22 -44.63
N ASN C 39 -8.84 -12.43 -45.64
CA ASN C 39 -9.33 -12.68 -46.99
C ASN C 39 -8.23 -13.28 -47.87
N ILE C 40 -7.11 -13.63 -47.24
CA ILE C 40 -6.01 -14.26 -47.96
C ILE C 40 -6.47 -15.53 -48.66
N LYS C 41 -6.05 -15.69 -49.92
CA LYS C 41 -6.43 -16.86 -50.73
C LYS C 41 -5.26 -17.46 -51.50
N ASP C 42 -5.07 -18.78 -51.40
CA ASP C 42 -4.12 -19.45 -52.28
C ASP C 42 -4.86 -19.92 -53.52
N GLU C 43 -4.82 -19.07 -54.55
CA GLU C 43 -5.64 -19.24 -55.75
C GLU C 43 -5.32 -20.50 -56.55
N THR C 44 -4.06 -20.67 -56.90
CA THR C 44 -3.62 -21.84 -57.66
C THR C 44 -3.68 -23.10 -56.81
N GLY C 45 -3.28 -22.97 -55.55
CA GLY C 45 -3.20 -24.11 -54.64
C GLY C 45 -1.81 -24.70 -54.63
N GLU C 46 -0.85 -23.90 -55.06
CA GLU C 46 0.54 -24.33 -55.16
C GLU C 46 1.19 -24.51 -53.79
N PHE C 47 0.58 -23.91 -52.76
CA PHE C 47 1.16 -23.94 -51.42
C PHE C 47 0.49 -24.95 -50.50
N LEU C 48 -0.63 -25.50 -50.95
CA LEU C 48 -1.31 -26.53 -50.18
C LEU C 48 -0.34 -27.59 -49.66
N LEU C 49 -0.50 -27.95 -48.39
CA LEU C 49 0.34 -28.97 -47.78
C LEU C 49 -0.32 -30.33 -47.95
N ARG C 50 0.40 -31.28 -48.55
CA ARG C 50 -0.19 -32.58 -48.85
C ARG C 50 0.48 -33.74 -48.11
N LEU C 51 -0.35 -34.71 -47.69
CA LEU C 51 0.09 -35.86 -46.90
C LEU C 51 -0.40 -37.21 -47.45
N ASP C 52 0.42 -38.25 -47.27
CA ASP C 52 0.09 -39.63 -47.63
C ASP C 52 -1.37 -39.97 -47.47
N ASP C 53 -1.94 -39.58 -46.33
CA ASP C 53 -3.25 -40.07 -45.93
C ASP C 53 -4.40 -39.25 -46.56
N GLY C 54 -4.08 -38.51 -47.61
CA GLY C 54 -5.09 -37.72 -48.31
C GLY C 54 -5.37 -36.35 -47.70
N ARG C 55 -4.70 -36.04 -46.61
CA ARG C 55 -4.88 -34.73 -45.96
C ARG C 55 -4.30 -33.60 -46.79
N VAL C 56 -5.05 -32.50 -46.85
CA VAL C 56 -4.64 -31.31 -47.56
C VAL C 56 -4.87 -30.12 -46.62
N ILE C 57 -3.78 -29.48 -46.22
CA ILE C 57 -3.82 -28.40 -45.24
C ILE C 57 -3.49 -27.04 -45.87
N ASP C 58 -4.40 -26.08 -45.69
CA ASP C 58 -4.16 -24.72 -46.16
C ASP C 58 -3.42 -23.88 -45.11
N THR C 59 -2.11 -23.70 -45.29
CA THR C 59 -1.31 -22.95 -44.32
C THR C 59 -1.33 -21.45 -44.61
N LYS C 60 -1.83 -21.09 -45.79
CA LYS C 60 -1.84 -19.71 -46.26
C LYS C 60 -3.21 -19.02 -46.10
N GLY C 61 -4.29 -19.73 -46.42
CA GLY C 61 -5.62 -19.19 -46.22
C GLY C 61 -5.98 -19.26 -44.75
N TRP C 62 -6.96 -18.47 -44.33
CA TRP C 62 -7.33 -18.34 -42.91
C TRP C 62 -8.09 -19.56 -42.37
N ALA C 63 -8.67 -20.34 -43.28
CA ALA C 63 -9.46 -21.51 -42.92
C ALA C 63 -8.67 -22.71 -42.37
N GLY C 64 -7.35 -22.69 -42.58
CA GLY C 64 -6.53 -23.80 -42.12
C GLY C 64 -6.12 -23.77 -40.64
N TRP C 65 -5.51 -24.86 -40.20
CA TRP C 65 -4.99 -24.98 -38.85
C TRP C 65 -3.54 -25.45 -38.91
N GLU C 66 -2.64 -24.48 -38.80
CA GLU C 66 -1.21 -24.74 -38.86
C GLU C 66 -0.55 -23.75 -37.89
N TRP C 67 0.78 -23.75 -37.82
CA TRP C 67 1.47 -22.84 -36.92
C TRP C 67 1.23 -21.40 -37.35
N THR C 68 1.03 -21.23 -38.64
CA THR C 68 0.85 -19.90 -39.21
C THR C 68 -0.32 -19.15 -38.59
N HIS C 69 -1.47 -19.81 -38.45
CA HIS C 69 -2.62 -19.21 -37.80
C HIS C 69 -2.36 -18.94 -36.33
N GLY C 70 -1.52 -19.78 -35.74
CA GLY C 70 -1.12 -19.63 -34.35
C GLY C 70 -0.55 -18.26 -34.18
N VAL C 71 0.36 -17.91 -35.08
CA VAL C 71 0.95 -16.58 -35.03
C VAL C 71 -0.08 -15.53 -35.41
N GLY C 72 -0.81 -15.79 -36.48
CA GLY C 72 -1.94 -14.93 -36.82
C GLY C 72 -2.82 -14.56 -35.63
N LEU C 73 -3.12 -15.52 -34.77
CA LEU C 73 -4.01 -15.29 -33.64
C LEU C 73 -3.36 -14.43 -32.56
N TYR C 74 -2.09 -14.70 -32.27
CA TYR C 74 -1.30 -13.96 -31.28
C TYR C 74 -1.19 -12.46 -31.63
N GLY C 75 -0.82 -12.15 -32.87
CA GLY C 75 -0.80 -10.78 -33.35
C GLY C 75 -2.12 -10.05 -33.13
N MSE C 76 -3.20 -10.65 -33.60
CA MSE C 76 -4.53 -10.09 -33.36
C MSE C 76 -4.82 -9.98 -31.86
O MSE C 76 -5.34 -8.95 -31.40
CB MSE C 76 -5.62 -10.97 -34.00
CG MSE C 76 -5.65 -10.94 -35.51
SE MSE C 76 -7.07 -12.12 -36.09
CE MSE C 76 -6.44 -12.42 -37.93
N TYR C 77 -4.49 -11.02 -31.10
CA TYR C 77 -4.78 -10.97 -29.67
C TYR C 77 -4.11 -9.75 -29.03
N HIS C 78 -2.89 -9.45 -29.45
CA HIS C 78 -2.19 -8.29 -28.91
C HIS C 78 -2.96 -6.97 -29.05
N TYR C 79 -3.44 -6.71 -30.26
CA TYR C 79 -4.21 -5.50 -30.47
C TYR C 79 -5.49 -5.51 -29.63
N TYR C 80 -6.17 -6.65 -29.61
CA TYR C 80 -7.37 -6.74 -28.80
C TYR C 80 -7.04 -6.47 -27.34
N GLN C 81 -5.98 -7.09 -26.87
CA GLN C 81 -5.54 -6.87 -25.49
C GLN C 81 -5.28 -5.38 -25.17
N GLN C 82 -4.48 -4.72 -26.00
CA GLN C 82 -4.23 -3.32 -25.74
C GLN C 82 -5.50 -2.46 -25.79
N THR C 83 -6.39 -2.72 -26.75
CA THR C 83 -7.45 -1.77 -27.11
C THR C 83 -8.89 -2.19 -26.81
N GLY C 84 -9.13 -3.48 -26.61
CA GLY C 84 -10.47 -3.98 -26.38
C GLY C 84 -11.29 -4.18 -27.66
N ASP C 85 -10.71 -3.80 -28.80
CA ASP C 85 -11.38 -3.85 -30.11
C ASP C 85 -12.17 -5.13 -30.36
N GLN C 86 -13.49 -5.01 -30.44
CA GLN C 86 -14.36 -6.18 -30.55
C GLN C 86 -14.27 -6.90 -31.89
N THR C 87 -13.94 -6.15 -32.93
CA THR C 87 -13.76 -6.76 -34.24
C THR C 87 -12.71 -7.86 -34.12
N MSE C 88 -11.56 -7.53 -33.54
CA MSE C 88 -10.52 -8.54 -33.32
C MSE C 88 -10.99 -9.69 -32.47
O MSE C 88 -10.75 -10.85 -32.81
CB MSE C 88 -9.26 -7.92 -32.70
CG MSE C 88 -8.64 -6.89 -33.58
SE MSE C 88 -7.59 -7.70 -34.99
CE MSE C 88 -8.59 -9.31 -35.37
N ARG C 89 -11.62 -9.38 -31.35
CA ARG C 89 -12.17 -10.41 -30.47
C ARG C 89 -12.99 -11.45 -31.26
N LYS C 90 -13.96 -10.99 -32.04
CA LYS C 90 -14.86 -11.89 -32.75
C LYS C 90 -14.07 -12.76 -33.75
N ILE C 91 -13.20 -12.13 -34.53
CA ILE C 91 -12.41 -12.88 -35.49
C ILE C 91 -11.66 -14.01 -34.77
N ILE C 92 -10.99 -13.64 -33.68
CA ILE C 92 -10.23 -14.61 -32.92
C ILE C 92 -11.13 -15.72 -32.45
N ASP C 93 -12.26 -15.34 -31.88
CA ASP C 93 -13.23 -16.30 -31.39
C ASP C 93 -13.86 -17.19 -32.46
N ASP C 94 -14.08 -16.63 -33.65
CA ASP C 94 -14.75 -17.40 -34.70
C ASP C 94 -13.84 -18.46 -35.29
N TRP C 95 -12.53 -18.17 -35.33
CA TRP C 95 -11.54 -19.11 -35.84
C TRP C 95 -11.58 -20.35 -34.97
N PHE C 96 -11.51 -20.15 -33.66
CA PHE C 96 -11.59 -21.28 -32.75
C PHE C 96 -12.91 -22.03 -32.93
N ALA C 97 -14.03 -21.31 -32.95
CA ALA C 97 -15.32 -21.99 -33.13
C ALA C 97 -15.33 -22.81 -34.41
N ASP C 98 -14.95 -22.19 -35.52
CA ASP C 98 -14.97 -22.86 -36.82
C ASP C 98 -14.05 -24.06 -36.82
N ARG C 99 -12.91 -23.90 -36.17
CA ARG C 99 -11.88 -24.93 -36.12
C ARG C 99 -12.32 -26.10 -35.26
N PHE C 100 -12.84 -25.79 -34.08
CA PHE C 100 -13.34 -26.82 -33.18
C PHE C 100 -14.58 -27.55 -33.74
N ALA C 101 -15.45 -26.82 -34.43
CA ALA C 101 -16.62 -27.46 -35.04
C ALA C 101 -16.20 -28.51 -36.04
N GLU C 102 -15.11 -28.24 -36.75
CA GLU C 102 -14.60 -29.17 -37.74
C GLU C 102 -13.99 -30.41 -37.08
N GLY C 103 -13.33 -30.19 -35.94
CA GLY C 103 -12.62 -31.26 -35.28
C GLY C 103 -11.16 -30.89 -35.09
N ALA C 104 -10.49 -31.62 -34.21
CA ALA C 104 -9.08 -31.39 -33.93
C ALA C 104 -8.17 -31.87 -35.06
N THR C 105 -7.11 -31.11 -35.35
CA THR C 105 -6.01 -31.60 -36.19
C THR C 105 -5.20 -32.54 -35.34
N THR C 106 -4.19 -33.15 -35.94
CA THR C 106 -3.26 -33.97 -35.21
C THR C 106 -2.31 -33.10 -34.41
N LYS C 107 -1.72 -33.65 -33.35
CA LYS C 107 -0.86 -32.86 -32.45
C LYS C 107 0.59 -32.83 -32.91
N ASN C 108 1.16 -31.64 -32.97
CA ASN C 108 2.58 -31.47 -33.30
C ASN C 108 3.06 -30.07 -32.88
N VAL C 109 4.35 -29.81 -33.00
CA VAL C 109 4.94 -28.55 -32.51
C VAL C 109 4.22 -27.32 -33.02
N ASN C 110 3.67 -27.45 -34.22
CA ASN C 110 3.08 -26.33 -34.94
C ASN C 110 1.62 -26.13 -34.65
N THR C 111 0.85 -27.22 -34.70
CA THR C 111 -0.59 -27.10 -34.48
C THR C 111 -0.85 -26.66 -33.05
N MSE C 112 0.22 -26.61 -32.24
CA MSE C 112 0.12 -26.14 -30.87
C MSE C 112 -0.06 -24.64 -30.73
O MSE C 112 -0.64 -24.16 -29.77
CB MSE C 112 1.39 -26.53 -30.10
CG MSE C 112 1.27 -27.79 -29.26
SE MSE C 112 0.71 -27.39 -27.43
CE MSE C 112 0.26 -25.56 -27.67
N ALA C 113 0.46 -23.87 -31.68
CA ALA C 113 0.59 -22.43 -31.50
C ALA C 113 -0.70 -21.70 -31.11
N PRO C 114 -1.83 -22.04 -31.76
CA PRO C 114 -3.10 -21.39 -31.46
C PRO C 114 -3.48 -21.44 -29.97
N PHE C 115 -3.03 -22.46 -29.27
CA PHE C 115 -3.42 -22.59 -27.87
C PHE C 115 -2.81 -21.52 -26.97
N LEU C 116 -1.84 -20.79 -27.50
CA LEU C 116 -1.32 -19.64 -26.78
C LEU C 116 -2.44 -18.62 -26.65
N THR C 117 -3.06 -18.31 -27.78
CA THR C 117 -4.13 -17.33 -27.79
C THR C 117 -5.40 -17.85 -27.12
N LEU C 118 -5.63 -19.15 -27.22
CA LEU C 118 -6.80 -19.73 -26.57
C LEU C 118 -6.68 -19.59 -25.08
N ALA C 119 -5.46 -19.74 -24.58
CA ALA C 119 -5.20 -19.63 -23.15
C ALA C 119 -5.63 -18.26 -22.65
N TYR C 120 -5.24 -17.21 -23.36
CA TYR C 120 -5.64 -15.85 -23.03
C TYR C 120 -7.16 -15.65 -23.09
N ARG C 121 -7.79 -16.20 -24.12
CA ARG C 121 -9.24 -16.08 -24.19
C ARG C 121 -9.89 -16.82 -23.01
N TYR C 122 -9.35 -17.99 -22.66
CA TYR C 122 -9.89 -18.71 -21.52
C TYR C 122 -9.67 -17.92 -20.24
N GLU C 123 -8.54 -17.22 -20.18
CA GLU C 123 -8.23 -16.43 -19.01
C GLU C 123 -9.31 -15.35 -18.81
N GLU C 124 -9.80 -14.77 -19.90
CA GLU C 124 -10.73 -13.64 -19.81
C GLU C 124 -12.15 -14.14 -19.63
N THR C 125 -12.52 -15.16 -20.39
CA THR C 125 -13.91 -15.60 -20.45
C THR C 125 -14.19 -16.74 -19.48
N ARG C 126 -13.14 -17.46 -19.10
CA ARG C 126 -13.31 -18.64 -18.26
C ARG C 126 -14.31 -19.63 -18.85
N ASN C 127 -14.40 -19.64 -20.17
CA ASN C 127 -15.30 -20.54 -20.88
C ASN C 127 -14.91 -21.99 -20.63
N PRO C 128 -15.79 -22.73 -19.93
CA PRO C 128 -15.43 -24.09 -19.54
C PRO C 128 -15.14 -24.98 -20.75
N ALA C 129 -15.62 -24.57 -21.93
CA ALA C 129 -15.43 -25.39 -23.12
C ALA C 129 -13.97 -25.41 -23.58
N TYR C 130 -13.26 -24.33 -23.32
CA TYR C 130 -11.86 -24.24 -23.70
C TYR C 130 -10.95 -25.12 -22.85
N LEU C 131 -11.37 -25.39 -21.61
CA LEU C 131 -10.44 -25.99 -20.64
C LEU C 131 -9.91 -27.36 -21.07
N PRO C 132 -10.80 -28.27 -21.51
CA PRO C 132 -10.37 -29.57 -22.06
C PRO C 132 -9.38 -29.47 -23.23
N TRP C 133 -9.47 -28.43 -24.05
CA TRP C 133 -8.50 -28.25 -25.12
C TRP C 133 -7.11 -27.96 -24.54
N LEU C 134 -7.06 -26.97 -23.66
CA LEU C 134 -5.80 -26.53 -23.07
C LEU C 134 -5.12 -27.66 -22.30
N GLU C 135 -5.90 -28.35 -21.48
CA GLU C 135 -5.37 -29.45 -20.69
C GLU C 135 -4.80 -30.53 -21.58
N THR C 136 -5.60 -30.94 -22.57
CA THR C 136 -5.21 -32.10 -23.37
C THR C 136 -3.93 -31.80 -24.12
N TRP C 137 -3.86 -30.63 -24.76
CA TRP C 137 -2.69 -30.31 -25.58
C TRP C 137 -1.43 -30.04 -24.74
N ALA C 138 -1.60 -29.41 -23.58
CA ALA C 138 -0.46 -29.22 -22.68
C ALA C 138 0.08 -30.56 -22.18
N GLU C 139 -0.82 -31.44 -21.77
CA GLU C 139 -0.45 -32.79 -21.34
C GLU C 139 0.25 -33.55 -22.46
N TRP C 140 -0.15 -33.29 -23.70
CA TRP C 140 0.53 -33.94 -24.82
C TRP C 140 1.97 -33.43 -24.90
N ALA C 141 2.12 -32.11 -24.81
CA ALA C 141 3.45 -31.55 -24.93
C ALA C 141 4.37 -32.01 -23.78
N MSE C 142 3.80 -32.19 -22.58
CA MSE C 142 4.57 -32.64 -21.43
C MSE C 142 4.94 -34.10 -21.54
O MSE C 142 6.03 -34.50 -21.18
CB MSE C 142 3.78 -32.47 -20.12
CG MSE C 142 3.65 -31.06 -19.62
SE MSE C 142 5.38 -30.34 -19.14
CE MSE C 142 5.72 -31.32 -17.50
N ASN C 143 4.02 -34.91 -22.03
CA ASN C 143 4.08 -36.34 -21.79
C ASN C 143 4.28 -37.23 -23.00
N GLU C 144 3.95 -36.75 -24.18
CA GLU C 144 3.93 -37.62 -25.36
C GLU C 144 4.72 -37.10 -26.55
N MSE C 145 4.71 -35.79 -26.72
CA MSE C 145 5.42 -35.19 -27.84
C MSE C 145 6.86 -35.70 -27.85
O MSE C 145 7.57 -35.52 -26.86
CB MSE C 145 5.40 -33.67 -27.69
CG MSE C 145 6.35 -32.94 -28.57
SE MSE C 145 6.59 -31.16 -27.83
CE MSE C 145 7.29 -30.24 -29.42
N PRO C 146 7.29 -36.32 -28.96
CA PRO C 146 8.63 -36.93 -28.98
C PRO C 146 9.73 -36.01 -28.47
N ARG C 147 10.73 -36.61 -27.81
CA ARG C 147 11.89 -35.89 -27.33
C ARG C 147 13.15 -36.36 -28.03
N THR C 148 14.09 -35.44 -28.21
CA THR C 148 15.43 -35.79 -28.65
C THR C 148 16.24 -36.18 -27.42
N ASP C 149 17.49 -36.61 -27.66
CA ASP C 149 18.47 -36.77 -26.59
C ASP C 149 18.38 -35.64 -25.57
N HIS C 150 18.59 -35.95 -24.30
CA HIS C 150 18.56 -34.93 -23.25
C HIS C 150 17.18 -34.26 -23.06
N GLY C 151 16.13 -34.98 -23.43
CA GLY C 151 14.77 -34.53 -23.21
C GLY C 151 14.38 -33.28 -23.97
N GLY C 152 15.10 -32.98 -25.05
CA GLY C 152 14.78 -31.84 -25.89
C GLY C 152 13.51 -32.09 -26.68
N MSE C 153 12.71 -31.04 -26.88
CA MSE C 153 11.53 -31.16 -27.71
C MSE C 153 11.89 -31.29 -29.17
O MSE C 153 12.40 -30.35 -29.77
CB MSE C 153 10.61 -29.97 -27.52
CG MSE C 153 9.70 -30.07 -26.33
SE MSE C 153 8.72 -28.42 -26.08
CE MSE C 153 7.62 -29.03 -24.60
N GLN C 154 11.63 -32.45 -29.74
CA GLN C 154 11.82 -32.67 -31.16
C GLN C 154 10.85 -31.79 -31.96
N HIS C 155 11.38 -31.06 -32.93
CA HIS C 155 10.52 -30.26 -33.81
C HIS C 155 9.76 -31.10 -34.86
N ILE C 156 8.75 -31.83 -34.39
CA ILE C 156 7.95 -32.69 -35.26
C ILE C 156 6.73 -31.93 -35.76
N THR C 157 6.53 -31.99 -37.08
CA THR C 157 5.56 -31.17 -37.81
C THR C 157 4.40 -32.01 -38.38
N LEU C 158 3.41 -31.35 -38.96
CA LEU C 158 2.34 -32.07 -39.66
C LEU C 158 2.93 -33.08 -40.65
N ALA C 159 4.05 -32.69 -41.26
CA ALA C 159 4.61 -33.39 -42.42
C ALA C 159 5.85 -34.25 -42.19
N GLU C 160 6.55 -34.08 -41.07
CA GLU C 160 7.77 -34.87 -40.87
C GLU C 160 8.29 -34.95 -39.44
N GLU C 161 8.69 -36.15 -39.04
CA GLU C 161 9.18 -36.40 -37.69
C GLU C 161 10.31 -35.46 -37.33
N ASN C 162 11.28 -35.29 -38.23
CA ASN C 162 12.48 -34.53 -37.94
C ASN C 162 13.19 -35.12 -36.74
N HIS C 163 13.46 -36.41 -36.87
CA HIS C 163 14.01 -37.19 -35.79
C HIS C 163 15.24 -36.52 -35.18
N GLN C 164 15.23 -36.37 -33.85
CA GLN C 164 16.38 -35.86 -33.11
C GLN C 164 16.69 -34.39 -33.40
N GLN C 165 15.76 -33.68 -34.01
CA GLN C 165 16.05 -32.30 -34.42
C GLN C 165 15.42 -31.25 -33.51
N MSE C 166 16.16 -30.19 -33.23
CA MSE C 166 15.60 -29.05 -32.49
C MSE C 166 15.72 -27.81 -33.36
O MSE C 166 16.71 -27.64 -34.08
CB MSE C 166 16.32 -28.85 -31.15
CG MSE C 166 16.14 -30.01 -30.18
SE MSE C 166 17.21 -29.83 -28.55
CE MSE C 166 16.45 -28.16 -27.84
N TRP C 167 14.72 -26.93 -33.28
CA TRP C 167 14.65 -25.75 -34.15
C TRP C 167 14.30 -24.51 -33.36
N ASP C 168 14.73 -23.35 -33.88
CA ASP C 168 14.30 -22.04 -33.35
C ASP C 168 12.81 -22.08 -33.09
N ASP C 169 12.05 -22.30 -34.17
CA ASP C 169 10.61 -22.09 -34.17
C ASP C 169 9.89 -22.75 -33.00
N THR C 170 10.38 -23.92 -32.57
CA THR C 170 9.81 -24.62 -31.42
C THR C 170 9.51 -23.69 -30.24
N LEU C 171 10.36 -22.69 -30.02
CA LEU C 171 10.20 -21.78 -28.87
C LEU C 171 8.90 -21.00 -28.95
N MSE C 172 8.55 -20.60 -30.17
CA MSE C 172 7.33 -19.86 -30.43
C MSE C 172 6.10 -20.77 -30.44
O MSE C 172 5.07 -20.45 -29.86
CB MSE C 172 7.43 -19.14 -31.78
CG MSE C 172 6.16 -18.39 -32.16
SE MSE C 172 5.96 -16.78 -31.10
CE MSE C 172 4.09 -16.95 -30.60
N MSE C 173 6.21 -21.90 -31.12
CA MSE C 173 5.03 -22.70 -31.45
C MSE C 173 4.56 -23.60 -30.32
O MSE C 173 3.37 -23.82 -30.16
CB MSE C 173 5.27 -23.51 -32.72
CG MSE C 173 5.85 -22.69 -33.86
SE MSE C 173 4.97 -20.96 -34.17
CE MSE C 173 6.26 -20.24 -35.45
N THR C 174 5.49 -24.12 -29.53
CA THR C 174 5.09 -24.99 -28.42
C THR C 174 5.50 -24.50 -27.02
N VAL C 175 6.72 -23.98 -26.89
CA VAL C 175 7.23 -23.63 -25.55
C VAL C 175 6.54 -22.44 -24.86
N LEU C 176 6.37 -21.34 -25.59
CA LEU C 176 5.66 -20.20 -25.04
C LEU C 176 4.23 -20.57 -24.69
N PRO C 177 3.52 -21.30 -25.60
CA PRO C 177 2.17 -21.75 -25.24
C PRO C 177 2.18 -22.60 -23.96
N LEU C 178 3.09 -23.56 -23.87
CA LEU C 178 3.17 -24.41 -22.68
C LEU C 178 3.38 -23.56 -21.44
N ALA C 179 4.25 -22.55 -21.54
CA ALA C 179 4.56 -21.68 -20.42
C ALA C 179 3.33 -20.90 -19.99
N LYS C 180 2.62 -20.37 -20.98
CA LYS C 180 1.44 -19.59 -20.69
C LYS C 180 0.42 -20.45 -19.99
N ILE C 181 0.23 -21.68 -20.48
CA ILE C 181 -0.77 -22.56 -19.88
C ILE C 181 -0.38 -22.92 -18.44
N GLY C 182 0.89 -23.23 -18.24
CA GLY C 182 1.40 -23.51 -16.91
C GLY C 182 1.02 -22.44 -15.90
N LYS C 183 1.25 -21.18 -16.24
CA LYS C 183 0.86 -20.06 -15.40
C LYS C 183 -0.66 -19.99 -15.18
N LEU C 184 -1.38 -19.94 -16.28
CA LEU C 184 -2.85 -19.80 -16.21
C LEU C 184 -3.50 -20.91 -15.38
N LEU C 185 -3.02 -22.15 -15.50
CA LEU C 185 -3.64 -23.29 -14.82
C LEU C 185 -2.95 -23.66 -13.50
N ASN C 186 -2.06 -22.79 -13.03
CA ASN C 186 -1.24 -23.10 -11.88
C ASN C 186 -0.68 -24.51 -11.96
N ARG C 187 0.01 -24.79 -13.07
CA ARG C 187 0.76 -26.02 -13.21
C ARG C 187 2.25 -25.70 -13.39
N PRO C 188 2.95 -25.50 -12.28
CA PRO C 188 4.35 -25.05 -12.30
C PRO C 188 5.26 -25.97 -13.14
N GLU C 189 5.00 -27.28 -13.13
CA GLU C 189 5.80 -28.24 -13.91
C GLU C 189 5.90 -27.89 -15.40
N TYR C 190 4.85 -27.25 -15.93
CA TYR C 190 4.82 -26.81 -17.33
C TYR C 190 5.86 -25.72 -17.54
N VAL C 191 5.82 -24.73 -16.65
CA VAL C 191 6.75 -23.61 -16.67
C VAL C 191 8.17 -24.12 -16.48
N GLU C 192 8.37 -25.08 -15.59
CA GLU C 192 9.72 -25.66 -15.43
C GLU C 192 10.21 -26.37 -16.70
N GLU C 193 9.32 -27.12 -17.35
CA GLU C 193 9.65 -27.83 -18.58
C GLU C 193 9.99 -26.80 -19.63
N ALA C 194 9.19 -25.75 -19.68
CA ALA C 194 9.39 -24.66 -20.62
C ALA C 194 10.75 -23.97 -20.39
N THR C 195 11.05 -23.68 -19.14
CA THR C 195 12.32 -23.05 -18.82
C THR C 195 13.50 -23.96 -19.22
N TYR C 196 13.42 -25.24 -18.88
CA TYR C 196 14.45 -26.18 -19.29
C TYR C 196 14.59 -26.27 -20.81
N GLN C 197 13.45 -26.37 -21.50
CA GLN C 197 13.48 -26.42 -22.95
C GLN C 197 14.24 -25.23 -23.49
N PHE C 198 14.07 -24.10 -22.85
CA PHE C 198 14.74 -22.90 -23.31
C PHE C 198 16.27 -23.04 -23.18
N LEU C 199 16.73 -23.51 -22.03
CA LEU C 199 18.16 -23.64 -21.80
C LEU C 199 18.77 -24.58 -22.83
N LEU C 200 18.11 -25.71 -23.07
CA LEU C 200 18.64 -26.69 -23.97
C LEU C 200 18.72 -26.14 -25.40
N HIS C 201 17.73 -25.34 -25.76
CA HIS C 201 17.72 -24.71 -27.09
C HIS C 201 18.85 -23.71 -27.23
N VAL C 202 19.06 -22.89 -26.22
CA VAL C 202 20.20 -21.97 -26.23
C VAL C 202 21.49 -22.76 -26.46
N GLN C 203 21.70 -23.78 -25.65
CA GLN C 203 22.87 -24.65 -25.76
C GLN C 203 23.12 -25.11 -27.19
N ASN C 204 22.06 -25.56 -27.87
CA ASN C 204 22.22 -26.19 -29.16
C ASN C 204 22.16 -25.24 -30.36
N LEU C 205 21.38 -24.17 -30.24
CA LEU C 205 21.10 -23.31 -31.38
C LEU C 205 21.81 -21.95 -31.42
N MSE C 206 21.95 -21.30 -30.27
CA MSE C 206 22.69 -20.04 -30.25
C MSE C 206 24.11 -20.23 -30.77
O MSE C 206 24.81 -21.21 -30.43
CB MSE C 206 22.73 -19.45 -28.83
CG MSE C 206 23.66 -18.25 -28.71
SE MSE C 206 23.82 -17.57 -26.86
CE MSE C 206 24.63 -15.85 -27.26
N ASP C 207 24.53 -19.27 -31.58
CA ASP C 207 25.92 -19.16 -32.04
C ASP C 207 26.74 -18.22 -31.15
N LYS C 208 27.55 -18.80 -30.27
CA LYS C 208 28.34 -17.97 -29.37
C LYS C 208 29.28 -17.04 -30.15
N GLU C 209 29.62 -17.41 -31.37
CA GLU C 209 30.56 -16.61 -32.15
C GLU C 209 29.99 -15.25 -32.51
N THR C 210 28.70 -15.20 -32.84
CA THR C 210 28.07 -13.97 -33.36
C THR C 210 26.97 -13.39 -32.47
N GLY C 211 26.33 -14.23 -31.66
CA GLY C 211 25.18 -13.78 -30.88
C GLY C 211 23.85 -14.09 -31.55
N LEU C 212 23.89 -14.46 -32.83
CA LEU C 212 22.69 -14.88 -33.55
C LEU C 212 22.46 -16.38 -33.36
N TRP C 213 21.39 -16.90 -33.92
CA TRP C 213 21.10 -18.32 -33.75
C TRP C 213 21.10 -19.02 -35.09
N PHE C 214 21.59 -20.25 -35.12
CA PHE C 214 21.37 -21.12 -36.26
C PHE C 214 19.92 -21.57 -36.20
N HIS C 215 19.45 -22.16 -37.29
CA HIS C 215 18.05 -22.55 -37.44
C HIS C 215 17.80 -23.83 -36.71
N GLY C 216 18.59 -24.85 -37.02
CA GLY C 216 18.30 -26.19 -36.54
C GLY C 216 19.47 -26.90 -35.91
N TRP C 217 19.17 -27.97 -35.17
CA TRP C 217 20.19 -28.82 -34.58
C TRP C 217 19.71 -30.28 -34.65
N SER C 218 20.62 -31.21 -34.88
CA SER C 218 20.27 -32.61 -34.84
C SER C 218 21.22 -33.36 -33.92
N TYR C 219 20.66 -34.24 -33.07
CA TYR C 219 21.51 -35.07 -32.23
C TYR C 219 21.99 -36.29 -33.00
N ASP C 220 21.28 -36.65 -34.06
CA ASP C 220 21.73 -37.72 -34.96
C ASP C 220 22.78 -37.12 -35.89
N GLY C 221 24.02 -37.09 -35.42
CA GLY C 221 25.08 -36.40 -36.13
C GLY C 221 25.70 -35.25 -35.35
N HIS C 222 24.92 -34.61 -34.47
CA HIS C 222 25.45 -33.50 -33.66
C HIS C 222 25.96 -32.34 -34.51
N HIS C 223 25.07 -31.80 -35.34
CA HIS C 223 25.43 -30.67 -36.17
C HIS C 223 24.26 -29.68 -36.22
N ASN C 224 24.52 -28.52 -36.81
CA ASN C 224 23.49 -27.52 -37.07
C ASN C 224 23.21 -27.37 -38.55
N PHE C 225 23.13 -28.50 -39.23
CA PHE C 225 22.82 -28.51 -40.65
C PHE C 225 23.68 -27.50 -41.40
N ALA C 226 23.02 -26.55 -42.06
CA ALA C 226 23.70 -25.61 -42.93
C ALA C 226 24.34 -24.49 -42.16
N ASN C 227 24.16 -24.50 -40.83
CA ASN C 227 24.67 -23.42 -40.00
C ASN C 227 24.11 -22.10 -40.53
N ALA C 228 22.81 -22.12 -40.82
CA ALA C 228 22.11 -20.96 -41.34
C ALA C 228 21.59 -20.03 -40.22
N ARG C 229 22.00 -18.77 -40.29
CA ARG C 229 21.49 -17.78 -39.37
C ARG C 229 20.29 -17.10 -40.01
N TRP C 230 19.16 -17.82 -40.01
CA TRP C 230 17.96 -17.42 -40.73
C TRP C 230 17.14 -16.41 -39.93
N ALA C 231 16.65 -15.39 -40.63
CA ALA C 231 16.05 -14.21 -39.99
C ALA C 231 14.76 -14.48 -39.21
N ARG C 232 13.74 -15.03 -39.85
CA ARG C 232 12.48 -15.29 -39.14
C ARG C 232 12.71 -16.20 -37.95
N GLY C 233 13.57 -17.20 -38.13
CA GLY C 233 13.92 -18.10 -37.06
C GLY C 233 14.50 -17.37 -35.86
N ASN C 234 15.44 -16.47 -36.10
CA ASN C 234 15.98 -15.63 -35.04
C ASN C 234 14.88 -14.73 -34.47
N SER C 235 14.03 -14.27 -35.38
CA SER C 235 12.93 -13.40 -35.07
C SER C 235 12.09 -13.97 -33.92
N TRP C 236 11.89 -15.28 -33.93
CA TRP C 236 11.09 -15.94 -32.91
C TRP C 236 11.71 -15.70 -31.53
N LEU C 237 13.03 -15.78 -31.46
CA LEU C 237 13.68 -15.50 -30.19
C LEU C 237 13.49 -14.08 -29.67
N THR C 238 13.58 -13.09 -30.56
CA THR C 238 13.37 -11.71 -30.13
C THR C 238 11.94 -11.48 -29.64
N ILE C 239 11.01 -12.27 -30.16
CA ILE C 239 9.64 -12.23 -29.67
C ILE C 239 9.48 -13.01 -28.38
N VAL C 240 9.97 -14.23 -28.37
CA VAL C 240 9.71 -15.14 -27.26
C VAL C 240 10.40 -14.76 -25.94
N ILE C 241 11.67 -14.36 -26.00
CA ILE C 241 12.34 -13.99 -24.76
C ILE C 241 11.62 -12.90 -23.97
N PRO C 242 11.35 -11.75 -24.61
CA PRO C 242 10.59 -10.74 -23.87
C PRO C 242 9.25 -11.26 -23.32
N ASP C 243 8.47 -11.96 -24.14
CA ASP C 243 7.18 -12.45 -23.65
C ASP C 243 7.33 -13.52 -22.58
N PHE C 244 8.34 -14.38 -22.73
CA PHE C 244 8.62 -15.40 -21.73
C PHE C 244 9.08 -14.77 -20.41
N LEU C 245 10.00 -13.81 -20.49
CA LEU C 245 10.43 -13.08 -19.32
C LEU C 245 9.24 -12.42 -18.61
N GLU C 246 8.41 -11.74 -19.39
CA GLU C 246 7.27 -11.04 -18.84
C GLU C 246 6.42 -12.02 -18.04
N LEU C 247 6.21 -13.21 -18.61
CA LEU C 247 5.39 -14.27 -18.02
C LEU C 247 6.00 -14.88 -16.76
N LEU C 248 7.34 -14.93 -16.72
CA LEU C 248 8.03 -15.50 -15.56
C LEU C 248 8.09 -14.51 -14.43
N ASP C 249 8.15 -13.22 -14.78
CA ASP C 249 8.09 -12.18 -13.75
C ASP C 249 9.01 -12.54 -12.57
N LEU C 250 10.29 -12.72 -12.86
CA LEU C 250 11.30 -13.07 -11.86
C LEU C 250 12.04 -11.83 -11.36
N PRO C 251 12.62 -11.89 -10.15
CA PRO C 251 13.46 -10.78 -9.66
C PRO C 251 14.58 -10.45 -10.63
N GLU C 252 15.03 -9.20 -10.61
CA GLU C 252 16.03 -8.72 -11.55
C GLU C 252 17.37 -9.45 -11.46
N ASN C 253 17.76 -9.92 -10.27
CA ASN C 253 19.02 -10.67 -10.10
C ASN C 253 18.87 -12.20 -10.18
N ASN C 254 17.68 -12.68 -10.53
CA ASN C 254 17.48 -14.12 -10.69
C ASN C 254 18.38 -14.63 -11.82
N ALA C 255 19.16 -15.69 -11.56
CA ALA C 255 20.12 -16.19 -12.55
C ALA C 255 19.51 -16.45 -13.92
N VAL C 256 18.43 -17.21 -13.92
CA VAL C 256 17.73 -17.55 -15.15
C VAL C 256 17.26 -16.28 -15.85
N ARG C 257 16.70 -15.35 -15.10
CA ARG C 257 16.24 -14.12 -15.71
C ARG C 257 17.41 -13.43 -16.40
N ARG C 258 18.56 -13.38 -15.72
CA ARG C 258 19.75 -12.73 -16.26
C ARG C 258 20.26 -13.44 -17.49
N TYR C 259 20.25 -14.77 -17.42
CA TYR C 259 20.77 -15.55 -18.52
C TYR C 259 19.92 -15.29 -19.77
N LEU C 260 18.60 -15.22 -19.57
CA LEU C 260 17.71 -14.93 -20.68
C LEU C 260 17.94 -13.52 -21.21
N VAL C 261 18.12 -12.57 -20.30
CA VAL C 261 18.37 -11.20 -20.72
C VAL C 261 19.71 -11.07 -21.48
N GLN C 262 20.71 -11.84 -21.09
CA GLN C 262 22.01 -11.74 -21.77
C GLN C 262 21.92 -12.35 -23.17
N VAL C 263 21.30 -13.52 -23.28
CA VAL C 263 21.03 -14.11 -24.58
C VAL C 263 20.33 -13.11 -25.50
N LEU C 264 19.32 -12.43 -24.96
CA LEU C 264 18.58 -11.45 -25.73
C LEU C 264 19.44 -10.26 -26.14
N ASN C 265 20.34 -9.83 -25.26
CA ASN C 265 21.21 -8.71 -25.57
C ASN C 265 22.21 -9.11 -26.64
N ALA C 266 22.73 -10.33 -26.52
CA ALA C 266 23.68 -10.83 -27.49
C ALA C 266 23.07 -10.76 -28.87
N GLN C 267 21.83 -11.24 -28.99
CA GLN C 267 21.16 -11.27 -30.30
C GLN C 267 20.84 -9.87 -30.78
N ILE C 268 20.22 -9.06 -29.93
CA ILE C 268 19.86 -7.72 -30.34
C ILE C 268 21.07 -6.91 -30.81
N ALA C 269 22.20 -7.11 -30.14
CA ALA C 269 23.42 -6.36 -30.44
C ALA C 269 23.89 -6.69 -31.83
N ALA C 270 23.84 -7.97 -32.17
CA ALA C 270 24.24 -8.44 -33.49
C ALA C 270 23.22 -7.96 -34.53
N LEU C 271 21.96 -7.96 -34.14
CA LEU C 271 20.90 -7.55 -35.07
C LEU C 271 21.08 -6.09 -35.47
N ALA C 272 21.55 -5.30 -34.52
CA ALA C 272 21.74 -3.89 -34.78
C ALA C 272 22.84 -3.65 -35.82
N LYS C 273 23.82 -4.55 -35.90
CA LYS C 273 24.96 -4.33 -36.78
C LYS C 273 24.76 -4.88 -38.20
N CYS C 274 23.74 -5.71 -38.40
CA CYS C 274 23.50 -6.22 -39.75
C CYS C 274 22.16 -5.75 -40.30
N GLN C 275 21.65 -4.65 -39.75
CA GLN C 275 20.40 -4.08 -40.22
C GLN C 275 20.62 -3.23 -41.46
N ASP C 276 19.80 -3.49 -42.47
CA ASP C 276 19.89 -2.79 -43.74
C ASP C 276 19.47 -1.34 -43.60
N GLU C 277 19.95 -0.49 -44.50
CA GLU C 277 19.64 0.93 -44.46
C GLU C 277 18.13 1.19 -44.57
N SER C 278 17.41 0.27 -45.19
CA SER C 278 15.97 0.39 -45.35
C SER C 278 15.26 0.22 -44.01
N GLY C 279 15.89 -0.53 -43.11
CA GLY C 279 15.29 -0.82 -41.83
C GLY C 279 14.86 -2.27 -41.74
N LEU C 280 14.92 -3.01 -42.84
CA LEU C 280 14.64 -4.44 -42.78
C LEU C 280 15.94 -5.22 -42.55
N TRP C 281 15.82 -6.54 -42.40
CA TRP C 281 17.00 -7.40 -42.26
C TRP C 281 16.99 -8.41 -43.41
N HIS C 282 18.14 -9.00 -43.70
CA HIS C 282 18.26 -9.94 -44.81
C HIS C 282 17.82 -11.31 -44.34
N THR C 283 17.19 -12.08 -45.22
CA THR C 283 16.58 -13.33 -44.82
C THR C 283 17.63 -14.29 -44.25
N LEU C 284 18.85 -14.17 -44.76
CA LEU C 284 20.02 -14.69 -44.08
C LEU C 284 20.72 -13.44 -43.57
N LEU C 285 20.75 -13.28 -42.25
CA LEU C 285 21.03 -11.98 -41.66
C LEU C 285 22.43 -11.48 -42.00
N ASP C 286 23.36 -12.40 -42.21
CA ASP C 286 24.76 -12.03 -42.40
C ASP C 286 25.17 -11.97 -43.88
N ASP C 287 24.28 -12.40 -44.76
CA ASP C 287 24.49 -12.28 -46.20
C ASP C 287 23.66 -11.15 -46.79
N PRO C 288 24.28 -9.98 -46.99
CA PRO C 288 23.59 -8.81 -47.54
C PRO C 288 23.10 -9.02 -48.97
N HIS C 289 23.32 -10.21 -49.53
CA HIS C 289 22.86 -10.51 -50.89
C HIS C 289 21.73 -11.53 -50.87
N SER C 290 21.11 -11.68 -49.70
CA SER C 290 19.82 -12.35 -49.55
C SER C 290 18.77 -11.30 -49.79
N TYR C 291 17.55 -11.71 -50.14
CA TYR C 291 16.48 -10.74 -50.19
C TYR C 291 16.07 -10.28 -48.78
N LEU C 292 15.64 -9.03 -48.67
CA LEU C 292 15.11 -8.51 -47.44
C LEU C 292 13.80 -9.20 -47.10
N GLU C 293 13.63 -9.55 -45.83
CA GLU C 293 12.43 -10.23 -45.37
C GLU C 293 11.69 -9.34 -44.36
N ALA C 294 10.40 -9.15 -44.59
CA ALA C 294 9.61 -8.22 -43.80
C ALA C 294 9.02 -8.85 -42.54
N SER C 295 8.58 -10.10 -42.63
CA SER C 295 7.98 -10.75 -41.47
C SER C 295 8.99 -10.80 -40.31
N ALA C 296 10.14 -11.44 -40.55
CA ALA C 296 11.20 -11.48 -39.55
C ALA C 296 11.44 -10.06 -39.05
N THR C 297 11.57 -9.13 -39.98
CA THR C 297 11.81 -7.73 -39.62
C THR C 297 10.78 -7.25 -38.60
N ALA C 298 9.53 -7.69 -38.77
CA ALA C 298 8.43 -7.29 -37.89
C ALA C 298 8.58 -7.95 -36.52
N GLY C 299 9.05 -9.19 -36.51
CA GLY C 299 9.39 -9.86 -35.28
C GLY C 299 10.45 -9.05 -34.55
N PHE C 300 11.49 -8.66 -35.29
CA PHE C 300 12.59 -7.91 -34.70
C PHE C 300 12.17 -6.55 -34.12
N ALA C 301 11.34 -5.81 -34.84
CA ALA C 301 10.82 -4.54 -34.32
C ALA C 301 10.12 -4.76 -32.98
N TYR C 302 9.17 -5.69 -32.97
CA TYR C 302 8.40 -6.00 -31.76
C TYR C 302 9.30 -6.26 -30.56
N GLY C 303 10.19 -7.24 -30.69
CA GLY C 303 11.07 -7.65 -29.62
C GLY C 303 11.95 -6.52 -29.13
N ILE C 304 12.51 -5.77 -30.07
CA ILE C 304 13.37 -4.67 -29.70
C ILE C 304 12.59 -3.59 -28.94
N LEU C 305 11.41 -3.25 -29.46
CA LEU C 305 10.58 -2.23 -28.82
C LEU C 305 10.22 -2.65 -27.41
N LYS C 306 9.80 -3.91 -27.28
CA LYS C 306 9.40 -4.41 -25.97
C LYS C 306 10.60 -4.57 -25.01
N ALA C 307 11.75 -4.98 -25.53
CA ALA C 307 12.94 -5.12 -24.69
C ALA C 307 13.35 -3.75 -24.18
N VAL C 308 13.27 -2.74 -25.04
CA VAL C 308 13.59 -1.39 -24.63
C VAL C 308 12.60 -0.91 -23.57
N ARG C 309 11.32 -1.03 -23.86
CA ARG C 309 10.31 -0.59 -22.91
C ARG C 309 10.45 -1.28 -21.55
N LYS C 310 10.70 -2.58 -21.58
CA LYS C 310 10.80 -3.36 -20.35
C LYS C 310 12.19 -3.26 -19.72
N ARG C 311 13.04 -2.45 -20.35
CA ARG C 311 14.40 -2.20 -19.87
C ARG C 311 15.26 -3.46 -19.77
N TYR C 312 15.05 -4.41 -20.67
CA TYR C 312 15.97 -5.54 -20.80
C TYR C 312 17.22 -5.08 -21.55
N VAL C 313 17.05 -4.09 -22.42
CA VAL C 313 18.19 -3.52 -23.16
C VAL C 313 18.18 -2.01 -22.99
N GLU C 314 19.31 -1.37 -23.31
CA GLU C 314 19.41 0.09 -23.17
C GLU C 314 18.54 0.85 -24.17
N ARG C 315 18.07 2.04 -23.78
CA ARG C 315 17.16 2.83 -24.59
C ARG C 315 17.65 3.10 -26.02
N HIS C 316 18.96 3.21 -26.22
CA HIS C 316 19.48 3.62 -27.52
C HIS C 316 19.07 2.67 -28.64
N TYR C 317 18.72 1.44 -28.28
CA TYR C 317 18.27 0.46 -29.27
C TYR C 317 16.94 0.88 -29.89
N ALA C 318 16.25 1.82 -29.25
CA ALA C 318 15.00 2.34 -29.80
C ALA C 318 15.25 2.81 -31.23
N GLN C 319 16.39 3.47 -31.42
CA GLN C 319 16.83 3.98 -32.72
C GLN C 319 16.69 2.94 -33.82
N VAL C 320 17.01 1.69 -33.48
CA VAL C 320 16.95 0.59 -34.42
C VAL C 320 15.50 0.18 -34.72
N ALA C 321 14.70 0.06 -33.66
CA ALA C 321 13.32 -0.37 -33.84
C ALA C 321 12.57 0.66 -34.66
N GLU C 322 12.87 1.94 -34.39
CA GLU C 322 12.25 3.04 -35.13
C GLU C 322 12.49 2.93 -36.64
N LYS C 323 13.71 2.56 -37.02
CA LYS C 323 14.03 2.41 -38.42
C LYS C 323 13.30 1.21 -39.01
N ALA C 324 13.08 0.19 -38.17
CA ALA C 324 12.43 -1.02 -38.62
C ALA C 324 10.94 -0.75 -38.80
N ILE C 325 10.39 0.08 -37.92
CA ILE C 325 8.97 0.40 -37.98
C ILE C 325 8.66 1.18 -39.26
N ARG C 326 9.47 2.18 -39.58
CA ARG C 326 9.27 2.95 -40.80
C ARG C 326 9.39 2.04 -42.02
N GLY C 327 10.28 1.06 -41.92
CA GLY C 327 10.45 0.07 -42.97
C GLY C 327 9.21 -0.79 -43.16
N ILE C 328 8.69 -1.34 -42.05
CA ILE C 328 7.52 -2.20 -42.10
C ILE C 328 6.34 -1.44 -42.73
N VAL C 329 6.13 -0.20 -42.29
CA VAL C 329 5.05 0.63 -42.82
C VAL C 329 5.21 0.88 -44.32
N LYS C 330 6.40 1.29 -44.72
CA LYS C 330 6.77 1.45 -46.12
C LYS C 330 6.44 0.18 -46.90
N HIS C 331 6.41 -0.96 -46.22
CA HIS C 331 6.29 -2.24 -46.90
C HIS C 331 4.90 -2.86 -46.80
N ILE C 332 3.95 -2.08 -46.30
CA ILE C 332 2.55 -2.46 -46.31
C ILE C 332 1.82 -1.79 -47.48
N SER C 333 1.32 -2.60 -48.41
CA SER C 333 0.67 -2.11 -49.62
C SER C 333 -0.61 -1.34 -49.33
N PRO C 334 -1.14 -0.63 -50.32
CA PRO C 334 -2.39 0.06 -50.06
C PRO C 334 -3.53 -0.91 -49.72
N GLU C 335 -3.38 -2.18 -50.08
CA GLU C 335 -4.40 -3.19 -49.78
C GLU C 335 -4.18 -3.86 -48.42
N GLY C 336 -3.06 -3.53 -47.78
CA GLY C 336 -2.79 -4.00 -46.44
C GLY C 336 -1.91 -5.23 -46.38
N GLU C 337 -1.32 -5.60 -47.52
CA GLU C 337 -0.48 -6.77 -47.61
C GLU C 337 0.93 -6.44 -47.17
N LEU C 338 1.48 -7.20 -46.23
CA LEU C 338 2.89 -7.03 -45.87
C LEU C 338 3.76 -7.67 -46.95
N LEU C 339 4.33 -6.84 -47.79
CA LEU C 339 5.12 -7.32 -48.90
C LEU C 339 6.44 -7.91 -48.38
N GLN C 340 7.07 -8.74 -49.19
CA GLN C 340 8.37 -9.32 -48.84
C GLN C 340 8.28 -10.31 -47.68
N THR C 341 7.12 -10.95 -47.54
CA THR C 341 6.96 -12.08 -46.64
C THR C 341 7.37 -13.37 -47.35
N SER C 342 8.43 -14.02 -46.90
CA SER C 342 8.78 -15.32 -47.45
C SER C 342 7.79 -16.36 -46.97
N PHE C 343 7.66 -17.41 -47.76
CA PHE C 343 6.73 -18.49 -47.48
C PHE C 343 7.32 -19.36 -46.39
N GLY C 344 6.52 -20.27 -45.86
CA GLY C 344 6.97 -21.22 -44.86
C GLY C 344 8.31 -21.82 -45.23
N THR C 345 9.15 -22.03 -44.22
CA THR C 345 10.53 -22.44 -44.46
C THR C 345 10.97 -23.62 -43.60
N GLY C 346 11.32 -24.71 -44.26
CA GLY C 346 11.77 -25.91 -43.58
C GLY C 346 13.24 -25.82 -43.23
N MSE C 347 13.86 -26.96 -42.89
CA MSE C 347 15.25 -26.98 -42.44
C MSE C 347 16.20 -27.02 -43.63
O MSE C 347 16.25 -27.99 -44.36
CB MSE C 347 15.52 -28.17 -41.53
CG MSE C 347 16.91 -28.17 -40.90
SE MSE C 347 17.37 -26.45 -40.05
CE MSE C 347 18.83 -25.91 -41.21
N GLY C 348 16.97 -25.96 -43.81
CA GLY C 348 17.88 -25.88 -44.95
C GLY C 348 19.13 -26.71 -44.77
N HIS C 349 19.41 -27.56 -45.74
CA HIS C 349 20.64 -28.34 -45.74
C HIS C 349 21.79 -27.52 -46.30
N ASP C 350 21.46 -26.43 -46.98
CA ASP C 350 22.49 -25.53 -47.49
C ASP C 350 21.96 -24.09 -47.50
N LEU C 351 22.85 -23.12 -47.66
CA LEU C 351 22.42 -21.72 -47.62
C LEU C 351 21.47 -21.32 -48.77
N ASP C 352 21.81 -21.68 -50.00
CA ASP C 352 20.96 -21.37 -51.15
C ASP C 352 19.49 -21.69 -50.88
N PHE C 353 19.27 -22.74 -50.11
CA PHE C 353 17.92 -23.19 -49.76
C PHE C 353 17.04 -22.08 -49.16
N TYR C 354 17.63 -21.23 -48.34
CA TYR C 354 16.92 -20.10 -47.76
C TYR C 354 16.86 -18.97 -48.76
N ARG C 355 17.96 -18.78 -49.49
CA ARG C 355 18.04 -17.72 -50.49
C ARG C 355 16.87 -17.80 -51.46
N HIS C 356 16.41 -19.02 -51.72
CA HIS C 356 15.41 -19.22 -52.76
C HIS C 356 13.96 -19.44 -52.26
N ILE C 357 13.72 -19.29 -50.96
CA ILE C 357 12.35 -19.42 -50.45
C ILE C 357 11.42 -18.46 -51.18
N PRO C 358 10.29 -18.97 -51.68
CA PRO C 358 9.30 -18.17 -52.43
C PRO C 358 8.60 -17.08 -51.60
N LEU C 359 8.28 -15.95 -52.23
CA LEU C 359 7.68 -14.81 -51.53
C LEU C 359 6.17 -14.57 -51.76
N THR C 360 5.39 -14.76 -50.70
CA THR C 360 3.93 -14.66 -50.75
C THR C 360 3.33 -14.30 -49.38
N SER C 361 2.17 -13.65 -49.40
CA SER C 361 1.57 -13.18 -48.16
C SER C 361 1.12 -14.37 -47.30
N MSE C 362 1.20 -14.20 -46.00
CA MSE C 362 0.91 -15.26 -45.06
C MSE C 362 0.36 -14.64 -43.78
O MSE C 362 0.64 -13.48 -43.47
CB MSE C 362 2.20 -16.04 -44.72
CG MSE C 362 2.79 -16.80 -45.88
SE MSE C 362 1.66 -18.28 -46.50
CE MSE C 362 1.99 -19.55 -45.06
N PRO C 363 -0.43 -15.42 -43.03
CA PRO C 363 -1.01 -14.90 -41.78
C PRO C 363 0.07 -14.54 -40.76
N TYR C 364 1.21 -15.23 -40.77
CA TYR C 364 2.29 -14.81 -39.87
C TYR C 364 2.90 -13.47 -40.27
N GLY C 365 2.97 -13.21 -41.56
CA GLY C 365 3.45 -11.92 -42.03
C GLY C 365 2.55 -10.79 -41.54
N GLN C 366 1.28 -10.86 -41.92
CA GLN C 366 0.30 -9.88 -41.50
C GLN C 366 0.30 -9.68 -39.98
N ALA C 367 0.39 -10.78 -39.24
CA ALA C 367 0.23 -10.70 -37.79
C ALA C 367 1.49 -10.21 -37.09
N MSE C 368 2.66 -10.54 -37.62
CA MSE C 368 3.88 -10.05 -37.00
C MSE C 368 3.94 -8.54 -37.21
O MSE C 368 4.43 -7.80 -36.35
CB MSE C 368 5.10 -10.78 -37.55
CG MSE C 368 5.20 -12.22 -37.06
SE MSE C 368 6.40 -13.35 -38.13
CE MSE C 368 8.07 -12.93 -37.20
N ALA C 369 3.42 -8.08 -38.34
CA ALA C 369 3.33 -6.66 -38.63
C ALA C 369 2.41 -5.94 -37.64
N MSE C 370 1.27 -6.55 -37.32
CA MSE C 370 0.39 -5.92 -36.34
C MSE C 370 0.94 -6.08 -34.92
O MSE C 370 0.69 -5.27 -34.04
CB MSE C 370 -1.06 -6.41 -36.46
CG MSE C 370 -1.25 -7.91 -36.58
SE MSE C 370 -3.16 -8.38 -36.81
CE MSE C 370 -3.37 -7.70 -38.61
N LEU C 371 1.73 -7.14 -34.75
CA LEU C 371 2.40 -7.39 -33.49
C LEU C 371 3.36 -6.24 -33.18
N CYS C 372 4.15 -5.84 -34.17
CA CYS C 372 5.13 -4.78 -33.91
C CYS C 372 4.47 -3.40 -33.88
N LEU C 373 3.45 -3.21 -34.72
CA LEU C 373 2.72 -1.94 -34.72
C LEU C 373 1.97 -1.71 -33.40
N THR C 374 1.43 -2.78 -32.84
CA THR C 374 0.71 -2.70 -31.57
C THR C 374 1.68 -2.27 -30.46
N GLU C 375 2.87 -2.84 -30.47
CA GLU C 375 3.86 -2.46 -29.46
C GLU C 375 4.26 -1.02 -29.70
N TYR C 376 4.31 -0.65 -30.97
CA TYR C 376 4.76 0.68 -31.31
C TYR C 376 3.72 1.72 -30.90
N LEU C 377 2.44 1.36 -31.03
CA LEU C 377 1.34 2.19 -30.53
C LEU C 377 1.48 2.59 -29.07
N ARG C 378 2.29 1.86 -28.30
CA ARG C 378 2.48 2.21 -26.90
C ARG C 378 3.17 3.55 -26.75
N ASN C 379 3.94 3.92 -27.78
CA ASN C 379 4.60 5.22 -27.80
C ASN C 379 3.62 6.38 -27.89
N TYR C 380 2.36 6.07 -28.18
CA TYR C 380 1.32 7.09 -28.30
C TYR C 380 0.44 7.23 -27.07
N PHE C 381 0.81 6.56 -25.99
CA PHE C 381 0.18 6.81 -24.71
C PHE C 381 1.09 7.78 -23.96
N MSE D 4 -42.48 -57.05 -2.36
CA MSE D 4 -42.13 -56.94 -0.94
C MSE D 4 -42.37 -55.53 -0.39
O MSE D 4 -42.28 -54.55 -1.13
CB MSE D 4 -40.67 -57.34 -0.71
CG MSE D 4 -40.16 -57.03 0.69
SE MSE D 4 -38.84 -58.29 1.39
CE MSE D 4 -38.98 -57.89 3.30
N VAL D 5 -42.69 -55.46 0.90
CA VAL D 5 -42.69 -54.19 1.63
C VAL D 5 -41.71 -54.30 2.79
N TYR D 6 -40.79 -53.34 2.86
CA TYR D 6 -39.77 -53.35 3.91
C TYR D 6 -40.28 -52.71 5.20
N PRO D 7 -39.96 -53.33 6.35
CA PRO D 7 -40.35 -52.76 7.64
C PRO D 7 -39.46 -51.57 7.97
N VAL D 8 -40.03 -50.36 8.07
CA VAL D 8 -39.22 -49.20 8.41
C VAL D 8 -39.76 -48.38 9.56
N LYS D 9 -41.08 -48.37 9.73
CA LYS D 9 -41.70 -47.48 10.71
C LYS D 9 -41.19 -47.80 12.11
N HIS D 10 -40.74 -49.04 12.28
CA HIS D 10 -40.28 -49.53 13.58
C HIS D 10 -38.89 -49.02 13.95
N SER D 11 -38.23 -48.29 13.06
CA SER D 11 -36.83 -47.89 13.33
C SER D 11 -36.60 -46.38 13.29
N PRO D 12 -36.01 -45.83 14.37
CA PRO D 12 -35.68 -44.41 14.47
C PRO D 12 -34.71 -43.98 13.37
N LEU D 13 -33.89 -44.91 12.90
CA LEU D 13 -32.95 -44.61 11.82
C LEU D 13 -33.62 -44.54 10.43
N LEU D 14 -34.64 -45.37 10.22
CA LEU D 14 -35.25 -45.54 8.90
C LEU D 14 -36.54 -44.76 8.67
N ARG D 15 -37.27 -44.46 9.74
CA ARG D 15 -38.59 -43.86 9.61
C ARG D 15 -38.54 -42.35 9.43
N GLN D 16 -39.59 -41.81 8.81
CA GLN D 16 -39.73 -40.38 8.60
C GLN D 16 -39.79 -39.58 9.89
N PRO D 17 -39.43 -38.31 9.82
CA PRO D 17 -39.57 -37.39 10.97
C PRO D 17 -41.05 -37.12 11.24
N GLU D 18 -41.42 -37.03 12.52
CA GLU D 18 -42.80 -36.67 12.86
C GLU D 18 -42.94 -35.16 13.07
N HIS D 19 -42.93 -34.42 11.98
CA HIS D 19 -43.10 -32.98 12.05
C HIS D 19 -44.52 -32.59 12.52
N PHE D 20 -44.63 -31.72 13.53
CA PHE D 20 -45.94 -31.30 14.00
C PHE D 20 -46.58 -30.36 12.99
N ILE D 21 -45.76 -29.79 12.11
CA ILE D 21 -46.23 -28.87 11.09
C ILE D 21 -45.45 -29.10 9.79
N ALA D 22 -46.11 -28.90 8.65
CA ALA D 22 -45.47 -29.15 7.37
C ALA D 22 -44.49 -28.04 6.99
N ARG D 23 -43.53 -28.36 6.15
CA ARG D 23 -42.60 -27.35 5.70
C ARG D 23 -43.34 -26.14 5.15
N ASP D 24 -44.27 -26.37 4.24
CA ASP D 24 -44.86 -25.23 3.56
C ASP D 24 -45.83 -24.44 4.44
N GLU D 25 -46.39 -25.10 5.45
CA GLU D 25 -47.27 -24.42 6.39
C GLU D 25 -46.41 -23.51 7.24
N LEU D 26 -45.21 -23.99 7.55
CA LEU D 26 -44.28 -23.25 8.38
C LEU D 26 -43.87 -21.97 7.65
N LYS D 27 -43.70 -22.08 6.35
CA LYS D 27 -43.35 -20.92 5.55
C LYS D 27 -44.48 -19.93 5.47
N ALA D 28 -45.70 -20.44 5.35
CA ALA D 28 -46.89 -19.59 5.27
C ALA D 28 -47.04 -18.79 6.55
N LEU D 29 -46.79 -19.45 7.67
CA LEU D 29 -46.85 -18.80 8.96
C LEU D 29 -45.87 -17.63 8.98
N ILE D 30 -44.70 -17.85 8.40
CA ILE D 30 -43.65 -16.86 8.43
C ILE D 30 -44.07 -15.68 7.57
N GLN D 31 -44.65 -16.00 6.42
CA GLN D 31 -45.20 -14.99 5.53
C GLN D 31 -46.22 -14.12 6.28
N LYS D 32 -47.12 -14.79 6.98
CA LYS D 32 -48.16 -14.11 7.72
C LYS D 32 -47.53 -13.25 8.82
N VAL D 33 -46.55 -13.82 9.52
CA VAL D 33 -45.92 -13.12 10.62
C VAL D 33 -45.17 -11.89 10.11
N THR D 34 -44.58 -12.01 8.92
CA THR D 34 -43.89 -10.88 8.31
C THR D 34 -44.91 -9.85 7.90
N HIS D 35 -45.96 -10.31 7.25
CA HIS D 35 -46.97 -9.39 6.80
C HIS D 35 -47.49 -8.61 8.00
N ASN D 36 -47.74 -9.32 9.11
CA ASN D 36 -48.20 -8.66 10.32
C ASN D 36 -47.23 -7.57 10.79
N LEU D 37 -45.94 -7.92 10.78
CA LEU D 37 -44.86 -7.04 11.25
C LEU D 37 -44.83 -5.72 10.50
N VAL D 38 -44.79 -5.78 9.18
CA VAL D 38 -44.65 -4.55 8.40
C VAL D 38 -45.92 -3.71 8.45
N ASN D 39 -47.00 -4.27 8.99
CA ASN D 39 -48.23 -3.47 9.11
C ASN D 39 -48.61 -3.02 10.52
N ILE D 40 -47.68 -3.15 11.46
CA ILE D 40 -47.93 -2.73 12.83
C ILE D 40 -48.04 -1.20 12.97
N LYS D 41 -49.12 -0.75 13.58
CA LYS D 41 -49.32 0.67 13.87
C LYS D 41 -49.74 0.85 15.32
N ASP D 42 -49.48 2.06 15.85
CA ASP D 42 -49.86 2.43 17.20
C ASP D 42 -50.88 3.56 17.13
N GLU D 43 -52.17 3.21 17.14
CA GLU D 43 -53.27 4.17 16.98
C GLU D 43 -53.28 5.30 18.00
N THR D 44 -53.39 4.89 19.28
CA THR D 44 -53.39 5.81 20.40
C THR D 44 -52.18 6.74 20.43
N GLY D 45 -51.02 6.20 20.05
CA GLY D 45 -49.77 6.94 20.15
C GLY D 45 -49.13 6.65 21.49
N GLU D 46 -49.87 5.94 22.35
CA GLU D 46 -49.42 5.64 23.71
C GLU D 46 -48.01 5.00 23.84
N PHE D 47 -47.50 4.40 22.77
CA PHE D 47 -46.19 3.76 22.85
C PHE D 47 -45.05 4.59 22.28
N LEU D 48 -45.39 5.69 21.60
CA LEU D 48 -44.39 6.56 20.98
C LEU D 48 -43.35 7.06 21.98
N LEU D 49 -42.09 6.98 21.58
CA LEU D 49 -41.01 7.56 22.38
C LEU D 49 -40.92 9.06 22.09
N ARG D 50 -41.00 9.84 23.16
CA ARG D 50 -40.99 11.30 23.03
C ARG D 50 -39.79 11.90 23.77
N LEU D 51 -39.12 12.85 23.09
CA LEU D 51 -37.91 13.48 23.60
C LEU D 51 -38.11 14.99 23.72
N ASP D 52 -37.32 15.62 24.58
CA ASP D 52 -37.52 17.03 24.90
C ASP D 52 -36.93 17.99 23.84
N ASP D 53 -36.37 17.44 22.77
CA ASP D 53 -35.95 18.29 21.64
C ASP D 53 -37.03 18.23 20.58
N GLY D 54 -38.11 17.52 20.93
CA GLY D 54 -39.29 17.47 20.09
C GLY D 54 -39.37 16.23 19.22
N ARG D 55 -38.33 15.41 19.27
CA ARG D 55 -38.32 14.20 18.45
C ARG D 55 -39.40 13.24 18.95
N VAL D 56 -40.20 12.73 18.01
CA VAL D 56 -41.13 11.65 18.31
C VAL D 56 -40.71 10.45 17.49
N ILE D 57 -40.60 9.30 18.13
CA ILE D 57 -40.01 8.13 17.45
C ILE D 57 -40.84 6.88 17.69
N ASP D 58 -41.40 6.37 16.60
CA ASP D 58 -42.27 5.23 16.65
C ASP D 58 -41.45 3.94 16.79
N THR D 59 -41.38 3.40 18.00
CA THR D 59 -40.61 2.17 18.23
C THR D 59 -41.39 0.93 17.78
N LYS D 60 -42.66 1.14 17.43
CA LYS D 60 -43.61 0.06 17.15
C LYS D 60 -43.85 -0.12 15.63
N GLY D 61 -44.13 0.97 14.92
CA GLY D 61 -44.37 0.91 13.49
C GLY D 61 -43.11 0.65 12.68
N TRP D 62 -43.29 0.12 11.46
CA TRP D 62 -42.14 -0.27 10.64
C TRP D 62 -41.33 0.93 10.15
N ALA D 63 -41.95 2.10 10.16
CA ALA D 63 -41.32 3.30 9.59
C ALA D 63 -40.30 3.97 10.50
N GLY D 64 -40.11 3.43 11.70
CA GLY D 64 -39.16 3.99 12.63
C GLY D 64 -37.75 3.41 12.54
N TRP D 65 -36.90 3.84 13.46
CA TRP D 65 -35.50 3.42 13.50
C TRP D 65 -35.10 3.21 14.94
N GLU D 66 -35.22 1.98 15.41
CA GLU D 66 -34.97 1.65 16.80
C GLU D 66 -34.32 0.29 16.86
N TRP D 67 -33.77 -0.08 18.03
CA TRP D 67 -33.27 -1.46 18.18
C TRP D 67 -34.31 -2.45 17.66
N THR D 68 -35.57 -2.08 17.81
CA THR D 68 -36.67 -2.99 17.46
C THR D 68 -36.63 -3.35 15.99
N HIS D 69 -36.32 -2.38 15.13
CA HIS D 69 -36.31 -2.65 13.70
C HIS D 69 -35.10 -3.47 13.33
N GLY D 70 -34.00 -3.24 14.06
CA GLY D 70 -32.77 -3.99 13.86
C GLY D 70 -33.01 -5.48 14.02
N VAL D 71 -33.70 -5.86 15.08
CA VAL D 71 -33.96 -7.28 15.32
C VAL D 71 -34.86 -7.71 14.19
N GLY D 72 -35.83 -6.85 13.89
CA GLY D 72 -36.77 -7.05 12.81
C GLY D 72 -36.06 -7.45 11.55
N LEU D 73 -35.13 -6.62 11.12
CA LEU D 73 -34.33 -6.86 9.93
C LEU D 73 -33.53 -8.16 10.00
N TYR D 74 -32.97 -8.47 11.17
CA TYR D 74 -32.09 -9.64 11.29
C TYR D 74 -32.90 -10.91 11.03
N GLY D 75 -34.08 -10.97 11.64
CA GLY D 75 -34.97 -12.10 11.41
C GLY D 75 -35.31 -12.23 9.93
N MSE D 76 -35.75 -11.14 9.33
CA MSE D 76 -36.05 -11.17 7.91
C MSE D 76 -34.81 -11.66 7.15
O MSE D 76 -34.91 -12.49 6.25
CB MSE D 76 -36.45 -9.80 7.40
CG MSE D 76 -37.82 -9.35 7.88
SE MSE D 76 -38.15 -7.55 7.24
CE MSE D 76 -39.67 -7.09 8.38
N TYR D 77 -33.64 -11.14 7.51
CA TYR D 77 -32.46 -11.50 6.76
C TYR D 77 -32.18 -13.01 6.83
N HIS D 78 -32.44 -13.61 7.99
CA HIS D 78 -32.18 -15.04 8.17
C HIS D 78 -33.04 -15.84 7.21
N TYR D 79 -34.34 -15.52 7.19
CA TYR D 79 -35.21 -16.22 6.25
C TYR D 79 -34.75 -16.00 4.81
N TYR D 80 -34.40 -14.77 4.47
CA TYR D 80 -33.93 -14.51 3.11
C TYR D 80 -32.64 -15.27 2.80
N GLN D 81 -31.69 -15.24 3.73
CA GLN D 81 -30.39 -15.89 3.51
C GLN D 81 -30.55 -17.38 3.25
N GLN D 82 -31.51 -17.98 3.94
CA GLN D 82 -31.74 -19.40 3.83
C GLN D 82 -32.40 -19.75 2.51
N THR D 83 -33.39 -18.95 2.12
CA THR D 83 -34.33 -19.33 1.08
C THR D 83 -34.22 -18.51 -0.20
N GLY D 84 -33.54 -17.37 -0.12
CA GLY D 84 -33.40 -16.49 -1.27
C GLY D 84 -34.65 -15.68 -1.61
N ASP D 85 -35.64 -15.71 -0.72
CA ASP D 85 -36.93 -15.06 -0.96
C ASP D 85 -36.81 -13.57 -1.26
N GLN D 86 -37.12 -13.19 -2.50
CA GLN D 86 -36.95 -11.83 -2.97
C GLN D 86 -37.97 -10.85 -2.39
N THR D 87 -39.06 -11.39 -1.86
CA THR D 87 -40.01 -10.57 -1.14
C THR D 87 -39.36 -10.12 0.17
N MSE D 88 -38.72 -11.05 0.89
CA MSE D 88 -37.95 -10.69 2.08
C MSE D 88 -36.87 -9.66 1.76
O MSE D 88 -36.73 -8.65 2.46
CB MSE D 88 -37.28 -11.92 2.70
CG MSE D 88 -38.10 -12.66 3.69
SE MSE D 88 -38.95 -11.50 5.00
CE MSE D 88 -40.65 -11.28 4.05
N ARG D 89 -36.11 -9.92 0.71
CA ARG D 89 -34.99 -9.07 0.33
C ARG D 89 -35.46 -7.63 0.09
N LYS D 90 -36.55 -7.48 -0.65
CA LYS D 90 -37.02 -6.15 -1.01
C LYS D 90 -37.56 -5.39 0.20
N ILE D 91 -38.16 -6.09 1.16
CA ILE D 91 -38.62 -5.43 2.36
C ILE D 91 -37.41 -4.93 3.12
N ILE D 92 -36.38 -5.74 3.19
CA ILE D 92 -35.18 -5.32 3.89
C ILE D 92 -34.53 -4.09 3.25
N ASP D 93 -34.35 -4.12 1.93
CA ASP D 93 -33.64 -3.04 1.26
C ASP D 93 -34.44 -1.73 1.27
N ASP D 94 -35.75 -1.83 1.33
CA ASP D 94 -36.62 -0.65 1.30
C ASP D 94 -36.58 0.06 2.64
N TRP D 95 -36.37 -0.70 3.71
CA TRP D 95 -36.26 -0.07 5.01
C TRP D 95 -35.01 0.82 5.05
N PHE D 96 -33.89 0.28 4.59
CA PHE D 96 -32.65 1.06 4.58
C PHE D 96 -32.80 2.23 3.61
N ALA D 97 -33.30 1.95 2.43
CA ALA D 97 -33.56 3.00 1.45
C ALA D 97 -34.42 4.14 2.05
N ASP D 98 -35.53 3.79 2.69
CA ASP D 98 -36.38 4.80 3.33
C ASP D 98 -35.73 5.58 4.48
N ARG D 99 -35.04 4.86 5.36
CA ARG D 99 -34.42 5.50 6.51
C ARG D 99 -33.32 6.46 6.05
N PHE D 100 -32.48 6.00 5.11
CA PHE D 100 -31.32 6.74 4.67
C PHE D 100 -31.72 7.98 3.91
N ALA D 101 -32.82 7.92 3.16
CA ALA D 101 -33.31 9.11 2.46
C ALA D 101 -33.89 10.09 3.47
N GLU D 102 -34.48 9.57 4.55
CA GLU D 102 -34.93 10.44 5.63
C GLU D 102 -33.69 11.15 6.15
N GLY D 103 -32.61 10.37 6.30
CA GLY D 103 -31.38 10.91 6.86
C GLY D 103 -31.10 10.20 8.14
N ALA D 104 -29.89 10.32 8.65
CA ALA D 104 -29.49 9.51 9.80
C ALA D 104 -30.11 9.92 11.16
N THR D 105 -30.43 8.90 11.96
CA THR D 105 -30.78 9.10 13.36
C THR D 105 -29.52 9.31 14.23
N THR D 106 -29.71 9.64 15.50
CA THR D 106 -28.57 9.74 16.39
C THR D 106 -28.04 8.35 16.76
N LYS D 107 -26.77 8.29 17.14
CA LYS D 107 -26.05 7.04 17.40
C LYS D 107 -26.12 6.67 18.86
N ASN D 108 -26.50 5.43 19.15
CA ASN D 108 -26.55 4.93 20.51
C ASN D 108 -26.54 3.42 20.43
N VAL D 109 -26.57 2.72 21.56
CA VAL D 109 -26.48 1.25 21.55
C VAL D 109 -27.57 0.58 20.68
N ASN D 110 -28.73 1.23 20.63
CA ASN D 110 -29.91 0.66 19.99
C ASN D 110 -29.98 0.96 18.50
N THR D 111 -29.78 2.22 18.14
CA THR D 111 -29.88 2.59 16.74
C THR D 111 -28.78 1.89 15.92
N MSE D 112 -27.80 1.30 16.62
CA MSE D 112 -26.77 0.48 15.96
C MSE D 112 -27.32 -0.82 15.34
O MSE D 112 -26.77 -1.33 14.37
CB MSE D 112 -25.67 0.10 16.95
CG MSE D 112 -24.35 0.83 16.76
SE MSE D 112 -23.29 0.22 15.26
CE MSE D 112 -22.82 -1.54 15.92
N ALA D 113 -28.37 -1.36 15.93
CA ALA D 113 -28.73 -2.75 15.59
C ALA D 113 -28.95 -3.05 14.10
N PRO D 114 -29.61 -2.14 13.36
CA PRO D 114 -29.86 -2.40 11.93
C PRO D 114 -28.59 -2.71 11.10
N PHE D 115 -27.45 -2.18 11.49
CA PHE D 115 -26.23 -2.37 10.69
C PHE D 115 -25.69 -3.79 10.65
N LEU D 116 -26.18 -4.66 11.52
CA LEU D 116 -25.80 -6.06 11.47
C LEU D 116 -26.33 -6.60 10.17
N THR D 117 -27.59 -6.32 9.88
CA THR D 117 -28.19 -6.75 8.62
C THR D 117 -27.59 -5.99 7.44
N LEU D 118 -27.31 -4.70 7.62
CA LEU D 118 -26.74 -3.92 6.51
C LEU D 118 -25.41 -4.52 6.07
N ALA D 119 -24.58 -4.88 7.04
CA ALA D 119 -23.31 -5.57 6.77
C ALA D 119 -23.52 -6.80 5.86
N TYR D 120 -24.43 -7.67 6.26
CA TYR D 120 -24.78 -8.82 5.45
C TYR D 120 -25.22 -8.42 4.03
N ARG D 121 -26.04 -7.38 3.89
CA ARG D 121 -26.44 -6.97 2.56
C ARG D 121 -25.24 -6.43 1.75
N TYR D 122 -24.35 -5.70 2.42
CA TYR D 122 -23.16 -5.17 1.75
C TYR D 122 -22.27 -6.31 1.29
N GLU D 123 -22.07 -7.27 2.18
CA GLU D 123 -21.31 -8.47 1.87
C GLU D 123 -21.75 -9.12 0.55
N GLU D 124 -23.07 -9.15 0.30
CA GLU D 124 -23.52 -9.77 -0.95
C GLU D 124 -23.62 -8.83 -2.14
N THR D 125 -24.01 -7.58 -1.90
CA THR D 125 -24.15 -6.65 -3.03
C THR D 125 -22.92 -5.83 -3.32
N ARG D 126 -22.06 -5.62 -2.31
CA ARG D 126 -20.93 -4.69 -2.39
C ARG D 126 -21.35 -3.31 -2.91
N ASN D 127 -22.58 -2.93 -2.61
CA ASN D 127 -23.03 -1.59 -2.96
C ASN D 127 -22.15 -0.55 -2.26
N PRO D 128 -21.40 0.23 -3.04
CA PRO D 128 -20.47 1.16 -2.40
C PRO D 128 -21.16 2.13 -1.45
N ALA D 129 -22.43 2.48 -1.66
CA ALA D 129 -23.09 3.46 -0.79
C ALA D 129 -23.32 2.96 0.66
N TYR D 130 -23.28 1.65 0.85
CA TYR D 130 -23.38 1.09 2.20
C TYR D 130 -22.11 1.26 3.04
N LEU D 131 -20.97 1.43 2.37
CA LEU D 131 -19.70 1.41 3.08
C LEU D 131 -19.54 2.55 4.08
N PRO D 132 -19.91 3.80 3.70
CA PRO D 132 -19.78 4.87 4.69
C PRO D 132 -20.66 4.67 5.93
N TRP D 133 -21.79 4.02 5.76
CA TRP D 133 -22.68 3.77 6.88
C TRP D 133 -21.97 2.84 7.84
N LEU D 134 -21.55 1.68 7.34
CA LEU D 134 -20.91 0.69 8.20
C LEU D 134 -19.66 1.26 8.86
N GLU D 135 -18.86 2.00 8.10
CA GLU D 135 -17.61 2.50 8.63
C GLU D 135 -17.89 3.52 9.71
N THR D 136 -18.84 4.43 9.43
CA THR D 136 -19.01 5.54 10.35
C THR D 136 -19.54 5.02 11.67
N TRP D 137 -20.47 4.09 11.58
CA TRP D 137 -21.17 3.60 12.76
C TRP D 137 -20.29 2.68 13.57
N ALA D 138 -19.51 1.82 12.89
CA ALA D 138 -18.62 0.91 13.59
C ALA D 138 -17.54 1.70 14.28
N GLU D 139 -17.06 2.74 13.60
CA GLU D 139 -16.03 3.62 14.15
C GLU D 139 -16.54 4.37 15.38
N TRP D 140 -17.81 4.76 15.35
CA TRP D 140 -18.38 5.39 16.54
C TRP D 140 -18.43 4.39 17.70
N ALA D 141 -18.85 3.16 17.43
CA ALA D 141 -18.82 2.13 18.46
C ALA D 141 -17.40 1.97 19.02
N MSE D 142 -16.39 1.99 18.15
CA MSE D 142 -15.01 1.84 18.62
C MSE D 142 -14.50 3.01 19.48
O MSE D 142 -13.88 2.78 20.51
CB MSE D 142 -14.07 1.61 17.45
CG MSE D 142 -14.22 0.23 16.85
SE MSE D 142 -13.69 -1.16 18.11
CE MSE D 142 -11.76 -0.83 18.16
N ASN D 143 -14.78 4.25 19.07
CA ASN D 143 -14.00 5.40 19.56
C ASN D 143 -14.77 6.51 20.27
N GLU D 144 -16.09 6.55 20.10
CA GLU D 144 -16.86 7.67 20.65
C GLU D 144 -18.03 7.23 21.56
N MSE D 145 -18.65 6.10 21.28
CA MSE D 145 -19.66 5.57 22.19
C MSE D 145 -19.11 5.60 23.63
O MSE D 145 -17.99 5.15 23.87
CB MSE D 145 -20.06 4.15 21.76
CG MSE D 145 -20.99 3.43 22.70
SE MSE D 145 -20.98 1.50 22.24
CE MSE D 145 -22.72 1.05 23.03
N PRO D 146 -19.86 6.15 24.59
CA PRO D 146 -19.39 6.20 25.97
C PRO D 146 -18.99 4.82 26.51
N ARG D 147 -17.97 4.83 27.37
CA ARG D 147 -17.50 3.63 28.04
C ARG D 147 -17.68 3.78 29.54
N THR D 148 -18.01 2.67 30.19
CA THR D 148 -18.03 2.62 31.63
C THR D 148 -16.62 2.40 32.15
N ASP D 149 -16.49 2.38 33.47
CA ASP D 149 -15.28 1.86 34.07
C ASP D 149 -14.86 0.58 33.35
N HIS D 150 -13.55 0.38 33.28
CA HIS D 150 -12.96 -0.81 32.68
C HIS D 150 -13.27 -0.98 31.20
N GLY D 151 -13.71 0.11 30.57
CA GLY D 151 -13.92 0.10 29.14
C GLY D 151 -15.14 -0.68 28.71
N GLY D 152 -16.07 -0.94 29.64
CA GLY D 152 -17.33 -1.56 29.28
C GLY D 152 -18.13 -0.63 28.36
N MSE D 153 -18.89 -1.21 27.44
CA MSE D 153 -19.82 -0.41 26.65
C MSE D 153 -21.03 0.02 27.47
O MSE D 153 -21.74 -0.79 28.06
CB MSE D 153 -20.30 -1.16 25.42
CG MSE D 153 -19.39 -0.97 24.22
SE MSE D 153 -19.97 -2.07 22.73
CE MSE D 153 -18.44 -1.72 21.55
N GLN D 154 -21.23 1.33 27.51
CA GLN D 154 -22.36 1.88 28.24
C GLN D 154 -23.63 1.75 27.43
N HIS D 155 -24.68 1.20 28.03
CA HIS D 155 -25.95 1.04 27.32
C HIS D 155 -26.68 2.41 27.15
N ILE D 156 -26.09 3.31 26.36
CA ILE D 156 -26.73 4.59 26.04
C ILE D 156 -27.79 4.42 24.95
N THR D 157 -28.95 5.03 25.15
CA THR D 157 -30.08 4.81 24.26
C THR D 157 -30.49 6.19 23.72
N LEU D 158 -31.47 6.23 22.83
CA LEU D 158 -32.04 7.50 22.37
C LEU D 158 -32.44 8.38 23.55
N ALA D 159 -33.03 7.75 24.58
CA ALA D 159 -33.71 8.48 25.64
C ALA D 159 -32.84 8.80 26.86
N GLU D 160 -31.90 7.91 27.18
CA GLU D 160 -31.22 7.96 28.47
C GLU D 160 -29.72 7.67 28.39
N GLU D 161 -28.92 8.46 29.09
CA GLU D 161 -27.46 8.21 29.15
C GLU D 161 -27.10 6.86 29.78
N ASN D 162 -27.84 6.49 30.83
CA ASN D 162 -27.54 5.29 31.58
C ASN D 162 -26.06 5.22 31.94
N HIS D 163 -25.55 6.34 32.42
CA HIS D 163 -24.19 6.50 32.93
C HIS D 163 -23.70 5.30 33.72
N GLN D 164 -22.58 4.73 33.27
CA GLN D 164 -21.94 3.63 33.97
C GLN D 164 -22.71 2.31 33.89
N GLN D 165 -23.72 2.22 33.02
CA GLN D 165 -24.55 1.02 33.00
C GLN D 165 -24.23 0.07 31.86
N MSE D 166 -24.22 -1.23 32.16
CA MSE D 166 -24.13 -2.27 31.13
C MSE D 166 -25.34 -3.20 31.23
O MSE D 166 -25.70 -3.67 32.33
CB MSE D 166 -22.83 -3.07 31.26
CG MSE D 166 -21.58 -2.23 31.43
SE MSE D 166 -19.93 -3.27 31.72
CE MSE D 166 -19.85 -4.13 29.94
N TRP D 167 -25.98 -3.45 30.08
CA TRP D 167 -27.14 -4.36 30.02
C TRP D 167 -26.88 -5.57 29.12
N ASP D 168 -27.69 -6.61 29.29
CA ASP D 168 -27.70 -7.77 28.40
C ASP D 168 -27.86 -7.35 26.95
N ASP D 169 -28.84 -6.48 26.73
CA ASP D 169 -29.27 -6.06 25.40
C ASP D 169 -28.11 -5.51 24.54
N THR D 170 -27.06 -4.99 25.17
CA THR D 170 -25.95 -4.42 24.41
C THR D 170 -25.29 -5.46 23.48
N LEU D 171 -25.27 -6.71 23.90
CA LEU D 171 -24.61 -7.76 23.11
C LEU D 171 -25.28 -7.98 21.75
N MSE D 172 -26.61 -7.87 21.72
CA MSE D 172 -27.39 -7.98 20.50
C MSE D 172 -27.35 -6.69 19.69
O MSE D 172 -27.09 -6.73 18.50
CB MSE D 172 -28.87 -8.24 20.83
CG MSE D 172 -29.73 -8.39 19.59
SE MSE D 172 -29.37 -10.08 18.68
CE MSE D 172 -28.81 -9.45 16.95
N MSE D 173 -27.63 -5.57 20.32
CA MSE D 173 -27.84 -4.33 19.59
C MSE D 173 -26.55 -3.74 19.01
O MSE D 173 -26.54 -3.23 17.89
CB MSE D 173 -28.57 -3.29 20.46
CG MSE D 173 -29.85 -3.79 21.07
SE MSE D 173 -30.85 -5.02 19.88
CE MSE D 173 -31.85 -6.00 21.27
N THR D 174 -25.47 -3.81 19.76
CA THR D 174 -24.21 -3.20 19.32
C THR D 174 -23.04 -4.18 19.10
N VAL D 175 -22.87 -5.15 19.99
CA VAL D 175 -21.64 -5.94 19.94
C VAL D 175 -21.62 -6.90 18.75
N LEU D 176 -22.70 -7.66 18.59
CA LEU D 176 -22.81 -8.54 17.44
C LEU D 176 -22.68 -7.76 16.14
N PRO D 177 -23.38 -6.62 16.02
CA PRO D 177 -23.13 -5.79 14.83
C PRO D 177 -21.66 -5.46 14.65
N LEU D 178 -21.00 -4.96 15.70
CA LEU D 178 -19.59 -4.57 15.57
C LEU D 178 -18.71 -5.73 15.11
N ALA D 179 -18.97 -6.93 15.62
CA ALA D 179 -18.15 -8.10 15.27
C ALA D 179 -18.30 -8.49 13.79
N LYS D 180 -19.54 -8.53 13.31
CA LYS D 180 -19.77 -8.86 11.92
C LYS D 180 -19.07 -7.85 11.00
N ILE D 181 -19.26 -6.56 11.29
CA ILE D 181 -18.55 -5.54 10.52
C ILE D 181 -17.01 -5.70 10.58
N GLY D 182 -16.50 -6.15 11.72
CA GLY D 182 -15.07 -6.35 11.89
C GLY D 182 -14.58 -7.44 10.93
N LYS D 183 -15.30 -8.55 10.92
CA LYS D 183 -14.94 -9.65 10.04
C LYS D 183 -15.10 -9.22 8.56
N LEU D 184 -16.16 -8.49 8.27
CA LEU D 184 -16.49 -8.19 6.89
C LEU D 184 -15.49 -7.24 6.24
N LEU D 185 -15.06 -6.24 6.99
CA LEU D 185 -14.11 -5.23 6.53
C LEU D 185 -12.63 -5.54 6.86
N ASN D 186 -12.34 -6.75 7.36
CA ASN D 186 -10.97 -7.07 7.75
C ASN D 186 -10.40 -6.06 8.74
N ARG D 187 -11.11 -5.87 9.85
CA ARG D 187 -10.64 -5.01 10.92
C ARG D 187 -10.64 -5.81 12.23
N PRO D 188 -9.58 -6.59 12.47
CA PRO D 188 -9.57 -7.48 13.63
C PRO D 188 -9.75 -6.70 14.93
N GLU D 189 -9.42 -5.42 14.91
CA GLU D 189 -9.54 -4.58 16.11
C GLU D 189 -11.00 -4.56 16.57
N TYR D 190 -11.92 -4.68 15.61
CA TYR D 190 -13.34 -4.56 15.91
C TYR D 190 -13.76 -5.85 16.59
N VAL D 191 -13.19 -6.95 16.11
CA VAL D 191 -13.50 -8.25 16.66
C VAL D 191 -12.92 -8.42 18.06
N GLU D 192 -11.68 -7.97 18.27
CA GLU D 192 -11.09 -7.98 19.60
C GLU D 192 -11.95 -7.16 20.60
N GLU D 193 -12.32 -5.92 20.24
CA GLU D 193 -13.19 -5.10 21.10
C GLU D 193 -14.48 -5.87 21.42
N ALA D 194 -15.07 -6.49 20.40
CA ALA D 194 -16.28 -7.28 20.61
C ALA D 194 -16.07 -8.43 21.60
N THR D 195 -14.96 -9.13 21.46
CA THR D 195 -14.68 -10.28 22.34
C THR D 195 -14.44 -9.82 23.77
N TYR D 196 -13.72 -8.72 23.91
CA TYR D 196 -13.51 -8.12 25.22
C TYR D 196 -14.85 -7.76 25.85
N GLN D 197 -15.72 -7.07 25.11
CA GLN D 197 -17.04 -6.72 25.66
C GLN D 197 -17.76 -7.98 26.17
N PHE D 198 -17.66 -9.10 25.46
CA PHE D 198 -18.37 -10.29 25.88
C PHE D 198 -17.92 -10.74 27.26
N LEU D 199 -16.60 -10.90 27.37
CA LEU D 199 -15.96 -11.27 28.61
C LEU D 199 -16.41 -10.34 29.74
N LEU D 200 -16.42 -9.03 29.49
CA LEU D 200 -16.74 -8.10 30.58
C LEU D 200 -18.24 -8.14 30.93
N HIS D 201 -19.10 -8.32 29.94
CA HIS D 201 -20.53 -8.51 30.24
C HIS D 201 -20.79 -9.77 31.05
N VAL D 202 -20.08 -10.85 30.73
CA VAL D 202 -20.23 -12.10 31.47
C VAL D 202 -19.85 -11.81 32.91
N GLN D 203 -18.72 -11.16 33.09
CA GLN D 203 -18.22 -10.84 34.41
C GLN D 203 -19.27 -10.07 35.23
N ASN D 204 -19.92 -9.08 34.62
CA ASN D 204 -20.89 -8.24 35.34
C ASN D 204 -22.35 -8.71 35.39
N LEU D 205 -22.76 -9.60 34.48
CA LEU D 205 -24.17 -9.94 34.35
C LEU D 205 -24.58 -11.40 34.56
N MSE D 206 -23.70 -12.34 34.19
CA MSE D 206 -24.04 -13.75 34.39
C MSE D 206 -24.10 -14.03 35.88
O MSE D 206 -23.20 -13.68 36.64
CB MSE D 206 -23.05 -14.72 33.74
CG MSE D 206 -23.11 -16.15 34.36
SE MSE D 206 -21.60 -17.19 33.70
CE MSE D 206 -22.14 -18.97 34.32
N ASP D 207 -25.19 -14.65 36.30
CA ASP D 207 -25.34 -15.10 37.66
C ASP D 207 -24.74 -16.51 37.83
N LYS D 208 -23.53 -16.62 38.38
CA LYS D 208 -22.90 -17.94 38.53
C LYS D 208 -23.75 -18.90 39.38
N GLU D 209 -24.67 -18.37 40.18
CA GLU D 209 -25.46 -19.21 41.08
C GLU D 209 -26.49 -20.04 40.32
N THR D 210 -26.91 -19.55 39.14
CA THR D 210 -28.02 -20.18 38.42
C THR D 210 -27.73 -20.47 36.96
N GLY D 211 -26.72 -19.80 36.42
CA GLY D 211 -26.42 -19.90 35.01
C GLY D 211 -27.22 -18.93 34.14
N LEU D 212 -28.18 -18.23 34.75
CA LEU D 212 -28.93 -17.21 34.02
C LEU D 212 -28.25 -15.86 34.22
N TRP D 213 -28.74 -14.83 33.53
CA TRP D 213 -28.18 -13.47 33.62
C TRP D 213 -29.10 -12.45 34.27
N PHE D 214 -28.51 -11.52 35.03
CA PHE D 214 -29.22 -10.33 35.48
C PHE D 214 -29.31 -9.38 34.30
N HIS D 215 -30.37 -8.60 34.27
CA HIS D 215 -30.65 -7.67 33.19
C HIS D 215 -29.53 -6.64 33.08
N GLY D 216 -29.23 -5.98 34.18
CA GLY D 216 -28.33 -4.84 34.15
C GLY D 216 -27.30 -4.84 35.26
N TRP D 217 -26.24 -4.07 35.02
CA TRP D 217 -25.21 -3.80 36.00
C TRP D 217 -24.86 -2.32 35.97
N SER D 218 -24.45 -1.79 37.12
CA SER D 218 -23.88 -0.45 37.19
C SER D 218 -22.58 -0.37 37.97
N TYR D 219 -21.61 0.35 37.41
CA TYR D 219 -20.38 0.69 38.12
C TYR D 219 -20.59 1.90 39.03
N ASP D 220 -21.80 2.44 39.02
CA ASP D 220 -22.16 3.54 39.92
C ASP D 220 -22.89 2.93 41.11
N GLY D 221 -22.13 2.28 41.98
CA GLY D 221 -22.67 1.53 43.09
C GLY D 221 -22.32 0.05 43.03
N HIS D 222 -21.75 -0.40 41.92
CA HIS D 222 -21.36 -1.81 41.73
C HIS D 222 -22.46 -2.79 42.08
N HIS D 223 -23.56 -2.72 41.35
CA HIS D 223 -24.73 -3.51 41.71
C HIS D 223 -25.46 -4.00 40.47
N ASN D 224 -26.33 -4.98 40.63
CA ASN D 224 -27.16 -5.44 39.52
C ASN D 224 -28.61 -4.97 39.65
N PHE D 225 -28.81 -3.73 40.10
CA PHE D 225 -30.16 -3.18 40.21
C PHE D 225 -31.06 -4.14 40.98
N ALA D 226 -32.10 -4.67 40.33
CA ALA D 226 -33.06 -5.50 41.03
C ALA D 226 -32.70 -6.99 40.97
N ASN D 227 -31.48 -7.28 40.56
CA ASN D 227 -31.11 -8.67 40.26
C ASN D 227 -32.19 -9.42 39.49
N ALA D 228 -32.69 -8.82 38.41
CA ALA D 228 -33.75 -9.43 37.62
C ALA D 228 -33.20 -10.45 36.63
N ARG D 229 -33.65 -11.70 36.75
CA ARG D 229 -33.32 -12.70 35.73
C ARG D 229 -34.37 -12.63 34.63
N TRP D 230 -34.32 -11.56 33.85
CA TRP D 230 -35.39 -11.23 32.92
C TRP D 230 -35.36 -12.02 31.61
N ALA D 231 -36.49 -12.63 31.24
CA ALA D 231 -36.53 -13.55 30.10
C ALA D 231 -35.98 -12.96 28.79
N ARG D 232 -36.62 -11.93 28.25
CA ARG D 232 -36.13 -11.42 26.98
C ARG D 232 -34.66 -11.02 27.07
N GLY D 233 -34.30 -10.33 28.16
CA GLY D 233 -32.90 -10.00 28.41
C GLY D 233 -31.97 -11.19 28.23
N ASN D 234 -32.29 -12.30 28.89
CA ASN D 234 -31.52 -13.53 28.77
C ASN D 234 -31.51 -14.06 27.35
N SER D 235 -32.61 -13.90 26.64
CA SER D 235 -32.67 -14.54 25.34
C SER D 235 -31.68 -13.89 24.37
N TRP D 236 -31.37 -12.61 24.59
CA TRP D 236 -30.38 -11.97 23.71
C TRP D 236 -29.09 -12.76 23.78
N LEU D 237 -28.75 -13.25 24.98
CA LEU D 237 -27.55 -14.08 25.11
C LEU D 237 -27.67 -15.36 24.29
N THR D 238 -28.82 -16.02 24.41
CA THR D 238 -29.04 -17.28 23.70
C THR D 238 -28.97 -17.14 22.19
N ILE D 239 -29.30 -15.96 21.70
CA ILE D 239 -29.17 -15.66 20.27
C ILE D 239 -27.75 -15.29 19.90
N VAL D 240 -27.19 -14.37 20.67
CA VAL D 240 -25.89 -13.80 20.32
C VAL D 240 -24.69 -14.77 20.42
N ILE D 241 -24.64 -15.61 21.44
CA ILE D 241 -23.45 -16.43 21.66
C ILE D 241 -23.25 -17.38 20.50
N PRO D 242 -24.30 -18.11 20.11
CA PRO D 242 -24.17 -18.99 18.95
C PRO D 242 -23.81 -18.20 17.69
N ASP D 243 -24.41 -17.04 17.48
CA ASP D 243 -24.10 -16.28 16.27
C ASP D 243 -22.66 -15.77 16.32
N PHE D 244 -22.22 -15.43 17.51
CA PHE D 244 -20.90 -14.83 17.69
C PHE D 244 -19.83 -15.91 17.56
N LEU D 245 -20.07 -17.08 18.17
CA LEU D 245 -19.21 -18.25 17.99
C LEU D 245 -19.04 -18.59 16.51
N GLU D 246 -20.15 -18.68 15.79
CA GLU D 246 -20.15 -18.99 14.37
C GLU D 246 -19.26 -18.00 13.61
N LEU D 247 -19.44 -16.71 13.90
CA LEU D 247 -18.68 -15.67 13.24
C LEU D 247 -17.18 -15.80 13.53
N LEU D 248 -16.86 -16.18 14.77
CA LEU D 248 -15.47 -16.24 15.19
C LEU D 248 -14.80 -17.42 14.56
N ASP D 249 -15.59 -18.46 14.32
CA ASP D 249 -15.09 -19.69 13.70
C ASP D 249 -13.76 -20.15 14.33
N LEU D 250 -13.72 -20.27 15.65
CA LEU D 250 -12.47 -20.63 16.33
C LEU D 250 -12.31 -22.13 16.47
N PRO D 251 -11.06 -22.61 16.59
CA PRO D 251 -10.81 -24.03 16.84
C PRO D 251 -11.51 -24.49 18.11
N GLU D 252 -11.86 -25.78 18.14
CA GLU D 252 -12.67 -26.34 19.21
C GLU D 252 -12.08 -26.15 20.61
N ASN D 253 -10.77 -26.32 20.72
CA ASN D 253 -10.13 -26.22 22.02
C ASN D 253 -9.59 -24.83 22.35
N ASN D 254 -9.89 -23.84 21.50
CA ASN D 254 -9.58 -22.44 21.80
C ASN D 254 -10.25 -22.02 23.12
N ALA D 255 -9.47 -21.44 24.03
CA ALA D 255 -9.94 -21.11 25.37
C ALA D 255 -11.20 -20.24 25.36
N VAL D 256 -11.19 -19.20 24.53
CA VAL D 256 -12.31 -18.29 24.45
C VAL D 256 -13.52 -19.00 23.89
N ARG D 257 -13.31 -19.82 22.87
CA ARG D 257 -14.43 -20.56 22.33
C ARG D 257 -15.04 -21.46 23.41
N ARG D 258 -14.18 -22.19 24.13
CA ARG D 258 -14.67 -23.05 25.22
C ARG D 258 -15.43 -22.22 26.26
N TYR D 259 -14.85 -21.09 26.66
CA TYR D 259 -15.43 -20.29 27.72
C TYR D 259 -16.82 -19.81 27.29
N LEU D 260 -16.95 -19.34 26.06
CA LEU D 260 -18.27 -18.97 25.56
C LEU D 260 -19.22 -20.18 25.52
N VAL D 261 -18.70 -21.34 25.18
CA VAL D 261 -19.57 -22.51 25.11
C VAL D 261 -20.07 -22.90 26.51
N GLN D 262 -19.18 -22.78 27.50
CA GLN D 262 -19.55 -22.94 28.89
C GLN D 262 -20.67 -21.96 29.24
N VAL D 263 -20.50 -20.69 28.88
CA VAL D 263 -21.48 -19.69 29.30
C VAL D 263 -22.83 -20.11 28.76
N LEU D 264 -22.83 -20.53 27.51
CA LEU D 264 -24.05 -20.92 26.80
C LEU D 264 -24.68 -22.16 27.45
N ASN D 265 -23.85 -23.14 27.79
CA ASN D 265 -24.35 -24.36 28.39
C ASN D 265 -24.94 -24.13 29.78
N ALA D 266 -24.30 -23.24 30.52
CA ALA D 266 -24.79 -22.91 31.84
C ALA D 266 -26.17 -22.30 31.70
N GLN D 267 -26.32 -21.39 30.73
CA GLN D 267 -27.63 -20.78 30.55
C GLN D 267 -28.67 -21.81 30.08
N ILE D 268 -28.30 -22.63 29.10
CA ILE D 268 -29.28 -23.52 28.51
C ILE D 268 -29.67 -24.60 29.52
N ALA D 269 -28.71 -25.08 30.29
CA ALA D 269 -29.09 -26.02 31.33
C ALA D 269 -30.14 -25.39 32.26
N ALA D 270 -29.95 -24.13 32.64
CA ALA D 270 -30.91 -23.47 33.52
C ALA D 270 -32.29 -23.27 32.86
N LEU D 271 -32.30 -22.83 31.62
CA LEU D 271 -33.53 -22.61 30.88
C LEU D 271 -34.38 -23.88 30.81
N ALA D 272 -33.73 -25.02 30.57
CA ALA D 272 -34.43 -26.29 30.54
C ALA D 272 -35.22 -26.53 31.85
N LYS D 273 -34.59 -26.23 32.99
CA LYS D 273 -35.18 -26.51 34.28
C LYS D 273 -36.33 -25.57 34.62
N CYS D 274 -36.39 -24.41 33.96
CA CYS D 274 -37.47 -23.49 34.31
C CYS D 274 -38.45 -23.25 33.18
N GLN D 275 -38.38 -24.07 32.14
CA GLN D 275 -39.36 -23.99 31.05
C GLN D 275 -40.74 -24.40 31.54
N ASP D 276 -41.74 -23.61 31.17
CA ASP D 276 -43.11 -23.94 31.55
C ASP D 276 -43.68 -25.07 30.70
N GLU D 277 -44.67 -25.77 31.28
CA GLU D 277 -45.33 -26.88 30.63
C GLU D 277 -45.76 -26.54 29.20
N SER D 278 -46.07 -25.28 28.98
CA SER D 278 -46.57 -24.82 27.69
C SER D 278 -45.46 -24.65 26.64
N GLY D 279 -44.22 -24.78 27.06
CA GLY D 279 -43.12 -24.46 26.17
C GLY D 279 -42.55 -23.05 26.30
N LEU D 280 -43.36 -22.11 26.78
CA LEU D 280 -42.87 -20.74 27.00
C LEU D 280 -42.11 -20.60 28.31
N TRP D 281 -41.36 -19.50 28.45
CA TRP D 281 -40.76 -19.16 29.72
C TRP D 281 -41.46 -17.97 30.38
N HIS D 282 -41.26 -17.80 31.69
CA HIS D 282 -41.86 -16.68 32.43
C HIS D 282 -41.00 -15.42 32.31
N THR D 283 -41.64 -14.25 32.17
CA THR D 283 -40.89 -13.03 31.93
C THR D 283 -39.80 -12.80 32.99
N LEU D 284 -40.07 -13.21 34.22
CA LEU D 284 -39.03 -13.47 35.19
C LEU D 284 -38.86 -14.99 35.23
N LEU D 285 -37.72 -15.45 34.74
CA LEU D 285 -37.51 -16.88 34.49
C LEU D 285 -37.71 -17.73 35.73
N ASP D 286 -37.34 -17.17 36.87
CA ASP D 286 -37.40 -17.92 38.12
C ASP D 286 -38.66 -17.57 38.92
N ASP D 287 -39.64 -16.97 38.25
CA ASP D 287 -40.91 -16.69 38.88
C ASP D 287 -42.13 -17.21 38.13
N PRO D 288 -42.63 -18.37 38.55
CA PRO D 288 -43.78 -19.07 37.96
C PRO D 288 -45.07 -18.29 38.01
N HIS D 289 -45.15 -17.25 38.85
CA HIS D 289 -46.38 -16.47 38.98
C HIS D 289 -46.27 -15.19 38.18
N SER D 290 -45.17 -15.10 37.44
CA SER D 290 -44.95 -14.02 36.51
C SER D 290 -45.57 -14.50 35.21
N TYR D 291 -46.04 -13.57 34.39
CA TYR D 291 -46.69 -13.99 33.14
C TYR D 291 -45.72 -14.58 32.09
N LEU D 292 -46.26 -15.42 31.22
CA LEU D 292 -45.48 -16.06 30.17
C LEU D 292 -45.17 -15.07 29.04
N GLU D 293 -43.95 -15.12 28.51
CA GLU D 293 -43.57 -14.14 27.50
C GLU D 293 -43.02 -14.79 26.23
N ALA D 294 -43.73 -14.59 25.13
CA ALA D 294 -43.45 -15.29 23.88
C ALA D 294 -42.15 -14.84 23.17
N SER D 295 -41.85 -13.55 23.19
CA SER D 295 -40.68 -13.07 22.45
C SER D 295 -39.38 -13.68 23.00
N ALA D 296 -39.20 -13.61 24.32
CA ALA D 296 -38.09 -14.28 24.96
C ALA D 296 -38.05 -15.76 24.54
N THR D 297 -39.24 -16.35 24.48
CA THR D 297 -39.38 -17.79 24.24
C THR D 297 -38.87 -18.11 22.83
N ALA D 298 -39.24 -17.25 21.89
CA ALA D 298 -38.76 -17.38 20.52
C ALA D 298 -37.23 -17.30 20.49
N GLY D 299 -36.69 -16.24 21.10
CA GLY D 299 -35.26 -16.04 21.17
C GLY D 299 -34.60 -17.33 21.67
N PHE D 300 -35.13 -17.85 22.78
CA PHE D 300 -34.63 -19.09 23.37
C PHE D 300 -34.73 -20.25 22.37
N ALA D 301 -35.88 -20.39 21.73
CA ALA D 301 -36.08 -21.48 20.76
C ALA D 301 -34.99 -21.47 19.70
N TYR D 302 -34.72 -20.28 19.18
CA TYR D 302 -33.69 -20.12 18.17
C TYR D 302 -32.31 -20.54 18.66
N GLY D 303 -31.89 -19.95 19.78
CA GLY D 303 -30.56 -20.20 20.31
C GLY D 303 -30.32 -21.67 20.61
N ILE D 304 -31.31 -22.28 21.25
CA ILE D 304 -31.16 -23.65 21.66
C ILE D 304 -31.10 -24.52 20.40
N LEU D 305 -31.92 -24.21 19.41
CA LEU D 305 -31.92 -24.98 18.16
C LEU D 305 -30.57 -24.84 17.48
N LYS D 306 -30.10 -23.62 17.33
CA LYS D 306 -28.82 -23.41 16.68
C LYS D 306 -27.71 -24.08 17.49
N ALA D 307 -27.78 -23.99 18.81
CA ALA D 307 -26.70 -24.53 19.61
C ALA D 307 -26.64 -26.04 19.39
N VAL D 308 -27.79 -26.67 19.22
CA VAL D 308 -27.82 -28.11 19.02
C VAL D 308 -27.24 -28.41 17.64
N ARG D 309 -27.72 -27.68 16.63
CA ARG D 309 -27.17 -27.84 15.29
C ARG D 309 -25.65 -27.72 15.29
N LYS D 310 -25.11 -26.61 15.76
CA LYS D 310 -23.66 -26.41 15.81
C LYS D 310 -22.95 -27.29 16.85
N ARG D 311 -23.70 -28.07 17.61
CA ARG D 311 -23.07 -28.94 18.60
C ARG D 311 -22.31 -28.19 19.70
N TYR D 312 -22.72 -26.94 19.95
CA TYR D 312 -22.30 -26.21 21.15
C TYR D 312 -22.90 -26.86 22.40
N VAL D 313 -24.08 -27.46 22.27
CA VAL D 313 -24.66 -28.21 23.38
C VAL D 313 -25.18 -29.57 22.90
N GLU D 314 -25.42 -30.47 23.86
CA GLU D 314 -25.84 -31.84 23.58
C GLU D 314 -27.23 -31.96 22.94
N ARG D 315 -27.43 -33.01 22.13
CA ARG D 315 -28.66 -33.19 21.32
C ARG D 315 -29.95 -33.27 22.11
N HIS D 316 -29.91 -33.84 23.30
CA HIS D 316 -31.12 -33.94 24.08
C HIS D 316 -31.80 -32.58 24.30
N TYR D 317 -31.06 -31.48 24.19
CA TYR D 317 -31.68 -30.14 24.34
C TYR D 317 -32.69 -29.82 23.26
N ALA D 318 -32.61 -30.52 22.12
CA ALA D 318 -33.56 -30.39 21.03
C ALA D 318 -35.01 -30.49 21.49
N GLN D 319 -35.29 -31.33 22.49
CA GLN D 319 -36.67 -31.48 22.94
C GLN D 319 -37.18 -30.23 23.67
N VAL D 320 -36.27 -29.53 24.33
CA VAL D 320 -36.61 -28.29 24.98
C VAL D 320 -37.07 -27.33 23.89
N ALA D 321 -36.32 -27.36 22.78
CA ALA D 321 -36.49 -26.40 21.70
C ALA D 321 -37.79 -26.71 21.01
N GLU D 322 -38.01 -28.00 20.81
CA GLU D 322 -39.25 -28.50 20.22
C GLU D 322 -40.47 -28.01 21.01
N LYS D 323 -40.42 -28.12 22.33
CA LYS D 323 -41.56 -27.74 23.17
C LYS D 323 -41.85 -26.25 23.02
N ALA D 324 -40.79 -25.46 22.84
CA ALA D 324 -40.94 -24.01 22.74
C ALA D 324 -41.49 -23.63 21.37
N ILE D 325 -41.01 -24.30 20.33
CA ILE D 325 -41.48 -24.05 18.98
C ILE D 325 -42.99 -24.34 18.83
N ARG D 326 -43.47 -25.42 19.43
CA ARG D 326 -44.91 -25.66 19.47
C ARG D 326 -45.63 -24.56 20.25
N GLY D 327 -44.99 -24.08 21.32
CA GLY D 327 -45.58 -23.03 22.12
C GLY D 327 -45.68 -21.75 21.30
N ILE D 328 -44.63 -21.45 20.55
CA ILE D 328 -44.60 -20.26 19.70
C ILE D 328 -45.75 -20.30 18.68
N VAL D 329 -45.81 -21.40 17.92
CA VAL D 329 -46.80 -21.58 16.88
C VAL D 329 -48.20 -21.39 17.44
N LYS D 330 -48.44 -22.00 18.58
CA LYS D 330 -49.73 -21.89 19.25
C LYS D 330 -49.99 -20.46 19.68
N HIS D 331 -48.94 -19.64 19.75
CA HIS D 331 -49.12 -18.24 20.17
C HIS D 331 -49.13 -17.24 19.04
N ILE D 332 -49.22 -17.75 17.82
CA ILE D 332 -49.34 -16.89 16.65
C ILE D 332 -50.79 -16.83 16.16
N SER D 333 -51.37 -15.64 16.18
CA SER D 333 -52.77 -15.48 15.86
C SER D 333 -53.02 -15.70 14.38
N PRO D 334 -54.28 -15.84 13.99
CA PRO D 334 -54.55 -16.01 12.55
C PRO D 334 -54.10 -14.80 11.73
N GLU D 335 -53.98 -13.64 12.38
CA GLU D 335 -53.51 -12.44 11.68
C GLU D 335 -52.00 -12.35 11.71
N GLY D 336 -51.33 -13.39 12.17
CA GLY D 336 -49.88 -13.43 12.16
C GLY D 336 -49.17 -12.70 13.30
N GLU D 337 -49.92 -12.24 14.30
CA GLU D 337 -49.35 -11.60 15.48
C GLU D 337 -48.85 -12.61 16.52
N LEU D 338 -47.73 -12.29 17.16
CA LEU D 338 -47.22 -13.17 18.21
C LEU D 338 -47.78 -12.70 19.55
N LEU D 339 -48.81 -13.37 20.02
CA LEU D 339 -49.43 -13.01 21.29
C LEU D 339 -48.44 -13.16 22.46
N GLN D 340 -48.72 -12.46 23.55
CA GLN D 340 -47.88 -12.53 24.74
C GLN D 340 -46.48 -11.99 24.46
N THR D 341 -46.42 -10.93 23.66
CA THR D 341 -45.20 -10.16 23.52
C THR D 341 -45.27 -9.00 24.50
N SER D 342 -44.21 -8.79 25.27
CA SER D 342 -44.17 -7.67 26.20
C SER D 342 -43.51 -6.47 25.54
N PHE D 343 -43.96 -5.27 25.94
CA PHE D 343 -43.46 -4.03 25.40
C PHE D 343 -42.00 -3.77 25.78
N GLY D 344 -41.39 -2.80 25.11
CA GLY D 344 -40.07 -2.32 25.52
C GLY D 344 -39.92 -2.23 27.03
N THR D 345 -38.82 -2.78 27.51
CA THR D 345 -38.58 -2.94 28.94
C THR D 345 -37.23 -2.31 29.29
N GLY D 346 -37.27 -1.28 30.14
CA GLY D 346 -36.05 -0.66 30.62
C GLY D 346 -35.45 -1.37 31.82
N MSE D 347 -34.60 -0.66 32.55
CA MSE D 347 -33.97 -1.22 33.73
C MSE D 347 -34.89 -1.10 34.95
O MSE D 347 -35.18 0.00 35.43
CB MSE D 347 -32.63 -0.54 33.99
CG MSE D 347 -31.74 -1.24 35.00
SE MSE D 347 -31.47 -3.16 34.58
CE MSE D 347 -32.88 -3.76 35.71
N GLY D 348 -35.36 -2.24 35.45
CA GLY D 348 -36.18 -2.26 36.64
C GLY D 348 -35.42 -2.09 37.94
N HIS D 349 -36.03 -1.42 38.90
CA HIS D 349 -35.40 -1.26 40.20
C HIS D 349 -35.96 -2.25 41.20
N ASP D 350 -37.01 -2.95 40.80
CA ASP D 350 -37.63 -3.98 41.62
C ASP D 350 -38.30 -4.96 40.68
N LEU D 351 -38.65 -6.14 41.18
CA LEU D 351 -39.18 -7.20 40.32
C LEU D 351 -40.53 -6.88 39.69
N ASP D 352 -41.42 -6.23 40.45
CA ASP D 352 -42.71 -5.79 39.92
C ASP D 352 -42.60 -5.03 38.61
N PHE D 353 -41.52 -4.28 38.47
CA PHE D 353 -41.33 -3.48 37.27
C PHE D 353 -41.40 -4.40 36.04
N TYR D 354 -40.83 -5.60 36.18
CA TYR D 354 -40.88 -6.58 35.10
C TYR D 354 -42.26 -7.22 35.02
N ARG D 355 -42.75 -7.69 36.16
CA ARG D 355 -44.08 -8.30 36.23
C ARG D 355 -45.17 -7.42 35.60
N HIS D 356 -44.95 -6.11 35.50
CA HIS D 356 -46.00 -5.20 35.07
C HIS D 356 -45.80 -4.52 33.72
N ILE D 357 -44.89 -5.03 32.89
CA ILE D 357 -44.74 -4.47 31.54
C ILE D 357 -45.97 -4.73 30.66
N PRO D 358 -46.45 -3.72 29.94
CA PRO D 358 -47.61 -3.93 29.08
C PRO D 358 -47.32 -4.93 27.96
N LEU D 359 -48.40 -5.45 27.36
CA LEU D 359 -48.32 -6.40 26.26
C LEU D 359 -48.81 -5.76 24.95
N THR D 360 -47.96 -5.75 23.95
CA THR D 360 -48.33 -5.21 22.65
C THR D 360 -47.42 -5.81 21.59
N SER D 361 -47.91 -5.92 20.36
CA SER D 361 -47.09 -6.48 19.30
C SER D 361 -45.92 -5.54 19.00
N MSE D 362 -44.78 -6.12 18.63
CA MSE D 362 -43.57 -5.34 18.34
C MSE D 362 -42.72 -5.96 17.24
O MSE D 362 -42.71 -7.17 17.04
CB MSE D 362 -42.73 -5.18 19.60
CG MSE D 362 -43.43 -4.44 20.73
SE MSE D 362 -43.70 -2.57 20.32
CE MSE D 362 -41.85 -1.94 20.57
N PRO D 363 -41.99 -5.11 16.50
CA PRO D 363 -41.12 -5.68 15.48
C PRO D 363 -40.30 -6.86 16.02
N TYR D 364 -39.65 -6.67 17.17
CA TYR D 364 -38.80 -7.70 17.75
C TYR D 364 -39.57 -8.98 18.04
N GLY D 365 -40.83 -8.84 18.45
CA GLY D 365 -41.69 -9.98 18.74
C GLY D 365 -41.93 -10.83 17.51
N GLN D 366 -42.41 -10.18 16.45
CA GLN D 366 -42.60 -10.83 15.16
C GLN D 366 -41.28 -11.40 14.65
N ALA D 367 -40.25 -10.57 14.71
CA ALA D 367 -38.96 -10.94 14.15
C ALA D 367 -38.37 -12.14 14.88
N MSE D 368 -38.58 -12.22 16.19
CA MSE D 368 -38.00 -13.33 16.92
C MSE D 368 -38.71 -14.63 16.57
O MSE D 368 -38.08 -15.70 16.46
CB MSE D 368 -37.95 -13.04 18.41
CG MSE D 368 -36.91 -11.97 18.72
SE MSE D 368 -37.12 -11.10 20.42
CE MSE D 368 -36.06 -12.34 21.49
N ALA D 369 -40.03 -14.54 16.37
CA ALA D 369 -40.78 -15.68 15.87
C ALA D 369 -40.16 -16.15 14.55
N MSE D 370 -40.05 -15.23 13.61
CA MSE D 370 -39.41 -15.47 12.33
C MSE D 370 -38.06 -16.15 12.48
O MSE D 370 -37.73 -17.11 11.78
CB MSE D 370 -39.19 -14.12 11.67
CG MSE D 370 -39.37 -14.08 10.17
SE MSE D 370 -39.61 -12.19 9.77
CE MSE D 370 -40.84 -11.80 11.21
N LEU D 371 -37.28 -15.63 13.42
CA LEU D 371 -35.94 -16.15 13.70
C LEU D 371 -35.96 -17.61 14.14
N CYS D 372 -36.75 -17.93 15.16
CA CYS D 372 -36.77 -19.30 15.65
C CYS D 372 -37.39 -20.22 14.61
N LEU D 373 -38.41 -19.72 13.91
CA LEU D 373 -39.06 -20.54 12.89
C LEU D 373 -38.13 -20.85 11.71
N THR D 374 -37.37 -19.87 11.27
CA THR D 374 -36.41 -20.07 10.19
C THR D 374 -35.35 -21.12 10.56
N GLU D 375 -34.82 -21.01 11.77
CA GLU D 375 -33.89 -22.02 12.27
C GLU D 375 -34.56 -23.41 12.35
N TYR D 376 -35.83 -23.42 12.73
CA TYR D 376 -36.59 -24.66 12.81
C TYR D 376 -36.71 -25.30 11.44
N LEU D 377 -36.90 -24.45 10.44
CA LEU D 377 -37.02 -24.89 9.06
C LEU D 377 -35.85 -25.75 8.62
N ARG D 378 -34.68 -25.57 9.24
CA ARG D 378 -33.52 -26.34 8.84
C ARG D 378 -33.76 -27.82 9.10
N ASN D 379 -34.68 -28.12 9.99
CA ASN D 379 -35.07 -29.50 10.24
C ASN D 379 -35.76 -30.14 9.06
N TYR D 380 -36.02 -29.35 8.02
CA TYR D 380 -36.70 -29.85 6.82
C TYR D 380 -35.78 -29.98 5.61
N PHE D 381 -34.49 -29.75 5.80
CA PHE D 381 -33.56 -30.10 4.73
C PHE D 381 -33.10 -31.53 4.94
C1 GOL E . 27.55 4.78 41.09
O1 GOL E . 28.25 5.10 42.29
C2 GOL E . 28.53 4.87 39.92
O2 GOL E . 28.41 6.12 39.27
C3 GOL E . 28.23 3.75 38.92
O3 GOL E . 29.23 2.74 38.93
C1 GOL F . 28.34 15.36 25.46
O1 GOL F . 28.54 16.76 25.64
C2 GOL F . 26.91 15.09 25.03
O2 GOL F . 26.05 15.29 26.14
C3 GOL F . 26.75 13.63 24.57
O3 GOL F . 28.02 13.05 24.38
C1 GOL G . 32.14 -4.22 11.43
O1 GOL G . 32.22 -2.82 11.49
C2 GOL G . 30.79 -4.63 10.84
O2 GOL G . 30.78 -4.34 9.46
C3 GOL G . 30.58 -6.13 11.04
O3 GOL G . 31.68 -6.83 10.51
C1 GOL H . -12.32 6.95 0.90
O1 GOL H . -12.85 6.02 1.81
C2 GOL H . -11.72 8.12 1.67
O2 GOL H . -11.75 7.84 3.06
C3 GOL H . -12.53 9.38 1.39
O3 GOL H . -11.71 10.52 1.62
C1 GOL I . 1.95 -6.41 -24.32
O1 GOL I . 3.07 -6.58 -25.17
C2 GOL I . 2.30 -6.61 -22.83
O2 GOL I . 3.60 -6.13 -22.54
C3 GOL I . 1.31 -5.81 -22.00
O3 GOL I . 1.08 -6.48 -20.78
C1 GOL J . 7.71 -23.36 -37.99
O1 GOL J . 7.75 -24.33 -36.95
C2 GOL J . 7.83 -24.04 -39.35
O2 GOL J . 8.08 -25.42 -39.18
C3 GOL J . 8.94 -23.36 -40.17
O3 GOL J . 8.61 -22.01 -40.48
C1 GOL K . -9.85 -33.17 -38.76
O1 GOL K . -11.04 -33.95 -38.66
C2 GOL K . -10.21 -31.72 -39.03
O2 GOL K . -10.14 -31.44 -40.41
C3 GOL K . -9.20 -30.81 -38.33
O3 GOL K . -8.57 -30.06 -39.34
C1 GOL L . -33.01 -0.85 26.03
O1 GOL L . -32.39 0.02 25.11
C2 GOL L . -33.92 -1.73 25.21
O2 GOL L . -35.03 -2.14 26.00
C3 GOL L . -33.10 -2.90 24.65
O3 GOL L . -31.95 -2.42 23.99
C1 GOL M . -28.08 -19.37 9.94
O1 GOL M . -28.44 -19.13 11.29
C2 GOL M . -26.57 -19.49 9.76
O2 GOL M . -26.06 -20.57 10.53
C3 GOL M . -26.24 -19.72 8.29
O3 GOL M . -24.88 -20.07 8.17
C1 GOL N . -43.57 -16.57 1.78
O1 GOL N . -44.37 -17.53 2.46
C2 GOL N . -43.17 -15.38 2.67
O2 GOL N . -41.77 -15.26 2.61
C3 GOL N . -43.75 -14.06 2.15
O3 GOL N . -43.40 -12.96 2.97
C1 GOL O . -15.41 6.29 23.83
O1 GOL O . -14.27 5.50 23.99
C2 GOL O . -15.43 7.39 24.89
O2 GOL O . -14.51 8.40 24.54
C3 GOL O . -15.03 6.78 26.24
O3 GOL O . -13.70 7.12 26.53
#